data_1GGV
# 
_entry.id   1GGV 
# 
_audit_conform.dict_name       mmcif_pdbx.dic 
_audit_conform.dict_version    5.389 
_audit_conform.dict_location   http://mmcif.pdb.org/dictionaries/ascii/mmcif_pdbx.dic 
# 
loop_
_database_2.database_id 
_database_2.database_code 
_database_2.pdbx_database_accession 
_database_2.pdbx_DOI 
PDB   1GGV         pdb_00001ggv 10.2210/pdb1ggv/pdb 
RCSB  RCSB001500   ?            ?                   
WWPDB D_1000001500 ?            ?                   
# 
loop_
_pdbx_audit_revision_history.ordinal 
_pdbx_audit_revision_history.data_content_type 
_pdbx_audit_revision_history.major_revision 
_pdbx_audit_revision_history.minor_revision 
_pdbx_audit_revision_history.revision_date 
1 'Structure model' 1 0 2000-12-13 
2 'Structure model' 1 1 2008-04-26 
3 'Structure model' 1 2 2011-07-13 
4 'Structure model' 1 3 2017-10-04 
5 'Structure model' 1 4 2023-12-27 
6 'Structure model' 1 5 2024-04-03 
# 
_pdbx_audit_revision_details.ordinal             1 
_pdbx_audit_revision_details.revision_ordinal    1 
_pdbx_audit_revision_details.data_content_type   'Structure model' 
_pdbx_audit_revision_details.provider            repository 
_pdbx_audit_revision_details.type                'Initial release' 
_pdbx_audit_revision_details.description         ? 
_pdbx_audit_revision_details.details             ? 
# 
loop_
_pdbx_audit_revision_group.ordinal 
_pdbx_audit_revision_group.revision_ordinal 
_pdbx_audit_revision_group.data_content_type 
_pdbx_audit_revision_group.group 
1 2 'Structure model' 'Version format compliance' 
2 3 'Structure model' 'Version format compliance' 
3 4 'Structure model' Advisory                    
4 4 'Structure model' 'Refinement description'    
5 5 'Structure model' Advisory                    
6 5 'Structure model' 'Data collection'           
7 5 'Structure model' 'Database references'       
8 5 'Structure model' 'Derived calculations'      
9 6 'Structure model' 'Refinement description'    
# 
loop_
_pdbx_audit_revision_category.ordinal 
_pdbx_audit_revision_category.revision_ordinal 
_pdbx_audit_revision_category.data_content_type 
_pdbx_audit_revision_category.category 
1 4 'Structure model' pdbx_unobs_or_zero_occ_atoms  
2 4 'Structure model' software                      
3 5 'Structure model' chem_comp_atom                
4 5 'Structure model' chem_comp_bond                
5 5 'Structure model' database_2                    
6 5 'Structure model' pdbx_unobs_or_zero_occ_atoms  
7 5 'Structure model' struct_conn                   
8 5 'Structure model' struct_ref_seq_dif            
9 6 'Structure model' pdbx_initial_refinement_model 
# 
loop_
_pdbx_audit_revision_item.ordinal 
_pdbx_audit_revision_item.revision_ordinal 
_pdbx_audit_revision_item.data_content_type 
_pdbx_audit_revision_item.item 
1 5 'Structure model' '_database_2.pdbx_DOI'                
2 5 'Structure model' '_database_2.pdbx_database_accession' 
3 5 'Structure model' '_struct_conn.pdbx_leaving_atom_flag' 
4 5 'Structure model' '_struct_ref_seq_dif.details'         
# 
_pdbx_database_status.status_code                     REL 
_pdbx_database_status.entry_id                        1GGV 
_pdbx_database_status.recvd_initial_deposition_date   2000-09-27 
_pdbx_database_status.deposit_site                    RCSB 
_pdbx_database_status.process_site                    RCSB 
_pdbx_database_status.SG_entry                        . 
_pdbx_database_status.pdb_format_compatible           Y 
_pdbx_database_status.status_code_mr                  ? 
_pdbx_database_status.status_code_sf                  ? 
_pdbx_database_status.status_code_cs                  ? 
_pdbx_database_status.methods_development_category    ? 
_pdbx_database_status.status_code_nmr_data            ? 
# 
loop_
_audit_author.name 
_audit_author.pdbx_ordinal 
'Robinson, A.'  1 
'Edwards, K.J.' 2 
'Carr, P.D.'    3 
'Barton, J.D.'  4 
'Ewart, G.D.'   5 
'Ollis, D.L.'   6 
# 
_citation.id                        primary 
_citation.title                     
;Structure of the C123S mutant of dienelactone hydrolase (DLH) bound with the PMS moiety of the protease inhibitor phenylmethylsulfonyl fluoride (PMSF).
;
_citation.journal_abbrev            'Acta Crystallogr.,Sect.D' 
_citation.journal_volume            56 
_citation.page_first                1376 
_citation.page_last                 1384 
_citation.year                      2000 
_citation.journal_id_ASTM           ABCRE6 
_citation.country                   DK 
_citation.journal_id_ISSN           0907-4449 
_citation.journal_id_CSD            0766 
_citation.book_publisher            ? 
_citation.pdbx_database_id_PubMed   11053834 
_citation.pdbx_database_id_DOI      10.1107/S0907444900010647 
# 
loop_
_citation_author.citation_id 
_citation_author.name 
_citation_author.ordinal 
_citation_author.identifier_ORCID 
primary 'Robinson, A.'  1 ? 
primary 'Edwards, K.J.' 2 ? 
primary 'Carr, P.D.'    3 ? 
primary 'Barton, J.D.'  4 ? 
primary 'Ewart, G.D.'   5 ? 
primary 'Ollis, D.L.'   6 ? 
# 
loop_
_entity.id 
_entity.type 
_entity.src_method 
_entity.pdbx_description 
_entity.formula_weight 
_entity.pdbx_number_of_molecules 
_entity.pdbx_ec 
_entity.pdbx_mutation 
_entity.pdbx_fragment 
_entity.details 
1 polymer man 'DIENELACTONE HYDROLASE' 25121.262 1  3.1.1.45 YES ? ? 
2 water   nat water                    18.015    64 ?        ?   ? ? 
# 
_entity_poly.entity_id                      1 
_entity_poly.type                           'polypeptide(L)' 
_entity_poly.nstd_linkage                   no 
_entity_poly.nstd_monomer                   yes 
_entity_poly.pdbx_seq_one_letter_code       
;MLTEGISIQSYDGHTFGALVGSPAKAPAPVIVIAQEIFGVNAFMRETVSWLVDQGYAAVCPDLYARQAPGTALDPQDEAQ
REQAYKLWQAFDMEAGVGDLEAAIRYARHQPYSNGKVGLVGY(SEB)LGGALAFLVAAKGYVDRAVGYYGVGLEKQLNKV
PEVKHPALFHMGGQDHFVPAPSRQLITEGFGANPLLQVHWYEEAGHSFARTSSSGYVASAAALANERTLDFLAPLQ
;
_entity_poly.pdbx_seq_one_letter_code_can   
;MLTEGISIQSYDGHTFGALVGSPAKAPAPVIVIAQEIFGVNAFMRETVSWLVDQGYAAVCPDLYARQAPGTALDPQDEAQ
REQAYKLWQAFDMEAGVGDLEAAIRYARHQPYSNGKVGLVGYSLGGALAFLVAAKGYVDRAVGYYGVGLEKQLNKVPEVK
HPALFHMGGQDHFVPAPSRQLITEGFGANPLLQVHWYEEAGHSFARTSSSGYVASAAALANERTLDFLAPLQ
;
_entity_poly.pdbx_strand_id                 A 
_entity_poly.pdbx_target_identifier         ? 
# 
_pdbx_entity_nonpoly.entity_id   2 
_pdbx_entity_nonpoly.name        water 
_pdbx_entity_nonpoly.comp_id     HOH 
# 
loop_
_entity_poly_seq.entity_id 
_entity_poly_seq.num 
_entity_poly_seq.mon_id 
_entity_poly_seq.hetero 
1 1   MET n 
1 2   LEU n 
1 3   THR n 
1 4   GLU n 
1 5   GLY n 
1 6   ILE n 
1 7   SER n 
1 8   ILE n 
1 9   GLN n 
1 10  SER n 
1 11  TYR n 
1 12  ASP n 
1 13  GLY n 
1 14  HIS n 
1 15  THR n 
1 16  PHE n 
1 17  GLY n 
1 18  ALA n 
1 19  LEU n 
1 20  VAL n 
1 21  GLY n 
1 22  SER n 
1 23  PRO n 
1 24  ALA n 
1 25  LYS n 
1 26  ALA n 
1 27  PRO n 
1 28  ALA n 
1 29  PRO n 
1 30  VAL n 
1 31  ILE n 
1 32  VAL n 
1 33  ILE n 
1 34  ALA n 
1 35  GLN n 
1 36  GLU n 
1 37  ILE n 
1 38  PHE n 
1 39  GLY n 
1 40  VAL n 
1 41  ASN n 
1 42  ALA n 
1 43  PHE n 
1 44  MET n 
1 45  ARG n 
1 46  GLU n 
1 47  THR n 
1 48  VAL n 
1 49  SER n 
1 50  TRP n 
1 51  LEU n 
1 52  VAL n 
1 53  ASP n 
1 54  GLN n 
1 55  GLY n 
1 56  TYR n 
1 57  ALA n 
1 58  ALA n 
1 59  VAL n 
1 60  CYS n 
1 61  PRO n 
1 62  ASP n 
1 63  LEU n 
1 64  TYR n 
1 65  ALA n 
1 66  ARG n 
1 67  GLN n 
1 68  ALA n 
1 69  PRO n 
1 70  GLY n 
1 71  THR n 
1 72  ALA n 
1 73  LEU n 
1 74  ASP n 
1 75  PRO n 
1 76  GLN n 
1 77  ASP n 
1 78  GLU n 
1 79  ALA n 
1 80  GLN n 
1 81  ARG n 
1 82  GLU n 
1 83  GLN n 
1 84  ALA n 
1 85  TYR n 
1 86  LYS n 
1 87  LEU n 
1 88  TRP n 
1 89  GLN n 
1 90  ALA n 
1 91  PHE n 
1 92  ASP n 
1 93  MET n 
1 94  GLU n 
1 95  ALA n 
1 96  GLY n 
1 97  VAL n 
1 98  GLY n 
1 99  ASP n 
1 100 LEU n 
1 101 GLU n 
1 102 ALA n 
1 103 ALA n 
1 104 ILE n 
1 105 ARG n 
1 106 TYR n 
1 107 ALA n 
1 108 ARG n 
1 109 HIS n 
1 110 GLN n 
1 111 PRO n 
1 112 TYR n 
1 113 SER n 
1 114 ASN n 
1 115 GLY n 
1 116 LYS n 
1 117 VAL n 
1 118 GLY n 
1 119 LEU n 
1 120 VAL n 
1 121 GLY n 
1 122 TYR n 
1 123 SEB n 
1 124 LEU n 
1 125 GLY n 
1 126 GLY n 
1 127 ALA n 
1 128 LEU n 
1 129 ALA n 
1 130 PHE n 
1 131 LEU n 
1 132 VAL n 
1 133 ALA n 
1 134 ALA n 
1 135 LYS n 
1 136 GLY n 
1 137 TYR n 
1 138 VAL n 
1 139 ASP n 
1 140 ARG n 
1 141 ALA n 
1 142 VAL n 
1 143 GLY n 
1 144 TYR n 
1 145 TYR n 
1 146 GLY n 
1 147 VAL n 
1 148 GLY n 
1 149 LEU n 
1 150 GLU n 
1 151 LYS n 
1 152 GLN n 
1 153 LEU n 
1 154 ASN n 
1 155 LYS n 
1 156 VAL n 
1 157 PRO n 
1 158 GLU n 
1 159 VAL n 
1 160 LYS n 
1 161 HIS n 
1 162 PRO n 
1 163 ALA n 
1 164 LEU n 
1 165 PHE n 
1 166 HIS n 
1 167 MET n 
1 168 GLY n 
1 169 GLY n 
1 170 GLN n 
1 171 ASP n 
1 172 HIS n 
1 173 PHE n 
1 174 VAL n 
1 175 PRO n 
1 176 ALA n 
1 177 PRO n 
1 178 SER n 
1 179 ARG n 
1 180 GLN n 
1 181 LEU n 
1 182 ILE n 
1 183 THR n 
1 184 GLU n 
1 185 GLY n 
1 186 PHE n 
1 187 GLY n 
1 188 ALA n 
1 189 ASN n 
1 190 PRO n 
1 191 LEU n 
1 192 LEU n 
1 193 GLN n 
1 194 VAL n 
1 195 HIS n 
1 196 TRP n 
1 197 TYR n 
1 198 GLU n 
1 199 GLU n 
1 200 ALA n 
1 201 GLY n 
1 202 HIS n 
1 203 SER n 
1 204 PHE n 
1 205 ALA n 
1 206 ARG n 
1 207 THR n 
1 208 SER n 
1 209 SER n 
1 210 SER n 
1 211 GLY n 
1 212 TYR n 
1 213 VAL n 
1 214 ALA n 
1 215 SER n 
1 216 ALA n 
1 217 ALA n 
1 218 ALA n 
1 219 LEU n 
1 220 ALA n 
1 221 ASN n 
1 222 GLU n 
1 223 ARG n 
1 224 THR n 
1 225 LEU n 
1 226 ASP n 
1 227 PHE n 
1 228 LEU n 
1 229 ALA n 
1 230 PRO n 
1 231 LEU n 
1 232 GLN n 
# 
_entity_src_gen.entity_id                          1 
_entity_src_gen.pdbx_src_id                        1 
_entity_src_gen.pdbx_alt_source_flag               sample 
_entity_src_gen.pdbx_seq_type                      ? 
_entity_src_gen.pdbx_beg_seq_num                   ? 
_entity_src_gen.pdbx_end_seq_num                   ? 
_entity_src_gen.gene_src_common_name               ? 
_entity_src_gen.gene_src_genus                     Pseudomonas 
_entity_src_gen.pdbx_gene_src_gene                 ? 
_entity_src_gen.gene_src_species                   ? 
_entity_src_gen.gene_src_strain                    ? 
_entity_src_gen.gene_src_tissue                    ? 
_entity_src_gen.gene_src_tissue_fraction           ? 
_entity_src_gen.gene_src_details                   ? 
_entity_src_gen.pdbx_gene_src_fragment             ? 
_entity_src_gen.pdbx_gene_src_scientific_name      'Pseudomonas putida' 
_entity_src_gen.pdbx_gene_src_ncbi_taxonomy_id     303 
_entity_src_gen.pdbx_gene_src_variant              ? 
_entity_src_gen.pdbx_gene_src_cell_line            ? 
_entity_src_gen.pdbx_gene_src_atcc                 ? 
_entity_src_gen.pdbx_gene_src_organ                ? 
_entity_src_gen.pdbx_gene_src_organelle            ? 
_entity_src_gen.pdbx_gene_src_cell                 ? 
_entity_src_gen.pdbx_gene_src_cellular_location    ? 
_entity_src_gen.host_org_common_name               ? 
_entity_src_gen.pdbx_host_org_scientific_name      'Escherichia coli' 
_entity_src_gen.pdbx_host_org_ncbi_taxonomy_id     562 
_entity_src_gen.host_org_genus                     Escherichia 
_entity_src_gen.pdbx_host_org_gene                 ? 
_entity_src_gen.pdbx_host_org_organ                ? 
_entity_src_gen.host_org_species                   ? 
_entity_src_gen.pdbx_host_org_tissue               ? 
_entity_src_gen.pdbx_host_org_tissue_fraction      ? 
_entity_src_gen.pdbx_host_org_strain               ? 
_entity_src_gen.pdbx_host_org_variant              ? 
_entity_src_gen.pdbx_host_org_cell_line            ? 
_entity_src_gen.pdbx_host_org_atcc                 ? 
_entity_src_gen.pdbx_host_org_culture_collection   ? 
_entity_src_gen.pdbx_host_org_cell                 ? 
_entity_src_gen.pdbx_host_org_organelle            ? 
_entity_src_gen.pdbx_host_org_cellular_location    ? 
_entity_src_gen.pdbx_host_org_vector_type          ? 
_entity_src_gen.pdbx_host_org_vector               'LAMBDA TEMPERATURE SENSITIVE VECTOR SYSTEM (RSC, ANU)' 
_entity_src_gen.host_org_details                   ? 
_entity_src_gen.expression_system_id               ? 
_entity_src_gen.plasmid_name                       PAC27 
_entity_src_gen.plasmid_details                    ? 
_entity_src_gen.pdbx_description                   ? 
# 
loop_
_chem_comp.id 
_chem_comp.type 
_chem_comp.mon_nstd_flag 
_chem_comp.name 
_chem_comp.pdbx_synonyms 
_chem_comp.formula 
_chem_comp.formula_weight 
ALA 'L-peptide linking' y ALANINE                 ? 'C3 H7 N O2'     89.093  
ARG 'L-peptide linking' y ARGININE                ? 'C6 H15 N4 O2 1' 175.209 
ASN 'L-peptide linking' y ASPARAGINE              ? 'C4 H8 N2 O3'    132.118 
ASP 'L-peptide linking' y 'ASPARTIC ACID'         ? 'C4 H7 N O4'     133.103 
CYS 'L-peptide linking' y CYSTEINE                ? 'C3 H7 N O2 S'   121.158 
GLN 'L-peptide linking' y GLUTAMINE               ? 'C5 H10 N2 O3'   146.144 
GLU 'L-peptide linking' y 'GLUTAMIC ACID'         ? 'C5 H9 N O4'     147.129 
GLY 'peptide linking'   y GLYCINE                 ? 'C2 H5 N O2'     75.067  
HIS 'L-peptide linking' y HISTIDINE               ? 'C6 H10 N3 O2 1' 156.162 
HOH non-polymer         . WATER                   ? 'H2 O'           18.015  
ILE 'L-peptide linking' y ISOLEUCINE              ? 'C6 H13 N O2'    131.173 
LEU 'L-peptide linking' y LEUCINE                 ? 'C6 H13 N O2'    131.173 
LYS 'L-peptide linking' y LYSINE                  ? 'C6 H15 N2 O2 1' 147.195 
MET 'L-peptide linking' y METHIONINE              ? 'C5 H11 N O2 S'  149.211 
PHE 'L-peptide linking' y PHENYLALANINE           ? 'C9 H11 N O2'    165.189 
PRO 'L-peptide linking' y PROLINE                 ? 'C5 H9 N O2'     115.130 
SEB 'L-peptide linking' n O-BENZYLSULFONYL-SERINE ? 'C10 H13 N O5 S' 259.279 
SER 'L-peptide linking' y SERINE                  ? 'C3 H7 N O3'     105.093 
THR 'L-peptide linking' y THREONINE               ? 'C4 H9 N O3'     119.119 
TRP 'L-peptide linking' y TRYPTOPHAN              ? 'C11 H12 N2 O2'  204.225 
TYR 'L-peptide linking' y TYROSINE                ? 'C9 H11 N O3'    181.189 
VAL 'L-peptide linking' y VALINE                  ? 'C5 H11 N O2'    117.146 
# 
loop_
_pdbx_poly_seq_scheme.asym_id 
_pdbx_poly_seq_scheme.entity_id 
_pdbx_poly_seq_scheme.seq_id 
_pdbx_poly_seq_scheme.mon_id 
_pdbx_poly_seq_scheme.ndb_seq_num 
_pdbx_poly_seq_scheme.pdb_seq_num 
_pdbx_poly_seq_scheme.auth_seq_num 
_pdbx_poly_seq_scheme.pdb_mon_id 
_pdbx_poly_seq_scheme.auth_mon_id 
_pdbx_poly_seq_scheme.pdb_strand_id 
_pdbx_poly_seq_scheme.pdb_ins_code 
_pdbx_poly_seq_scheme.hetero 
A 1 1   MET 1   1   1   MET MET A . n 
A 1 2   LEU 2   2   2   LEU LEU A . n 
A 1 3   THR 3   3   3   THR THR A . n 
A 1 4   GLU 4   4   4   GLU GLU A . n 
A 1 5   GLY 5   5   5   GLY GLY A . n 
A 1 6   ILE 6   6   6   ILE ILE A . n 
A 1 7   SER 7   7   7   SER SER A . n 
A 1 8   ILE 8   8   8   ILE ILE A . n 
A 1 9   GLN 9   9   9   GLN GLN A . n 
A 1 10  SER 10  10  10  SER SER A . n 
A 1 11  TYR 11  11  11  TYR TYR A . n 
A 1 12  ASP 12  12  12  ASP ASP A . n 
A 1 13  GLY 13  13  13  GLY GLY A . n 
A 1 14  HIS 14  14  14  HIS HIS A . n 
A 1 15  THR 15  15  15  THR THR A . n 
A 1 16  PHE 16  16  16  PHE PHE A . n 
A 1 17  GLY 17  17  17  GLY GLY A . n 
A 1 18  ALA 18  18  18  ALA ALA A . n 
A 1 19  LEU 19  19  19  LEU LEU A . n 
A 1 20  VAL 20  20  20  VAL VAL A . n 
A 1 21  GLY 21  21  21  GLY GLY A . n 
A 1 22  SER 22  22  22  SER SER A . n 
A 1 23  PRO 23  23  23  PRO PRO A . n 
A 1 24  ALA 24  24  24  ALA ALA A . n 
A 1 25  LYS 25  25  25  LYS LYS A . n 
A 1 26  ALA 26  26  26  ALA ALA A . n 
A 1 27  PRO 27  27  27  PRO PRO A . n 
A 1 28  ALA 28  28  28  ALA ALA A . n 
A 1 29  PRO 29  29  29  PRO PRO A . n 
A 1 30  VAL 30  30  30  VAL VAL A . n 
A 1 31  ILE 31  31  31  ILE ILE A . n 
A 1 32  VAL 32  32  32  VAL VAL A . n 
A 1 33  ILE 33  33  33  ILE ILE A . n 
A 1 34  ALA 34  34  34  ALA ALA A . n 
A 1 35  GLN 35  35  35  GLN GLN A . n 
A 1 36  GLU 36  36  36  GLU GLU A . n 
A 1 37  ILE 37  37  37  ILE ILE A . n 
A 1 38  PHE 38  38  38  PHE PHE A . n 
A 1 39  GLY 39  39  39  GLY GLY A . n 
A 1 40  VAL 40  40  40  VAL VAL A . n 
A 1 41  ASN 41  41  41  ASN ASN A . n 
A 1 42  ALA 42  42  42  ALA ALA A . n 
A 1 43  PHE 43  43  43  PHE PHE A . n 
A 1 44  MET 44  44  44  MET MET A . n 
A 1 45  ARG 45  45  45  ARG ARG A . n 
A 1 46  GLU 46  46  46  GLU GLU A . n 
A 1 47  THR 47  47  47  THR THR A . n 
A 1 48  VAL 48  48  48  VAL VAL A . n 
A 1 49  SER 49  49  49  SER SER A . n 
A 1 50  TRP 50  50  50  TRP TRP A . n 
A 1 51  LEU 51  51  51  LEU LEU A . n 
A 1 52  VAL 52  52  52  VAL VAL A . n 
A 1 53  ASP 53  53  53  ASP ASP A . n 
A 1 54  GLN 54  54  54  GLN GLN A . n 
A 1 55  GLY 55  55  55  GLY GLY A . n 
A 1 56  TYR 56  56  56  TYR TYR A . n 
A 1 57  ALA 57  57  57  ALA ALA A . n 
A 1 58  ALA 58  58  58  ALA ALA A . n 
A 1 59  VAL 59  59  59  VAL VAL A . n 
A 1 60  CYS 60  60  60  CYS CYS A . n 
A 1 61  PRO 61  61  61  PRO PRO A . n 
A 1 62  ASP 62  62  62  ASP ASP A . n 
A 1 63  LEU 63  63  63  LEU LEU A . n 
A 1 64  TYR 64  64  64  TYR TYR A . n 
A 1 65  ALA 65  65  65  ALA ALA A . n 
A 1 66  ARG 66  66  66  ARG ARG A . n 
A 1 67  GLN 67  67  67  GLN GLN A . n 
A 1 68  ALA 68  68  68  ALA ALA A . n 
A 1 69  PRO 69  69  69  PRO PRO A . n 
A 1 70  GLY 70  70  70  GLY GLY A . n 
A 1 71  THR 71  71  71  THR THR A . n 
A 1 72  ALA 72  72  72  ALA ALA A . n 
A 1 73  LEU 73  73  73  LEU LEU A . n 
A 1 74  ASP 74  74  74  ASP ASP A . n 
A 1 75  PRO 75  75  75  PRO PRO A . n 
A 1 76  GLN 76  76  76  GLN GLN A . n 
A 1 77  ASP 77  77  77  ASP ASP A . n 
A 1 78  GLU 78  78  78  GLU GLU A . n 
A 1 79  ALA 79  79  79  ALA ALA A . n 
A 1 80  GLN 80  80  80  GLN GLN A . n 
A 1 81  ARG 81  81  81  ARG ARG A . n 
A 1 82  GLU 82  82  82  GLU GLU A . n 
A 1 83  GLN 83  83  83  GLN GLN A . n 
A 1 84  ALA 84  84  84  ALA ALA A . n 
A 1 85  TYR 85  85  85  TYR TYR A . n 
A 1 86  LYS 86  86  86  LYS LYS A . n 
A 1 87  LEU 87  87  87  LEU LEU A . n 
A 1 88  TRP 88  88  88  TRP TRP A . n 
A 1 89  GLN 89  89  89  GLN GLN A . n 
A 1 90  ALA 90  90  90  ALA ALA A . n 
A 1 91  PHE 91  91  91  PHE PHE A . n 
A 1 92  ASP 92  92  92  ASP ASP A . n 
A 1 93  MET 93  93  93  MET MET A . n 
A 1 94  GLU 94  94  94  GLU GLU A . n 
A 1 95  ALA 95  95  95  ALA ALA A . n 
A 1 96  GLY 96  96  96  GLY GLY A . n 
A 1 97  VAL 97  97  97  VAL VAL A . n 
A 1 98  GLY 98  98  98  GLY GLY A . n 
A 1 99  ASP 99  99  99  ASP ASP A . n 
A 1 100 LEU 100 100 100 LEU LEU A . n 
A 1 101 GLU 101 101 101 GLU GLU A . n 
A 1 102 ALA 102 102 102 ALA ALA A . n 
A 1 103 ALA 103 103 103 ALA ALA A . n 
A 1 104 ILE 104 104 104 ILE ILE A . n 
A 1 105 ARG 105 105 105 ARG ARG A . n 
A 1 106 TYR 106 106 106 TYR TYR A . n 
A 1 107 ALA 107 107 107 ALA ALA A . n 
A 1 108 ARG 108 108 108 ARG ARG A . n 
A 1 109 HIS 109 109 109 HIS HIS A . n 
A 1 110 GLN 110 110 110 GLN GLN A . n 
A 1 111 PRO 111 111 111 PRO PRO A . n 
A 1 112 TYR 112 112 112 TYR TYR A . n 
A 1 113 SER 113 113 113 SER SER A . n 
A 1 114 ASN 114 114 114 ASN ASN A . n 
A 1 115 GLY 115 115 115 GLY GLY A . n 
A 1 116 LYS 116 116 116 LYS LYS A . n 
A 1 117 VAL 117 117 117 VAL VAL A . n 
A 1 118 GLY 118 118 118 GLY GLY A . n 
A 1 119 LEU 119 119 119 LEU LEU A . n 
A 1 120 VAL 120 120 120 VAL VAL A . n 
A 1 121 GLY 121 121 121 GLY GLY A . n 
A 1 122 TYR 122 122 122 TYR TYR A . n 
A 1 123 SEB 123 123 123 SEB SEB A . n 
A 1 124 LEU 124 124 124 LEU LEU A . n 
A 1 125 GLY 125 125 125 GLY GLY A . n 
A 1 126 GLY 126 126 126 GLY GLY A . n 
A 1 127 ALA 127 127 127 ALA ALA A . n 
A 1 128 LEU 128 128 128 LEU LEU A . n 
A 1 129 ALA 129 129 129 ALA ALA A . n 
A 1 130 PHE 130 130 130 PHE PHE A . n 
A 1 131 LEU 131 131 131 LEU LEU A . n 
A 1 132 VAL 132 132 132 VAL VAL A . n 
A 1 133 ALA 133 133 133 ALA ALA A . n 
A 1 134 ALA 134 134 134 ALA ALA A . n 
A 1 135 LYS 135 135 135 LYS LYS A . n 
A 1 136 GLY 136 136 136 GLY GLY A . n 
A 1 137 TYR 137 137 137 TYR TYR A . n 
A 1 138 VAL 138 138 138 VAL VAL A . n 
A 1 139 ASP 139 139 139 ASP ASP A . n 
A 1 140 ARG 140 140 140 ARG ARG A . n 
A 1 141 ALA 141 141 141 ALA ALA A . n 
A 1 142 VAL 142 142 142 VAL VAL A . n 
A 1 143 GLY 143 143 143 GLY GLY A . n 
A 1 144 TYR 144 144 144 TYR TYR A . n 
A 1 145 TYR 145 145 145 TYR TYR A . n 
A 1 146 GLY 146 146 146 GLY GLY A . n 
A 1 147 VAL 147 147 147 VAL VAL A . n 
A 1 148 GLY 148 148 148 GLY GLY A . n 
A 1 149 LEU 149 149 149 LEU LEU A . n 
A 1 150 GLU 150 150 150 GLU GLU A . n 
A 1 151 LYS 151 151 151 LYS LYS A . n 
A 1 152 GLN 152 152 152 GLN GLN A . n 
A 1 153 LEU 153 153 153 LEU LEU A . n 
A 1 154 ASN 154 154 154 ASN ASN A . n 
A 1 155 LYS 155 155 155 LYS LYS A . n 
A 1 156 VAL 156 156 156 VAL VAL A . n 
A 1 157 PRO 157 157 157 PRO PRO A . n 
A 1 158 GLU 158 158 158 GLU GLU A . n 
A 1 159 VAL 159 159 159 VAL VAL A . n 
A 1 160 LYS 160 160 160 LYS LYS A . n 
A 1 161 HIS 161 161 161 HIS HIS A . n 
A 1 162 PRO 162 162 162 PRO PRO A . n 
A 1 163 ALA 163 163 163 ALA ALA A . n 
A 1 164 LEU 164 164 164 LEU LEU A . n 
A 1 165 PHE 165 165 165 PHE PHE A . n 
A 1 166 HIS 166 166 166 HIS HIS A . n 
A 1 167 MET 167 167 167 MET MET A . n 
A 1 168 GLY 168 168 168 GLY GLY A . n 
A 1 169 GLY 169 169 169 GLY GLY A . n 
A 1 170 GLN 170 170 170 GLN GLN A . n 
A 1 171 ASP 171 171 171 ASP ASP A . n 
A 1 172 HIS 172 172 172 HIS HIS A . n 
A 1 173 PHE 173 173 173 PHE PHE A . n 
A 1 174 VAL 174 174 174 VAL VAL A . n 
A 1 175 PRO 175 175 175 PRO PRO A . n 
A 1 176 ALA 176 176 176 ALA ALA A . n 
A 1 177 PRO 177 177 177 PRO PRO A . n 
A 1 178 SER 178 178 178 SER SER A . n 
A 1 179 ARG 179 179 179 ARG ARG A . n 
A 1 180 GLN 180 180 180 GLN GLN A . n 
A 1 181 LEU 181 181 181 LEU LEU A . n 
A 1 182 ILE 182 182 182 ILE ILE A . n 
A 1 183 THR 183 183 183 THR THR A . n 
A 1 184 GLU 184 184 184 GLU GLU A . n 
A 1 185 GLY 185 185 185 GLY GLY A . n 
A 1 186 PHE 186 186 186 PHE PHE A . n 
A 1 187 GLY 187 187 187 GLY GLY A . n 
A 1 188 ALA 188 188 188 ALA ALA A . n 
A 1 189 ASN 189 189 189 ASN ASN A . n 
A 1 190 PRO 190 190 190 PRO PRO A . n 
A 1 191 LEU 191 191 191 LEU LEU A . n 
A 1 192 LEU 192 192 192 LEU LEU A . n 
A 1 193 GLN 193 193 193 GLN GLN A . n 
A 1 194 VAL 194 194 194 VAL VAL A . n 
A 1 195 HIS 195 195 195 HIS HIS A . n 
A 1 196 TRP 196 196 196 TRP TRP A . n 
A 1 197 TYR 197 197 197 TYR TYR A . n 
A 1 198 GLU 198 198 198 GLU GLU A . n 
A 1 199 GLU 199 199 199 GLU GLU A . n 
A 1 200 ALA 200 200 200 ALA ALA A . n 
A 1 201 GLY 201 201 201 GLY GLY A . n 
A 1 202 HIS 202 202 202 HIS HIS A . n 
A 1 203 SER 203 203 203 SER SER A . n 
A 1 204 PHE 204 204 204 PHE PHE A . n 
A 1 205 ALA 205 205 205 ALA ALA A . n 
A 1 206 ARG 206 206 206 ARG ARG A . n 
A 1 207 THR 207 207 207 THR THR A . n 
A 1 208 SER 208 208 208 SER SER A . n 
A 1 209 SER 209 209 209 SER SER A . n 
A 1 210 SER 210 210 210 SER SER A . n 
A 1 211 GLY 211 211 211 GLY GLY A . n 
A 1 212 TYR 212 212 212 TYR TYR A . n 
A 1 213 VAL 213 213 213 VAL VAL A . n 
A 1 214 ALA 214 214 214 ALA ALA A . n 
A 1 215 SER 215 215 215 SER SER A . n 
A 1 216 ALA 216 216 216 ALA ALA A . n 
A 1 217 ALA 217 217 217 ALA ALA A . n 
A 1 218 ALA 218 218 218 ALA ALA A . n 
A 1 219 LEU 219 219 219 LEU LEU A . n 
A 1 220 ALA 220 220 220 ALA ALA A . n 
A 1 221 ASN 221 221 221 ASN ASN A . n 
A 1 222 GLU 222 222 222 GLU GLU A . n 
A 1 223 ARG 223 223 223 ARG ARG A . n 
A 1 224 THR 224 224 224 THR THR A . n 
A 1 225 LEU 225 225 225 LEU LEU A . n 
A 1 226 ASP 226 226 226 ASP ASP A . n 
A 1 227 PHE 227 227 227 PHE PHE A . n 
A 1 228 LEU 228 228 228 LEU LEU A . n 
A 1 229 ALA 229 229 229 ALA ALA A . n 
A 1 230 PRO 230 230 230 PRO PRO A . n 
A 1 231 LEU 231 231 231 LEU LEU A . n 
A 1 232 GLN 232 232 232 GLN GLN A . n 
# 
loop_
_pdbx_nonpoly_scheme.asym_id 
_pdbx_nonpoly_scheme.entity_id 
_pdbx_nonpoly_scheme.mon_id 
_pdbx_nonpoly_scheme.ndb_seq_num 
_pdbx_nonpoly_scheme.pdb_seq_num 
_pdbx_nonpoly_scheme.auth_seq_num 
_pdbx_nonpoly_scheme.pdb_mon_id 
_pdbx_nonpoly_scheme.auth_mon_id 
_pdbx_nonpoly_scheme.pdb_strand_id 
_pdbx_nonpoly_scheme.pdb_ins_code 
B 2 HOH 1  233 233 HOH HOH A . 
B 2 HOH 2  234 234 HOH HOH A . 
B 2 HOH 3  235 235 HOH HOH A . 
B 2 HOH 4  236 236 HOH HOH A . 
B 2 HOH 5  237 237 HOH HOH A . 
B 2 HOH 6  238 238 HOH HOH A . 
B 2 HOH 7  239 239 HOH HOH A . 
B 2 HOH 8  240 240 HOH HOH A . 
B 2 HOH 9  241 241 HOH HOH A . 
B 2 HOH 10 242 242 HOH HOH A . 
B 2 HOH 11 243 243 HOH HOH A . 
B 2 HOH 12 244 244 HOH HOH A . 
B 2 HOH 13 245 245 HOH HOH A . 
B 2 HOH 14 246 246 HOH HOH A . 
B 2 HOH 15 247 247 HOH HOH A . 
B 2 HOH 16 248 248 HOH HOH A . 
B 2 HOH 17 249 249 HOH HOH A . 
B 2 HOH 18 250 250 HOH HOH A . 
B 2 HOH 19 251 251 HOH HOH A . 
B 2 HOH 20 252 252 HOH HOH A . 
B 2 HOH 21 253 253 HOH HOH A . 
B 2 HOH 22 254 254 HOH HOH A . 
B 2 HOH 23 255 255 HOH HOH A . 
B 2 HOH 24 256 256 HOH HOH A . 
B 2 HOH 25 257 257 HOH HOH A . 
B 2 HOH 26 258 258 HOH HOH A . 
B 2 HOH 27 259 259 HOH HOH A . 
B 2 HOH 28 260 260 HOH HOH A . 
B 2 HOH 29 261 261 HOH HOH A . 
B 2 HOH 30 262 262 HOH HOH A . 
B 2 HOH 31 263 263 HOH HOH A . 
B 2 HOH 32 264 264 HOH HOH A . 
B 2 HOH 33 265 265 HOH HOH A . 
B 2 HOH 34 266 266 HOH HOH A . 
B 2 HOH 35 267 267 HOH HOH A . 
B 2 HOH 36 268 268 HOH HOH A . 
B 2 HOH 37 269 269 HOH HOH A . 
B 2 HOH 38 270 270 HOH HOH A . 
B 2 HOH 39 271 271 HOH HOH A . 
B 2 HOH 40 272 272 HOH HOH A . 
B 2 HOH 41 273 273 HOH HOH A . 
B 2 HOH 42 274 274 HOH HOH A . 
B 2 HOH 43 275 275 HOH HOH A . 
B 2 HOH 44 276 276 HOH HOH A . 
B 2 HOH 45 277 277 HOH HOH A . 
B 2 HOH 46 278 278 HOH HOH A . 
B 2 HOH 47 279 279 HOH HOH A . 
B 2 HOH 48 280 280 HOH HOH A . 
B 2 HOH 49 281 281 HOH HOH A . 
B 2 HOH 50 282 282 HOH HOH A . 
B 2 HOH 51 283 283 HOH HOH A . 
B 2 HOH 52 284 284 HOH HOH A . 
B 2 HOH 53 285 285 HOH HOH A . 
B 2 HOH 54 286 286 HOH HOH A . 
B 2 HOH 55 287 287 HOH HOH A . 
B 2 HOH 56 288 288 HOH HOH A . 
B 2 HOH 57 289 289 HOH HOH A . 
B 2 HOH 58 290 290 HOH HOH A . 
B 2 HOH 59 291 291 HOH HOH A . 
B 2 HOH 60 292 292 HOH HOH A . 
B 2 HOH 61 293 293 HOH HOH A . 
B 2 HOH 62 294 294 HOH HOH A . 
B 2 HOH 63 295 295 HOH HOH A . 
B 2 HOH 64 296 296 HOH HOH A . 
# 
loop_
_pdbx_unobs_or_zero_occ_atoms.id 
_pdbx_unobs_or_zero_occ_atoms.PDB_model_num 
_pdbx_unobs_or_zero_occ_atoms.polymer_flag 
_pdbx_unobs_or_zero_occ_atoms.occupancy_flag 
_pdbx_unobs_or_zero_occ_atoms.auth_asym_id 
_pdbx_unobs_or_zero_occ_atoms.auth_comp_id 
_pdbx_unobs_or_zero_occ_atoms.auth_seq_id 
_pdbx_unobs_or_zero_occ_atoms.PDB_ins_code 
_pdbx_unobs_or_zero_occ_atoms.auth_atom_id 
_pdbx_unobs_or_zero_occ_atoms.label_alt_id 
_pdbx_unobs_or_zero_occ_atoms.label_asym_id 
_pdbx_unobs_or_zero_occ_atoms.label_comp_id 
_pdbx_unobs_or_zero_occ_atoms.label_seq_id 
_pdbx_unobs_or_zero_occ_atoms.label_atom_id 
1  1 Y 1 A MET 1   ? CG  ? A MET 1   CG  
2  1 Y 1 A MET 1   ? SD  ? A MET 1   SD  
3  1 Y 1 A MET 1   ? CE  ? A MET 1   CE  
4  1 Y 1 A GLU 4   ? CG  ? A GLU 4   CG  
5  1 Y 1 A GLU 4   ? CD  ? A GLU 4   CD  
6  1 Y 1 A GLU 4   ? OE1 ? A GLU 4   OE1 
7  1 Y 1 A GLU 4   ? OE2 ? A GLU 4   OE2 
8  1 Y 1 A LYS 25  ? CG  ? A LYS 25  CG  
9  1 Y 1 A LYS 25  ? CD  ? A LYS 25  CD  
10 1 Y 1 A LYS 25  ? CE  ? A LYS 25  CE  
11 1 Y 1 A LYS 25  ? NZ  ? A LYS 25  NZ  
12 1 Y 1 A ARG 45  ? CD  ? A ARG 45  CD  
13 1 Y 1 A ARG 45  ? NE  ? A ARG 45  NE  
14 1 Y 1 A ARG 45  ? CZ  ? A ARG 45  CZ  
15 1 Y 1 A ARG 45  ? NH1 ? A ARG 45  NH1 
16 1 Y 1 A ARG 45  ? NH2 ? A ARG 45  NH2 
17 1 Y 0 A ARG 45  ? CG  ? A ARG 45  CG  
18 1 Y 1 A ASN 154 ? CG  ? A ASN 154 CG  
19 1 Y 1 A ASN 154 ? OD1 ? A ASN 154 OD1 
20 1 Y 1 A ASN 154 ? ND2 ? A ASN 154 ND2 
21 1 Y 1 A HIS 172 ? CG  ? A HIS 172 CG  
22 1 Y 1 A HIS 172 ? ND1 ? A HIS 172 ND1 
23 1 Y 1 A HIS 172 ? CD2 ? A HIS 172 CD2 
24 1 Y 1 A HIS 172 ? CE1 ? A HIS 172 CE1 
25 1 Y 1 A HIS 172 ? NE2 ? A HIS 172 NE2 
26 1 Y 1 A GLU 199 ? CG  ? A GLU 199 CG  
27 1 Y 1 A GLU 199 ? CD  ? A GLU 199 CD  
28 1 Y 1 A GLU 199 ? OE1 ? A GLU 199 OE1 
29 1 Y 1 A GLU 199 ? OE2 ? A GLU 199 OE2 
30 1 Y 1 A HIS 202 ? CG  ? A HIS 202 CG  
31 1 Y 1 A HIS 202 ? ND1 ? A HIS 202 ND1 
32 1 Y 1 A HIS 202 ? CD2 ? A HIS 202 CD2 
33 1 Y 1 A HIS 202 ? CE1 ? A HIS 202 CE1 
34 1 Y 1 A HIS 202 ? NE2 ? A HIS 202 NE2 
# 
loop_
_software.name 
_software.classification 
_software.version 
_software.citation_id 
_software.pdbx_ordinal 
X-PLOR       'model building' .                ? 1 
X-PLOR       refinement       3.1              ? 2 
MANUFACTURER 'data reduction' 'SUPPLIED (MSC)' ? 3 
X-PLOR       phasing          .                ? 4 
# 
_cell.entry_id           1GGV 
_cell.length_a           51.080 
_cell.length_b           51.860 
_cell.length_c           82.610 
_cell.angle_alpha        90.00 
_cell.angle_beta         90.00 
_cell.angle_gamma        90.00 
_cell.Z_PDB              4 
_cell.pdbx_unique_axis   ? 
# 
_symmetry.entry_id                         1GGV 
_symmetry.space_group_name_H-M             'P 21 21 21' 
_symmetry.pdbx_full_space_group_name_H-M   ? 
_symmetry.cell_setting                     ? 
_symmetry.Int_Tables_number                19 
# 
_exptl.entry_id          1GGV 
_exptl.method            'X-RAY DIFFRACTION' 
_exptl.crystals_number   1 
# 
_exptl_crystal.id                    1 
_exptl_crystal.density_meas          ? 
_exptl_crystal.density_Matthews      2.13 
_exptl_crystal.density_percent_sol   43.49 
_exptl_crystal.description           ? 
# 
_exptl_crystal_grow.crystal_id      1 
_exptl_crystal_grow.method          'VAPOR DIFFUSION, HANGING DROP' 
_exptl_crystal_grow.pH              6.3 
_exptl_crystal_grow.temp            291.0 
_exptl_crystal_grow.temp_details    ? 
_exptl_crystal_grow.pdbx_details    '(K+/Na+) phosphate, PMSF, pH 6.3, vapor diffusion/hanging drop, temperature 291.0K' 
_exptl_crystal_grow.pdbx_pH_range   . 
# 
_diffrn.id                     1 
_diffrn.ambient_temp           277.0 
_diffrn.ambient_temp_details   ? 
_diffrn.crystal_id             1 
# 
_diffrn_detector.diffrn_id              1 
_diffrn_detector.detector               'IMAGE PLATE' 
_diffrn_detector.type                   'RIGAKU RAXIS IIC' 
_diffrn_detector.pdbx_collection_date   1994-12-08 
_diffrn_detector.details                ? 
# 
_diffrn_radiation.diffrn_id                        1 
_diffrn_radiation.wavelength_id                    1 
_diffrn_radiation.pdbx_monochromatic_or_laue_m_l   M 
_diffrn_radiation.monochromator                    ? 
_diffrn_radiation.pdbx_diffrn_protocol             'SINGLE WAVELENGTH' 
_diffrn_radiation.pdbx_scattering_type             x-ray 
# 
_diffrn_radiation_wavelength.id           1 
_diffrn_radiation_wavelength.wavelength   1.5418 
_diffrn_radiation_wavelength.wt           1.0 
# 
_diffrn_source.diffrn_id                   1 
_diffrn_source.source                      'ROTATING ANODE' 
_diffrn_source.type                        'RIGAKU RU200' 
_diffrn_source.pdbx_synchrotron_site       ? 
_diffrn_source.pdbx_synchrotron_beamline   ? 
_diffrn_source.pdbx_wavelength             1.5418 
_diffrn_source.pdbx_wavelength_list        ? 
# 
_reflns.entry_id                     1GGV 
_reflns.observed_criterion_sigma_I   ? 
_reflns.observed_criterion_sigma_F   ? 
_reflns.d_resolution_low             15.000 
_reflns.d_resolution_high            2.000 
_reflns.number_obs                   12109 
_reflns.number_all                   ? 
_reflns.percent_possible_obs         78.7 
_reflns.pdbx_Rmerge_I_obs            ? 
_reflns.pdbx_Rsym_value              ? 
_reflns.pdbx_netI_over_sigmaI        ? 
_reflns.B_iso_Wilson_estimate        ? 
_reflns.pdbx_redundancy              2.500 
_reflns.R_free_details               ? 
_reflns.limit_h_max                  ? 
_reflns.limit_h_min                  ? 
_reflns.limit_k_max                  ? 
_reflns.limit_k_min                  ? 
_reflns.limit_l_max                  ? 
_reflns.limit_l_min                  ? 
_reflns.observed_criterion_F_max     ? 
_reflns.observed_criterion_F_min     ? 
_reflns.pdbx_diffrn_id               1 
_reflns.pdbx_ordinal                 1 
# 
_reflns_shell.d_res_high             2.00 
_reflns_shell.d_res_low              2.09 
_reflns_shell.percent_possible_all   65.2 
_reflns_shell.Rmerge_I_obs           ? 
_reflns_shell.pdbx_Rsym_value        ? 
_reflns_shell.meanI_over_sigI_obs    ? 
_reflns_shell.pdbx_redundancy        ? 
_reflns_shell.percent_possible_obs   ? 
_reflns_shell.number_unique_all      ? 
_reflns_shell.pdbx_diffrn_id         ? 
_reflns_shell.pdbx_ordinal           1 
# 
_refine.entry_id                                 1GGV 
_refine.ls_number_reflns_obs                     6459 
_refine.ls_number_reflns_all                     ? 
_refine.pdbx_ls_sigma_I                          ? 
_refine.pdbx_ls_sigma_F                          2.000 
_refine.pdbx_data_cutoff_high_absF               ? 
_refine.pdbx_data_cutoff_low_absF                ? 
_refine.pdbx_data_cutoff_high_rms_absF           ? 
_refine.ls_d_res_low                             7.00 
_refine.ls_d_res_high                            2.50 
_refine.ls_percent_reflns_obs                    ? 
_refine.ls_R_factor_obs                          0.1510000 
_refine.ls_R_factor_all                          ? 
_refine.ls_R_factor_R_work                       0.1510000 
_refine.ls_R_factor_R_free                       ? 
_refine.ls_R_factor_R_free_error                 ? 
_refine.ls_R_factor_R_free_error_details         ? 
_refine.ls_percent_reflns_R_free                 ? 
_refine.ls_number_reflns_R_free                  ? 
_refine.ls_number_parameters                     ? 
_refine.ls_number_restraints                     ? 
_refine.occupancy_min                            ? 
_refine.occupancy_max                            ? 
_refine.B_iso_mean                               ? 
_refine.aniso_B[1][1]                            ? 
_refine.aniso_B[2][2]                            ? 
_refine.aniso_B[3][3]                            ? 
_refine.aniso_B[1][2]                            ? 
_refine.aniso_B[1][3]                            ? 
_refine.aniso_B[2][3]                            ? 
_refine.solvent_model_details                    ? 
_refine.solvent_model_param_ksol                 ? 
_refine.solvent_model_param_bsol                 ? 
_refine.pdbx_ls_cross_valid_method               ? 
_refine.details                                  ? 
_refine.pdbx_starting_model                      'DIENELACTONE HYDROLASE (WILD-TYPE)' 
_refine.pdbx_method_to_determine_struct          'MOLECULAR REPLACEMENT' 
_refine.pdbx_isotropic_thermal_model             ? 
_refine.pdbx_stereochemistry_target_values       ? 
_refine.pdbx_stereochem_target_val_spec_case     ? 
_refine.pdbx_R_Free_selection_details            ? 
_refine.pdbx_overall_ESU_R                       ? 
_refine.pdbx_overall_ESU_R_Free                  ? 
_refine.overall_SU_ML                            ? 
_refine.overall_SU_B                             ? 
_refine.ls_redundancy_reflns_obs                 ? 
_refine.B_iso_min                                ? 
_refine.B_iso_max                                ? 
_refine.correlation_coeff_Fo_to_Fc               ? 
_refine.overall_SU_R_Cruickshank_DPI             ? 
_refine.overall_SU_R_free                        ? 
_refine.correlation_coeff_Fo_to_Fc_free          ? 
_refine.pdbx_solvent_vdw_probe_radii             ? 
_refine.pdbx_solvent_ion_probe_radii             ? 
_refine.pdbx_solvent_shrinkage_radii             ? 
_refine.pdbx_refine_id                           'X-RAY DIFFRACTION' 
_refine.pdbx_diffrn_id                           1 
_refine.pdbx_TLS_residual_ADP_flag               ? 
_refine.pdbx_overall_phase_error                 ? 
_refine.pdbx_overall_SU_R_free_Cruickshank_DPI   ? 
_refine.pdbx_overall_SU_R_Blow_DPI               ? 
_refine.pdbx_overall_SU_R_free_Blow_DPI          ? 
# 
_refine_hist.pdbx_refine_id                   'X-RAY DIFFRACTION' 
_refine_hist.cycle_id                         LAST 
_refine_hist.pdbx_number_atoms_protein        2254 
_refine_hist.pdbx_number_atoms_nucleic_acid   0 
_refine_hist.pdbx_number_atoms_ligand         10 
_refine_hist.number_atoms_solvent             64 
_refine_hist.number_atoms_total               2328 
_refine_hist.d_res_high                       2.50 
_refine_hist.d_res_low                        7.00 
# 
loop_
_refine_ls_restr.type 
_refine_ls_restr.dev_ideal 
_refine_ls_restr.dev_ideal_target 
_refine_ls_restr.weight 
_refine_ls_restr.number 
_refine_ls_restr.pdbx_refine_id 
_refine_ls_restr.pdbx_restraint_function 
x_bond_d                0.010 ? ? ? 'X-RAY DIFFRACTION' ? 
x_bond_d_na             ?     ? ? ? 'X-RAY DIFFRACTION' ? 
x_bond_d_prot           ?     ? ? ? 'X-RAY DIFFRACTION' ? 
x_angle_d               ?     ? ? ? 'X-RAY DIFFRACTION' ? 
x_angle_d_na            ?     ? ? ? 'X-RAY DIFFRACTION' ? 
x_angle_d_prot          ?     ? ? ? 'X-RAY DIFFRACTION' ? 
x_angle_deg             1.51  ? ? ? 'X-RAY DIFFRACTION' ? 
x_angle_deg_na          ?     ? ? ? 'X-RAY DIFFRACTION' ? 
x_angle_deg_prot        ?     ? ? ? 'X-RAY DIFFRACTION' ? 
x_dihedral_angle_d      24.24 ? ? ? 'X-RAY DIFFRACTION' ? 
x_dihedral_angle_d_na   ?     ? ? ? 'X-RAY DIFFRACTION' ? 
x_dihedral_angle_d_prot ?     ? ? ? 'X-RAY DIFFRACTION' ? 
x_improper_angle_d      1.29  ? ? ? 'X-RAY DIFFRACTION' ? 
x_improper_angle_d_na   ?     ? ? ? 'X-RAY DIFFRACTION' ? 
x_improper_angle_d_prot ?     ? ? ? 'X-RAY DIFFRACTION' ? 
x_mcbond_it             ?     ? ? ? 'X-RAY DIFFRACTION' ? 
x_mcangle_it            ?     ? ? ? 'X-RAY DIFFRACTION' ? 
x_scbond_it             ?     ? ? ? 'X-RAY DIFFRACTION' ? 
x_scangle_it            ?     ? ? ? 'X-RAY DIFFRACTION' ? 
# 
_struct.entry_id                  1GGV 
_struct.title                     
;CRYSTAL STRUCTURE OF THE C123S MUTANT OF DIENELACTONE HYDROLASE (DLH) BOUND WITH THE PMS MOIETY OF THE PROTEASE INHIBITOR, PHENYLMETHYLSULFONYL FLUORIDE (PMSF)
;
_struct.pdbx_model_details        ? 
_struct.pdbx_CASP_flag            ? 
_struct.pdbx_model_type_details   ? 
# 
_struct_keywords.entry_id        1GGV 
_struct_keywords.pdbx_keywords   HYDROLASE 
_struct_keywords.text            'ALPHA/BETA HYDROLASE FOLD, DIENELACTONE HYDROLASE, PMSF, PSEUDOMONAS PUTIDA (pAC27), HYDROLASE' 
# 
loop_
_struct_asym.id 
_struct_asym.pdbx_blank_PDB_chainid_flag 
_struct_asym.pdbx_modified 
_struct_asym.entity_id 
_struct_asym.details 
A N N 1 ? 
B N N 2 ? 
# 
_struct_ref.id                         1 
_struct_ref.db_name                    UNP 
_struct_ref.db_code                    CLCD_PSEPU 
_struct_ref.entity_id                  1 
_struct_ref.pdbx_seq_one_letter_code   ? 
_struct_ref.pdbx_align_begin           ? 
_struct_ref.pdbx_db_accession          P0A114 
_struct_ref.pdbx_db_isoform            ? 
# 
_struct_ref_seq.align_id                      1 
_struct_ref_seq.ref_id                        1 
_struct_ref_seq.pdbx_PDB_id_code              1GGV 
_struct_ref_seq.pdbx_strand_id                A 
_struct_ref_seq.seq_align_beg                 1 
_struct_ref_seq.pdbx_seq_align_beg_ins_code   ? 
_struct_ref_seq.seq_align_end                 232 
_struct_ref_seq.pdbx_seq_align_end_ins_code   ? 
_struct_ref_seq.pdbx_db_accession             P0A114 
_struct_ref_seq.db_align_beg                  1 
_struct_ref_seq.pdbx_db_align_beg_ins_code    ? 
_struct_ref_seq.db_align_end                  232 
_struct_ref_seq.pdbx_db_align_end_ins_code    ? 
_struct_ref_seq.pdbx_auth_seq_align_beg       1 
_struct_ref_seq.pdbx_auth_seq_align_end       232 
# 
loop_
_struct_ref_seq_dif.align_id 
_struct_ref_seq_dif.pdbx_pdb_id_code 
_struct_ref_seq_dif.mon_id 
_struct_ref_seq_dif.pdbx_pdb_strand_id 
_struct_ref_seq_dif.seq_num 
_struct_ref_seq_dif.pdbx_pdb_ins_code 
_struct_ref_seq_dif.pdbx_seq_db_name 
_struct_ref_seq_dif.pdbx_seq_db_accession_code 
_struct_ref_seq_dif.db_mon_id 
_struct_ref_seq_dif.pdbx_seq_db_seq_num 
_struct_ref_seq_dif.details 
_struct_ref_seq_dif.pdbx_auth_seq_num 
_struct_ref_seq_dif.pdbx_ordinal 
1 1GGV ALA A 79  ? UNP P0A114 ARG 79  conflict         79  1 
1 1GGV SEB A 123 ? UNP P0A114 CYS 123 'SEE REMARK 999' 123 2 
1 1GGV ASN A 154 ? UNP P0A114 LYS 154 conflict         154 3 
1 1GGV THR A 224 ? UNP P0A114 ARG 224 conflict         224 4 
# 
_pdbx_struct_assembly.id                   1 
_pdbx_struct_assembly.details              author_defined_assembly 
_pdbx_struct_assembly.method_details       ? 
_pdbx_struct_assembly.oligomeric_details   monomeric 
_pdbx_struct_assembly.oligomeric_count     1 
# 
_pdbx_struct_assembly_gen.assembly_id       1 
_pdbx_struct_assembly_gen.oper_expression   1 
_pdbx_struct_assembly_gen.asym_id_list      A,B 
# 
_pdbx_struct_oper_list.id                   1 
_pdbx_struct_oper_list.type                 'identity operation' 
_pdbx_struct_oper_list.name                 1_555 
_pdbx_struct_oper_list.symmetry_operation   x,y,z 
_pdbx_struct_oper_list.matrix[1][1]         1.0000000000 
_pdbx_struct_oper_list.matrix[1][2]         0.0000000000 
_pdbx_struct_oper_list.matrix[1][3]         0.0000000000 
_pdbx_struct_oper_list.vector[1]            0.0000000000 
_pdbx_struct_oper_list.matrix[2][1]         0.0000000000 
_pdbx_struct_oper_list.matrix[2][2]         1.0000000000 
_pdbx_struct_oper_list.matrix[2][3]         0.0000000000 
_pdbx_struct_oper_list.vector[2]            0.0000000000 
_pdbx_struct_oper_list.matrix[3][1]         0.0000000000 
_pdbx_struct_oper_list.matrix[3][2]         0.0000000000 
_pdbx_struct_oper_list.matrix[3][3]         1.0000000000 
_pdbx_struct_oper_list.vector[3]            0.0000000000 
# 
_struct_biol.id                    1 
_struct_biol.pdbx_parent_biol_id   ? 
_struct_biol.details               ? 
# 
loop_
_struct_conf.conf_type_id 
_struct_conf.id 
_struct_conf.pdbx_PDB_helix_id 
_struct_conf.beg_label_comp_id 
_struct_conf.beg_label_asym_id 
_struct_conf.beg_label_seq_id 
_struct_conf.pdbx_beg_PDB_ins_code 
_struct_conf.end_label_comp_id 
_struct_conf.end_label_asym_id 
_struct_conf.end_label_seq_id 
_struct_conf.pdbx_end_PDB_ins_code 
_struct_conf.beg_auth_comp_id 
_struct_conf.beg_auth_asym_id 
_struct_conf.beg_auth_seq_id 
_struct_conf.end_auth_comp_id 
_struct_conf.end_auth_asym_id 
_struct_conf.end_auth_seq_id 
_struct_conf.pdbx_PDB_helix_class 
_struct_conf.details 
_struct_conf.pdbx_PDB_helix_length 
HELX_P HELX_P1  1  ASN A 41  ? GLN A 54  ? ASN A 41  GLN A 54  1 ? 14 
HELX_P HELX_P2  2  ASP A 62  ? GLN A 67  ? ASP A 62  GLN A 67  5 ? 6  
HELX_P HELX_P3  3  ASP A 77  ? PHE A 91  ? ASP A 77  PHE A 91  1 ? 15 
HELX_P HELX_P4  4  ASP A 92  ? HIS A 109 ? ASP A 92  HIS A 109 1 ? 18 
HELX_P HELX_P5  5  LEU A 124 ? GLY A 136 ? LEU A 124 GLY A 136 1 ? 13 
HELX_P HELX_P6  6  GLY A 148 ? LEU A 153 ? GLY A 148 LEU A 153 5 ? 6  
HELX_P HELX_P7  7  GLN A 152 ? VAL A 159 ? GLN A 152 VAL A 159 5 ? 8  
HELX_P HELX_P8  8  PRO A 175 ? ASN A 189 ? PRO A 175 ASN A 189 1 ? 15 
HELX_P HELX_P9  9  VAL A 213 ? ALA A 229 ? VAL A 213 ALA A 229 1 ? 17 
HELX_P HELX_P10 10 PRO A 230 ? GLN A 232 ? PRO A 230 GLN A 232 5 ? 3  
# 
_struct_conf_type.id          HELX_P 
_struct_conf_type.criteria    ? 
_struct_conf_type.reference   ? 
# 
loop_
_struct_conn.id 
_struct_conn.conn_type_id 
_struct_conn.pdbx_leaving_atom_flag 
_struct_conn.pdbx_PDB_id 
_struct_conn.ptnr1_label_asym_id 
_struct_conn.ptnr1_label_comp_id 
_struct_conn.ptnr1_label_seq_id 
_struct_conn.ptnr1_label_atom_id 
_struct_conn.pdbx_ptnr1_label_alt_id 
_struct_conn.pdbx_ptnr1_PDB_ins_code 
_struct_conn.pdbx_ptnr1_standard_comp_id 
_struct_conn.ptnr1_symmetry 
_struct_conn.ptnr2_label_asym_id 
_struct_conn.ptnr2_label_comp_id 
_struct_conn.ptnr2_label_seq_id 
_struct_conn.ptnr2_label_atom_id 
_struct_conn.pdbx_ptnr2_label_alt_id 
_struct_conn.pdbx_ptnr2_PDB_ins_code 
_struct_conn.ptnr1_auth_asym_id 
_struct_conn.ptnr1_auth_comp_id 
_struct_conn.ptnr1_auth_seq_id 
_struct_conn.ptnr2_auth_asym_id 
_struct_conn.ptnr2_auth_comp_id 
_struct_conn.ptnr2_auth_seq_id 
_struct_conn.ptnr2_symmetry 
_struct_conn.pdbx_ptnr3_label_atom_id 
_struct_conn.pdbx_ptnr3_label_seq_id 
_struct_conn.pdbx_ptnr3_label_comp_id 
_struct_conn.pdbx_ptnr3_label_asym_id 
_struct_conn.pdbx_ptnr3_label_alt_id 
_struct_conn.pdbx_ptnr3_PDB_ins_code 
_struct_conn.details 
_struct_conn.pdbx_dist_value 
_struct_conn.pdbx_value_order 
_struct_conn.pdbx_role 
covale1 covale both ? A TYR 122 C ? ? ? 1_555 A SEB 123 N ? ? A TYR 122 A SEB 123 1_555 ? ? ? ? ? ? ? 1.325 ? ? 
covale2 covale both ? A SEB 123 C ? ? ? 1_555 A LEU 124 N ? ? A SEB 123 A LEU 124 1_555 ? ? ? ? ? ? ? 1.332 ? ? 
# 
_struct_conn_type.id          covale 
_struct_conn_type.criteria    ? 
_struct_conn_type.reference   ? 
# 
_struct_mon_prot_cis.pdbx_id                1 
_struct_mon_prot_cis.label_comp_id          ALA 
_struct_mon_prot_cis.label_seq_id           26 
_struct_mon_prot_cis.label_asym_id          A 
_struct_mon_prot_cis.label_alt_id           . 
_struct_mon_prot_cis.pdbx_PDB_ins_code      ? 
_struct_mon_prot_cis.auth_comp_id           ALA 
_struct_mon_prot_cis.auth_seq_id            26 
_struct_mon_prot_cis.auth_asym_id           A 
_struct_mon_prot_cis.pdbx_label_comp_id_2   PRO 
_struct_mon_prot_cis.pdbx_label_seq_id_2    27 
_struct_mon_prot_cis.pdbx_label_asym_id_2   A 
_struct_mon_prot_cis.pdbx_PDB_ins_code_2    ? 
_struct_mon_prot_cis.pdbx_auth_comp_id_2    PRO 
_struct_mon_prot_cis.pdbx_auth_seq_id_2     27 
_struct_mon_prot_cis.pdbx_auth_asym_id_2    A 
_struct_mon_prot_cis.pdbx_PDB_model_num     1 
_struct_mon_prot_cis.pdbx_omega_angle       -0.26 
# 
_struct_sheet.id               B 
_struct_sheet.type             ? 
_struct_sheet.number_strands   7 
_struct_sheet.details          ? 
# 
loop_
_struct_sheet_range.sheet_id 
_struct_sheet_range.id 
_struct_sheet_range.beg_label_comp_id 
_struct_sheet_range.beg_label_asym_id 
_struct_sheet_range.beg_label_seq_id 
_struct_sheet_range.pdbx_beg_PDB_ins_code 
_struct_sheet_range.end_label_comp_id 
_struct_sheet_range.end_label_asym_id 
_struct_sheet_range.end_label_seq_id 
_struct_sheet_range.pdbx_end_PDB_ins_code 
_struct_sheet_range.beg_auth_comp_id 
_struct_sheet_range.beg_auth_asym_id 
_struct_sheet_range.beg_auth_seq_id 
_struct_sheet_range.end_auth_comp_id 
_struct_sheet_range.end_auth_asym_id 
_struct_sheet_range.end_auth_seq_id 
B 1 ALA A 18  ? GLY A 21  ? ALA A 18  GLY A 21  
B 2 ALA A 28  ? ALA A 34  ? ALA A 28  ALA A 34  
B 3 ALA A 57  ? PRO A 61  ? ALA A 57  PRO A 61  
B 4 SER A 113 ? TYR A 122 ? SER A 113 TYR A 122 
B 5 ARG A 140 ? TYR A 144 ? ARG A 140 TYR A 144 
B 6 ALA A 163 ? GLY A 168 ? ALA A 163 GLY A 168 
B 7 LEU A 192 ? TYR A 197 ? LEU A 192 TYR A 197 
# 
loop_
_pdbx_validate_torsion.id 
_pdbx_validate_torsion.PDB_model_num 
_pdbx_validate_torsion.auth_comp_id 
_pdbx_validate_torsion.auth_asym_id 
_pdbx_validate_torsion.auth_seq_id 
_pdbx_validate_torsion.PDB_ins_code 
_pdbx_validate_torsion.label_alt_id 
_pdbx_validate_torsion.phi 
_pdbx_validate_torsion.psi 
1 1 ASN A 41  ? ? -112.08 -165.54 
2 1 SEB A 123 ? ? 51.40   -110.01 
3 1 TYR A 145 ? ? 35.42   65.59   
4 1 GLN A 170 ? ? -104.69 44.86   
# 
_pdbx_validate_planes.id              1 
_pdbx_validate_planes.PDB_model_num   1 
_pdbx_validate_planes.auth_comp_id    TYR 
_pdbx_validate_planes.auth_asym_id    A 
_pdbx_validate_planes.auth_seq_id     197 
_pdbx_validate_planes.PDB_ins_code    ? 
_pdbx_validate_planes.label_alt_id    ? 
_pdbx_validate_planes.rmsd            0.065 
_pdbx_validate_planes.type            'SIDE CHAIN' 
# 
_pdbx_struct_mod_residue.id               1 
_pdbx_struct_mod_residue.label_asym_id    A 
_pdbx_struct_mod_residue.label_comp_id    SEB 
_pdbx_struct_mod_residue.label_seq_id     123 
_pdbx_struct_mod_residue.auth_asym_id     A 
_pdbx_struct_mod_residue.auth_comp_id     SEB 
_pdbx_struct_mod_residue.auth_seq_id      123 
_pdbx_struct_mod_residue.PDB_ins_code     ? 
_pdbx_struct_mod_residue.parent_comp_id   SER 
_pdbx_struct_mod_residue.details          O-BENZYLSULFONYL-SERINE 
# 
loop_
_chem_comp_atom.comp_id 
_chem_comp_atom.atom_id 
_chem_comp_atom.type_symbol 
_chem_comp_atom.pdbx_aromatic_flag 
_chem_comp_atom.pdbx_stereo_config 
_chem_comp_atom.pdbx_ordinal 
ALA N    N N N 1   
ALA CA   C N S 2   
ALA C    C N N 3   
ALA O    O N N 4   
ALA CB   C N N 5   
ALA OXT  O N N 6   
ALA H    H N N 7   
ALA H2   H N N 8   
ALA HA   H N N 9   
ALA HB1  H N N 10  
ALA HB2  H N N 11  
ALA HB3  H N N 12  
ALA HXT  H N N 13  
ARG N    N N N 14  
ARG CA   C N S 15  
ARG C    C N N 16  
ARG O    O N N 17  
ARG CB   C N N 18  
ARG CG   C N N 19  
ARG CD   C N N 20  
ARG NE   N N N 21  
ARG CZ   C N N 22  
ARG NH1  N N N 23  
ARG NH2  N N N 24  
ARG OXT  O N N 25  
ARG H    H N N 26  
ARG H2   H N N 27  
ARG HA   H N N 28  
ARG HB2  H N N 29  
ARG HB3  H N N 30  
ARG HG2  H N N 31  
ARG HG3  H N N 32  
ARG HD2  H N N 33  
ARG HD3  H N N 34  
ARG HE   H N N 35  
ARG HH11 H N N 36  
ARG HH12 H N N 37  
ARG HH21 H N N 38  
ARG HH22 H N N 39  
ARG HXT  H N N 40  
ASN N    N N N 41  
ASN CA   C N S 42  
ASN C    C N N 43  
ASN O    O N N 44  
ASN CB   C N N 45  
ASN CG   C N N 46  
ASN OD1  O N N 47  
ASN ND2  N N N 48  
ASN OXT  O N N 49  
ASN H    H N N 50  
ASN H2   H N N 51  
ASN HA   H N N 52  
ASN HB2  H N N 53  
ASN HB3  H N N 54  
ASN HD21 H N N 55  
ASN HD22 H N N 56  
ASN HXT  H N N 57  
ASP N    N N N 58  
ASP CA   C N S 59  
ASP C    C N N 60  
ASP O    O N N 61  
ASP CB   C N N 62  
ASP CG   C N N 63  
ASP OD1  O N N 64  
ASP OD2  O N N 65  
ASP OXT  O N N 66  
ASP H    H N N 67  
ASP H2   H N N 68  
ASP HA   H N N 69  
ASP HB2  H N N 70  
ASP HB3  H N N 71  
ASP HD2  H N N 72  
ASP HXT  H N N 73  
CYS N    N N N 74  
CYS CA   C N R 75  
CYS C    C N N 76  
CYS O    O N N 77  
CYS CB   C N N 78  
CYS SG   S N N 79  
CYS OXT  O N N 80  
CYS H    H N N 81  
CYS H2   H N N 82  
CYS HA   H N N 83  
CYS HB2  H N N 84  
CYS HB3  H N N 85  
CYS HG   H N N 86  
CYS HXT  H N N 87  
GLN N    N N N 88  
GLN CA   C N S 89  
GLN C    C N N 90  
GLN O    O N N 91  
GLN CB   C N N 92  
GLN CG   C N N 93  
GLN CD   C N N 94  
GLN OE1  O N N 95  
GLN NE2  N N N 96  
GLN OXT  O N N 97  
GLN H    H N N 98  
GLN H2   H N N 99  
GLN HA   H N N 100 
GLN HB2  H N N 101 
GLN HB3  H N N 102 
GLN HG2  H N N 103 
GLN HG3  H N N 104 
GLN HE21 H N N 105 
GLN HE22 H N N 106 
GLN HXT  H N N 107 
GLU N    N N N 108 
GLU CA   C N S 109 
GLU C    C N N 110 
GLU O    O N N 111 
GLU CB   C N N 112 
GLU CG   C N N 113 
GLU CD   C N N 114 
GLU OE1  O N N 115 
GLU OE2  O N N 116 
GLU OXT  O N N 117 
GLU H    H N N 118 
GLU H2   H N N 119 
GLU HA   H N N 120 
GLU HB2  H N N 121 
GLU HB3  H N N 122 
GLU HG2  H N N 123 
GLU HG3  H N N 124 
GLU HE2  H N N 125 
GLU HXT  H N N 126 
GLY N    N N N 127 
GLY CA   C N N 128 
GLY C    C N N 129 
GLY O    O N N 130 
GLY OXT  O N N 131 
GLY H    H N N 132 
GLY H2   H N N 133 
GLY HA2  H N N 134 
GLY HA3  H N N 135 
GLY HXT  H N N 136 
HIS N    N N N 137 
HIS CA   C N S 138 
HIS C    C N N 139 
HIS O    O N N 140 
HIS CB   C N N 141 
HIS CG   C Y N 142 
HIS ND1  N Y N 143 
HIS CD2  C Y N 144 
HIS CE1  C Y N 145 
HIS NE2  N Y N 146 
HIS OXT  O N N 147 
HIS H    H N N 148 
HIS H2   H N N 149 
HIS HA   H N N 150 
HIS HB2  H N N 151 
HIS HB3  H N N 152 
HIS HD1  H N N 153 
HIS HD2  H N N 154 
HIS HE1  H N N 155 
HIS HE2  H N N 156 
HIS HXT  H N N 157 
HOH O    O N N 158 
HOH H1   H N N 159 
HOH H2   H N N 160 
ILE N    N N N 161 
ILE CA   C N S 162 
ILE C    C N N 163 
ILE O    O N N 164 
ILE CB   C N S 165 
ILE CG1  C N N 166 
ILE CG2  C N N 167 
ILE CD1  C N N 168 
ILE OXT  O N N 169 
ILE H    H N N 170 
ILE H2   H N N 171 
ILE HA   H N N 172 
ILE HB   H N N 173 
ILE HG12 H N N 174 
ILE HG13 H N N 175 
ILE HG21 H N N 176 
ILE HG22 H N N 177 
ILE HG23 H N N 178 
ILE HD11 H N N 179 
ILE HD12 H N N 180 
ILE HD13 H N N 181 
ILE HXT  H N N 182 
LEU N    N N N 183 
LEU CA   C N S 184 
LEU C    C N N 185 
LEU O    O N N 186 
LEU CB   C N N 187 
LEU CG   C N N 188 
LEU CD1  C N N 189 
LEU CD2  C N N 190 
LEU OXT  O N N 191 
LEU H    H N N 192 
LEU H2   H N N 193 
LEU HA   H N N 194 
LEU HB2  H N N 195 
LEU HB3  H N N 196 
LEU HG   H N N 197 
LEU HD11 H N N 198 
LEU HD12 H N N 199 
LEU HD13 H N N 200 
LEU HD21 H N N 201 
LEU HD22 H N N 202 
LEU HD23 H N N 203 
LEU HXT  H N N 204 
LYS N    N N N 205 
LYS CA   C N S 206 
LYS C    C N N 207 
LYS O    O N N 208 
LYS CB   C N N 209 
LYS CG   C N N 210 
LYS CD   C N N 211 
LYS CE   C N N 212 
LYS NZ   N N N 213 
LYS OXT  O N N 214 
LYS H    H N N 215 
LYS H2   H N N 216 
LYS HA   H N N 217 
LYS HB2  H N N 218 
LYS HB3  H N N 219 
LYS HG2  H N N 220 
LYS HG3  H N N 221 
LYS HD2  H N N 222 
LYS HD3  H N N 223 
LYS HE2  H N N 224 
LYS HE3  H N N 225 
LYS HZ1  H N N 226 
LYS HZ2  H N N 227 
LYS HZ3  H N N 228 
LYS HXT  H N N 229 
MET N    N N N 230 
MET CA   C N S 231 
MET C    C N N 232 
MET O    O N N 233 
MET CB   C N N 234 
MET CG   C N N 235 
MET SD   S N N 236 
MET CE   C N N 237 
MET OXT  O N N 238 
MET H    H N N 239 
MET H2   H N N 240 
MET HA   H N N 241 
MET HB2  H N N 242 
MET HB3  H N N 243 
MET HG2  H N N 244 
MET HG3  H N N 245 
MET HE1  H N N 246 
MET HE2  H N N 247 
MET HE3  H N N 248 
MET HXT  H N N 249 
PHE N    N N N 250 
PHE CA   C N S 251 
PHE C    C N N 252 
PHE O    O N N 253 
PHE CB   C N N 254 
PHE CG   C Y N 255 
PHE CD1  C Y N 256 
PHE CD2  C Y N 257 
PHE CE1  C Y N 258 
PHE CE2  C Y N 259 
PHE CZ   C Y N 260 
PHE OXT  O N N 261 
PHE H    H N N 262 
PHE H2   H N N 263 
PHE HA   H N N 264 
PHE HB2  H N N 265 
PHE HB3  H N N 266 
PHE HD1  H N N 267 
PHE HD2  H N N 268 
PHE HE1  H N N 269 
PHE HE2  H N N 270 
PHE HZ   H N N 271 
PHE HXT  H N N 272 
PRO N    N N N 273 
PRO CA   C N S 274 
PRO C    C N N 275 
PRO O    O N N 276 
PRO CB   C N N 277 
PRO CG   C N N 278 
PRO CD   C N N 279 
PRO OXT  O N N 280 
PRO H    H N N 281 
PRO HA   H N N 282 
PRO HB2  H N N 283 
PRO HB3  H N N 284 
PRO HG2  H N N 285 
PRO HG3  H N N 286 
PRO HD2  H N N 287 
PRO HD3  H N N 288 
PRO HXT  H N N 289 
SEB C    C N N 290 
SEB N    N N N 291 
SEB CI2  C Y N 292 
SEB CH2  C Y N 293 
SEB CJ   C Y N 294 
SEB CI1  C Y N 295 
SEB CH1  C Y N 296 
SEB CZ   C Y N 297 
SEB CE   C N N 298 
SEB OD2  O N N 299 
SEB OD1  O N N 300 
SEB SD   S N N 301 
SEB OG   O N N 302 
SEB CB   C N N 303 
SEB CA   C N S 304 
SEB O    O N N 305 
SEB OXT  O N N 306 
SEB H    H N N 307 
SEB H2   H N N 308 
SEB HI2  H N N 309 
SEB HH2  H N N 310 
SEB HJ   H N N 311 
SEB HI1  H N N 312 
SEB HH1  H N N 313 
SEB HE3  H N N 314 
SEB HE2  H N N 315 
SEB HB3  H N N 316 
SEB HB2  H N N 317 
SEB HA   H N N 318 
SEB HXT  H N N 319 
SER N    N N N 320 
SER CA   C N S 321 
SER C    C N N 322 
SER O    O N N 323 
SER CB   C N N 324 
SER OG   O N N 325 
SER OXT  O N N 326 
SER H    H N N 327 
SER H2   H N N 328 
SER HA   H N N 329 
SER HB2  H N N 330 
SER HB3  H N N 331 
SER HG   H N N 332 
SER HXT  H N N 333 
THR N    N N N 334 
THR CA   C N S 335 
THR C    C N N 336 
THR O    O N N 337 
THR CB   C N R 338 
THR OG1  O N N 339 
THR CG2  C N N 340 
THR OXT  O N N 341 
THR H    H N N 342 
THR H2   H N N 343 
THR HA   H N N 344 
THR HB   H N N 345 
THR HG1  H N N 346 
THR HG21 H N N 347 
THR HG22 H N N 348 
THR HG23 H N N 349 
THR HXT  H N N 350 
TRP N    N N N 351 
TRP CA   C N S 352 
TRP C    C N N 353 
TRP O    O N N 354 
TRP CB   C N N 355 
TRP CG   C Y N 356 
TRP CD1  C Y N 357 
TRP CD2  C Y N 358 
TRP NE1  N Y N 359 
TRP CE2  C Y N 360 
TRP CE3  C Y N 361 
TRP CZ2  C Y N 362 
TRP CZ3  C Y N 363 
TRP CH2  C Y N 364 
TRP OXT  O N N 365 
TRP H    H N N 366 
TRP H2   H N N 367 
TRP HA   H N N 368 
TRP HB2  H N N 369 
TRP HB3  H N N 370 
TRP HD1  H N N 371 
TRP HE1  H N N 372 
TRP HE3  H N N 373 
TRP HZ2  H N N 374 
TRP HZ3  H N N 375 
TRP HH2  H N N 376 
TRP HXT  H N N 377 
TYR N    N N N 378 
TYR CA   C N S 379 
TYR C    C N N 380 
TYR O    O N N 381 
TYR CB   C N N 382 
TYR CG   C Y N 383 
TYR CD1  C Y N 384 
TYR CD2  C Y N 385 
TYR CE1  C Y N 386 
TYR CE2  C Y N 387 
TYR CZ   C Y N 388 
TYR OH   O N N 389 
TYR OXT  O N N 390 
TYR H    H N N 391 
TYR H2   H N N 392 
TYR HA   H N N 393 
TYR HB2  H N N 394 
TYR HB3  H N N 395 
TYR HD1  H N N 396 
TYR HD2  H N N 397 
TYR HE1  H N N 398 
TYR HE2  H N N 399 
TYR HH   H N N 400 
TYR HXT  H N N 401 
VAL N    N N N 402 
VAL CA   C N S 403 
VAL C    C N N 404 
VAL O    O N N 405 
VAL CB   C N N 406 
VAL CG1  C N N 407 
VAL CG2  C N N 408 
VAL OXT  O N N 409 
VAL H    H N N 410 
VAL H2   H N N 411 
VAL HA   H N N 412 
VAL HB   H N N 413 
VAL HG11 H N N 414 
VAL HG12 H N N 415 
VAL HG13 H N N 416 
VAL HG21 H N N 417 
VAL HG22 H N N 418 
VAL HG23 H N N 419 
VAL HXT  H N N 420 
# 
loop_
_chem_comp_bond.comp_id 
_chem_comp_bond.atom_id_1 
_chem_comp_bond.atom_id_2 
_chem_comp_bond.value_order 
_chem_comp_bond.pdbx_aromatic_flag 
_chem_comp_bond.pdbx_stereo_config 
_chem_comp_bond.pdbx_ordinal 
ALA N   CA   sing N N 1   
ALA N   H    sing N N 2   
ALA N   H2   sing N N 3   
ALA CA  C    sing N N 4   
ALA CA  CB   sing N N 5   
ALA CA  HA   sing N N 6   
ALA C   O    doub N N 7   
ALA C   OXT  sing N N 8   
ALA CB  HB1  sing N N 9   
ALA CB  HB2  sing N N 10  
ALA CB  HB3  sing N N 11  
ALA OXT HXT  sing N N 12  
ARG N   CA   sing N N 13  
ARG N   H    sing N N 14  
ARG N   H2   sing N N 15  
ARG CA  C    sing N N 16  
ARG CA  CB   sing N N 17  
ARG CA  HA   sing N N 18  
ARG C   O    doub N N 19  
ARG C   OXT  sing N N 20  
ARG CB  CG   sing N N 21  
ARG CB  HB2  sing N N 22  
ARG CB  HB3  sing N N 23  
ARG CG  CD   sing N N 24  
ARG CG  HG2  sing N N 25  
ARG CG  HG3  sing N N 26  
ARG CD  NE   sing N N 27  
ARG CD  HD2  sing N N 28  
ARG CD  HD3  sing N N 29  
ARG NE  CZ   sing N N 30  
ARG NE  HE   sing N N 31  
ARG CZ  NH1  sing N N 32  
ARG CZ  NH2  doub N N 33  
ARG NH1 HH11 sing N N 34  
ARG NH1 HH12 sing N N 35  
ARG NH2 HH21 sing N N 36  
ARG NH2 HH22 sing N N 37  
ARG OXT HXT  sing N N 38  
ASN N   CA   sing N N 39  
ASN N   H    sing N N 40  
ASN N   H2   sing N N 41  
ASN CA  C    sing N N 42  
ASN CA  CB   sing N N 43  
ASN CA  HA   sing N N 44  
ASN C   O    doub N N 45  
ASN C   OXT  sing N N 46  
ASN CB  CG   sing N N 47  
ASN CB  HB2  sing N N 48  
ASN CB  HB3  sing N N 49  
ASN CG  OD1  doub N N 50  
ASN CG  ND2  sing N N 51  
ASN ND2 HD21 sing N N 52  
ASN ND2 HD22 sing N N 53  
ASN OXT HXT  sing N N 54  
ASP N   CA   sing N N 55  
ASP N   H    sing N N 56  
ASP N   H2   sing N N 57  
ASP CA  C    sing N N 58  
ASP CA  CB   sing N N 59  
ASP CA  HA   sing N N 60  
ASP C   O    doub N N 61  
ASP C   OXT  sing N N 62  
ASP CB  CG   sing N N 63  
ASP CB  HB2  sing N N 64  
ASP CB  HB3  sing N N 65  
ASP CG  OD1  doub N N 66  
ASP CG  OD2  sing N N 67  
ASP OD2 HD2  sing N N 68  
ASP OXT HXT  sing N N 69  
CYS N   CA   sing N N 70  
CYS N   H    sing N N 71  
CYS N   H2   sing N N 72  
CYS CA  C    sing N N 73  
CYS CA  CB   sing N N 74  
CYS CA  HA   sing N N 75  
CYS C   O    doub N N 76  
CYS C   OXT  sing N N 77  
CYS CB  SG   sing N N 78  
CYS CB  HB2  sing N N 79  
CYS CB  HB3  sing N N 80  
CYS SG  HG   sing N N 81  
CYS OXT HXT  sing N N 82  
GLN N   CA   sing N N 83  
GLN N   H    sing N N 84  
GLN N   H2   sing N N 85  
GLN CA  C    sing N N 86  
GLN CA  CB   sing N N 87  
GLN CA  HA   sing N N 88  
GLN C   O    doub N N 89  
GLN C   OXT  sing N N 90  
GLN CB  CG   sing N N 91  
GLN CB  HB2  sing N N 92  
GLN CB  HB3  sing N N 93  
GLN CG  CD   sing N N 94  
GLN CG  HG2  sing N N 95  
GLN CG  HG3  sing N N 96  
GLN CD  OE1  doub N N 97  
GLN CD  NE2  sing N N 98  
GLN NE2 HE21 sing N N 99  
GLN NE2 HE22 sing N N 100 
GLN OXT HXT  sing N N 101 
GLU N   CA   sing N N 102 
GLU N   H    sing N N 103 
GLU N   H2   sing N N 104 
GLU CA  C    sing N N 105 
GLU CA  CB   sing N N 106 
GLU CA  HA   sing N N 107 
GLU C   O    doub N N 108 
GLU C   OXT  sing N N 109 
GLU CB  CG   sing N N 110 
GLU CB  HB2  sing N N 111 
GLU CB  HB3  sing N N 112 
GLU CG  CD   sing N N 113 
GLU CG  HG2  sing N N 114 
GLU CG  HG3  sing N N 115 
GLU CD  OE1  doub N N 116 
GLU CD  OE2  sing N N 117 
GLU OE2 HE2  sing N N 118 
GLU OXT HXT  sing N N 119 
GLY N   CA   sing N N 120 
GLY N   H    sing N N 121 
GLY N   H2   sing N N 122 
GLY CA  C    sing N N 123 
GLY CA  HA2  sing N N 124 
GLY CA  HA3  sing N N 125 
GLY C   O    doub N N 126 
GLY C   OXT  sing N N 127 
GLY OXT HXT  sing N N 128 
HIS N   CA   sing N N 129 
HIS N   H    sing N N 130 
HIS N   H2   sing N N 131 
HIS CA  C    sing N N 132 
HIS CA  CB   sing N N 133 
HIS CA  HA   sing N N 134 
HIS C   O    doub N N 135 
HIS C   OXT  sing N N 136 
HIS CB  CG   sing N N 137 
HIS CB  HB2  sing N N 138 
HIS CB  HB3  sing N N 139 
HIS CG  ND1  sing Y N 140 
HIS CG  CD2  doub Y N 141 
HIS ND1 CE1  doub Y N 142 
HIS ND1 HD1  sing N N 143 
HIS CD2 NE2  sing Y N 144 
HIS CD2 HD2  sing N N 145 
HIS CE1 NE2  sing Y N 146 
HIS CE1 HE1  sing N N 147 
HIS NE2 HE2  sing N N 148 
HIS OXT HXT  sing N N 149 
HOH O   H1   sing N N 150 
HOH O   H2   sing N N 151 
ILE N   CA   sing N N 152 
ILE N   H    sing N N 153 
ILE N   H2   sing N N 154 
ILE CA  C    sing N N 155 
ILE CA  CB   sing N N 156 
ILE CA  HA   sing N N 157 
ILE C   O    doub N N 158 
ILE C   OXT  sing N N 159 
ILE CB  CG1  sing N N 160 
ILE CB  CG2  sing N N 161 
ILE CB  HB   sing N N 162 
ILE CG1 CD1  sing N N 163 
ILE CG1 HG12 sing N N 164 
ILE CG1 HG13 sing N N 165 
ILE CG2 HG21 sing N N 166 
ILE CG2 HG22 sing N N 167 
ILE CG2 HG23 sing N N 168 
ILE CD1 HD11 sing N N 169 
ILE CD1 HD12 sing N N 170 
ILE CD1 HD13 sing N N 171 
ILE OXT HXT  sing N N 172 
LEU N   CA   sing N N 173 
LEU N   H    sing N N 174 
LEU N   H2   sing N N 175 
LEU CA  C    sing N N 176 
LEU CA  CB   sing N N 177 
LEU CA  HA   sing N N 178 
LEU C   O    doub N N 179 
LEU C   OXT  sing N N 180 
LEU CB  CG   sing N N 181 
LEU CB  HB2  sing N N 182 
LEU CB  HB3  sing N N 183 
LEU CG  CD1  sing N N 184 
LEU CG  CD2  sing N N 185 
LEU CG  HG   sing N N 186 
LEU CD1 HD11 sing N N 187 
LEU CD1 HD12 sing N N 188 
LEU CD1 HD13 sing N N 189 
LEU CD2 HD21 sing N N 190 
LEU CD2 HD22 sing N N 191 
LEU CD2 HD23 sing N N 192 
LEU OXT HXT  sing N N 193 
LYS N   CA   sing N N 194 
LYS N   H    sing N N 195 
LYS N   H2   sing N N 196 
LYS CA  C    sing N N 197 
LYS CA  CB   sing N N 198 
LYS CA  HA   sing N N 199 
LYS C   O    doub N N 200 
LYS C   OXT  sing N N 201 
LYS CB  CG   sing N N 202 
LYS CB  HB2  sing N N 203 
LYS CB  HB3  sing N N 204 
LYS CG  CD   sing N N 205 
LYS CG  HG2  sing N N 206 
LYS CG  HG3  sing N N 207 
LYS CD  CE   sing N N 208 
LYS CD  HD2  sing N N 209 
LYS CD  HD3  sing N N 210 
LYS CE  NZ   sing N N 211 
LYS CE  HE2  sing N N 212 
LYS CE  HE3  sing N N 213 
LYS NZ  HZ1  sing N N 214 
LYS NZ  HZ2  sing N N 215 
LYS NZ  HZ3  sing N N 216 
LYS OXT HXT  sing N N 217 
MET N   CA   sing N N 218 
MET N   H    sing N N 219 
MET N   H2   sing N N 220 
MET CA  C    sing N N 221 
MET CA  CB   sing N N 222 
MET CA  HA   sing N N 223 
MET C   O    doub N N 224 
MET C   OXT  sing N N 225 
MET CB  CG   sing N N 226 
MET CB  HB2  sing N N 227 
MET CB  HB3  sing N N 228 
MET CG  SD   sing N N 229 
MET CG  HG2  sing N N 230 
MET CG  HG3  sing N N 231 
MET SD  CE   sing N N 232 
MET CE  HE1  sing N N 233 
MET CE  HE2  sing N N 234 
MET CE  HE3  sing N N 235 
MET OXT HXT  sing N N 236 
PHE N   CA   sing N N 237 
PHE N   H    sing N N 238 
PHE N   H2   sing N N 239 
PHE CA  C    sing N N 240 
PHE CA  CB   sing N N 241 
PHE CA  HA   sing N N 242 
PHE C   O    doub N N 243 
PHE C   OXT  sing N N 244 
PHE CB  CG   sing N N 245 
PHE CB  HB2  sing N N 246 
PHE CB  HB3  sing N N 247 
PHE CG  CD1  doub Y N 248 
PHE CG  CD2  sing Y N 249 
PHE CD1 CE1  sing Y N 250 
PHE CD1 HD1  sing N N 251 
PHE CD2 CE2  doub Y N 252 
PHE CD2 HD2  sing N N 253 
PHE CE1 CZ   doub Y N 254 
PHE CE1 HE1  sing N N 255 
PHE CE2 CZ   sing Y N 256 
PHE CE2 HE2  sing N N 257 
PHE CZ  HZ   sing N N 258 
PHE OXT HXT  sing N N 259 
PRO N   CA   sing N N 260 
PRO N   CD   sing N N 261 
PRO N   H    sing N N 262 
PRO CA  C    sing N N 263 
PRO CA  CB   sing N N 264 
PRO CA  HA   sing N N 265 
PRO C   O    doub N N 266 
PRO C   OXT  sing N N 267 
PRO CB  CG   sing N N 268 
PRO CB  HB2  sing N N 269 
PRO CB  HB3  sing N N 270 
PRO CG  CD   sing N N 271 
PRO CG  HG2  sing N N 272 
PRO CG  HG3  sing N N 273 
PRO CD  HD2  sing N N 274 
PRO CD  HD3  sing N N 275 
PRO OXT HXT  sing N N 276 
SEB C   CA   sing N N 277 
SEB C   O    doub N N 278 
SEB C   OXT  sing N N 279 
SEB N   CA   sing N N 280 
SEB N   H    sing N N 281 
SEB N   H2   sing N N 282 
SEB CI2 CH2  doub Y N 283 
SEB CI2 CJ   sing Y N 284 
SEB CI2 HI2  sing N N 285 
SEB CH2 CZ   sing Y N 286 
SEB CH2 HH2  sing N N 287 
SEB CJ  CI1  doub Y N 288 
SEB CJ  HJ   sing N N 289 
SEB CI1 CH1  sing Y N 290 
SEB CI1 HI1  sing N N 291 
SEB CH1 CZ   doub Y N 292 
SEB CH1 HH1  sing N N 293 
SEB CZ  CE   sing N N 294 
SEB CE  SD   sing N N 295 
SEB CE  HE3  sing N N 296 
SEB CE  HE2  sing N N 297 
SEB OD2 SD   doub N N 298 
SEB OD1 SD   doub N N 299 
SEB SD  OG   sing N N 300 
SEB OG  CB   sing N N 301 
SEB CB  CA   sing N N 302 
SEB CB  HB3  sing N N 303 
SEB CB  HB2  sing N N 304 
SEB CA  HA   sing N N 305 
SEB OXT HXT  sing N N 306 
SER N   CA   sing N N 307 
SER N   H    sing N N 308 
SER N   H2   sing N N 309 
SER CA  C    sing N N 310 
SER CA  CB   sing N N 311 
SER CA  HA   sing N N 312 
SER C   O    doub N N 313 
SER C   OXT  sing N N 314 
SER CB  OG   sing N N 315 
SER CB  HB2  sing N N 316 
SER CB  HB3  sing N N 317 
SER OG  HG   sing N N 318 
SER OXT HXT  sing N N 319 
THR N   CA   sing N N 320 
THR N   H    sing N N 321 
THR N   H2   sing N N 322 
THR CA  C    sing N N 323 
THR CA  CB   sing N N 324 
THR CA  HA   sing N N 325 
THR C   O    doub N N 326 
THR C   OXT  sing N N 327 
THR CB  OG1  sing N N 328 
THR CB  CG2  sing N N 329 
THR CB  HB   sing N N 330 
THR OG1 HG1  sing N N 331 
THR CG2 HG21 sing N N 332 
THR CG2 HG22 sing N N 333 
THR CG2 HG23 sing N N 334 
THR OXT HXT  sing N N 335 
TRP N   CA   sing N N 336 
TRP N   H    sing N N 337 
TRP N   H2   sing N N 338 
TRP CA  C    sing N N 339 
TRP CA  CB   sing N N 340 
TRP CA  HA   sing N N 341 
TRP C   O    doub N N 342 
TRP C   OXT  sing N N 343 
TRP CB  CG   sing N N 344 
TRP CB  HB2  sing N N 345 
TRP CB  HB3  sing N N 346 
TRP CG  CD1  doub Y N 347 
TRP CG  CD2  sing Y N 348 
TRP CD1 NE1  sing Y N 349 
TRP CD1 HD1  sing N N 350 
TRP CD2 CE2  doub Y N 351 
TRP CD2 CE3  sing Y N 352 
TRP NE1 CE2  sing Y N 353 
TRP NE1 HE1  sing N N 354 
TRP CE2 CZ2  sing Y N 355 
TRP CE3 CZ3  doub Y N 356 
TRP CE3 HE3  sing N N 357 
TRP CZ2 CH2  doub Y N 358 
TRP CZ2 HZ2  sing N N 359 
TRP CZ3 CH2  sing Y N 360 
TRP CZ3 HZ3  sing N N 361 
TRP CH2 HH2  sing N N 362 
TRP OXT HXT  sing N N 363 
TYR N   CA   sing N N 364 
TYR N   H    sing N N 365 
TYR N   H2   sing N N 366 
TYR CA  C    sing N N 367 
TYR CA  CB   sing N N 368 
TYR CA  HA   sing N N 369 
TYR C   O    doub N N 370 
TYR C   OXT  sing N N 371 
TYR CB  CG   sing N N 372 
TYR CB  HB2  sing N N 373 
TYR CB  HB3  sing N N 374 
TYR CG  CD1  doub Y N 375 
TYR CG  CD2  sing Y N 376 
TYR CD1 CE1  sing Y N 377 
TYR CD1 HD1  sing N N 378 
TYR CD2 CE2  doub Y N 379 
TYR CD2 HD2  sing N N 380 
TYR CE1 CZ   doub Y N 381 
TYR CE1 HE1  sing N N 382 
TYR CE2 CZ   sing Y N 383 
TYR CE2 HE2  sing N N 384 
TYR CZ  OH   sing N N 385 
TYR OH  HH   sing N N 386 
TYR OXT HXT  sing N N 387 
VAL N   CA   sing N N 388 
VAL N   H    sing N N 389 
VAL N   H2   sing N N 390 
VAL CA  C    sing N N 391 
VAL CA  CB   sing N N 392 
VAL CA  HA   sing N N 393 
VAL C   O    doub N N 394 
VAL C   OXT  sing N N 395 
VAL CB  CG1  sing N N 396 
VAL CB  CG2  sing N N 397 
VAL CB  HB   sing N N 398 
VAL CG1 HG11 sing N N 399 
VAL CG1 HG12 sing N N 400 
VAL CG1 HG13 sing N N 401 
VAL CG2 HG21 sing N N 402 
VAL CG2 HG22 sing N N 403 
VAL CG2 HG23 sing N N 404 
VAL OXT HXT  sing N N 405 
# 
_pdbx_initial_refinement_model.accession_code   1DIN 
_pdbx_initial_refinement_model.id               1 
_pdbx_initial_refinement_model.entity_id_list   ? 
_pdbx_initial_refinement_model.type             'experimental model' 
_pdbx_initial_refinement_model.source_name      PDB 
_pdbx_initial_refinement_model.details          'DIENELACTONE HYDROLASE (WILD-TYPE)' 
# 
_atom_sites.entry_id                    1GGV 
_atom_sites.fract_transf_matrix[1][1]   0.00386131 
_atom_sites.fract_transf_matrix[1][2]   0.00101465 
_atom_sites.fract_transf_matrix[1][3]   -0.01916559 
_atom_sites.fract_transf_matrix[2][1]   -0.01889366 
_atom_sites.fract_transf_matrix[2][2]   0.00084391 
_atom_sites.fract_transf_matrix[2][3]   -0.00376184 
_atom_sites.fract_transf_matrix[3][1]   0.00039624 
_atom_sites.fract_transf_matrix[3][2]   0.01207712 
_atom_sites.fract_transf_matrix[3][3]   0.00071921 
_atom_sites.fract_transf_vector[1]      -0.287837 
_atom_sites.fract_transf_vector[2]      0.381458 
_atom_sites.fract_transf_vector[3]      0.819556 
# 
loop_
_atom_type.symbol 
C 
N 
O 
S 
# 
loop_
_atom_site.group_PDB 
_atom_site.id 
_atom_site.type_symbol 
_atom_site.label_atom_id 
_atom_site.label_alt_id 
_atom_site.label_comp_id 
_atom_site.label_asym_id 
_atom_site.label_entity_id 
_atom_site.label_seq_id 
_atom_site.pdbx_PDB_ins_code 
_atom_site.Cartn_x 
_atom_site.Cartn_y 
_atom_site.Cartn_z 
_atom_site.occupancy 
_atom_site.B_iso_or_equiv 
_atom_site.pdbx_formal_charge 
_atom_site.auth_seq_id 
_atom_site.auth_comp_id 
_atom_site.auth_asym_id 
_atom_site.auth_atom_id 
_atom_site.pdbx_PDB_model_num 
ATOM   1    N N   . MET A 1 1   ? -1.909  -12.686 -9.750  1.00 25.85 ? 1   MET A N   1 
ATOM   2    C CA  . MET A 1 1   ? -2.187  -12.540 -11.200 1.00 17.75 ? 1   MET A CA  1 
ATOM   3    C C   . MET A 1 1   ? -1.812  -11.124 -11.646 1.00 17.70 ? 1   MET A C   1 
ATOM   4    O O   . MET A 1 1   ? -1.751  -10.198 -10.829 1.00 19.95 ? 1   MET A O   1 
ATOM   5    C CB  . MET A 1 1   ? -3.675  -12.803 -11.468 1.00 18.99 ? 1   MET A CB  1 
ATOM   6    N N   . LEU A 1 2   ? -1.494  -10.976 -12.924 1.00 14.04 ? 2   LEU A N   1 
ATOM   7    C CA  . LEU A 1 2   ? -1.163  -9.680  -13.497 1.00 12.45 ? 2   LEU A CA  1 
ATOM   8    C C   . LEU A 1 2   ? -1.992  -9.608  -14.766 1.00 13.54 ? 2   LEU A C   1 
ATOM   9    O O   . LEU A 1 2   ? -2.345  -10.637 -15.337 1.00 21.67 ? 2   LEU A O   1 
ATOM   10   C CB  . LEU A 1 2   ? 0.319   -9.586  -13.854 1.00 4.01  ? 2   LEU A CB  1 
ATOM   11   C CG  . LEU A 1 2   ? 1.360   -9.606  -12.744 1.00 2.00  ? 2   LEU A CG  1 
ATOM   12   C CD1 . LEU A 1 2   ? 2.754   -9.538  -13.340 1.00 2.00  ? 2   LEU A CD1 1 
ATOM   13   C CD2 . LEU A 1 2   ? 1.144   -8.459  -11.777 1.00 8.61  ? 2   LEU A CD2 1 
ATOM   14   N N   . THR A 1 3   ? -2.359  -8.408  -15.175 1.00 13.88 ? 3   THR A N   1 
ATOM   15   C CA  . THR A 1 3   ? -3.133  -8.230  -16.390 1.00 9.75  ? 3   THR A CA  1 
ATOM   16   C C   . THR A 1 3   ? -2.207  -8.403  -17.613 1.00 11.93 ? 3   THR A C   1 
ATOM   17   O O   . THR A 1 3   ? -1.096  -7.860  -17.677 1.00 10.65 ? 3   THR A O   1 
ATOM   18   C CB  . THR A 1 3   ? -3.798  -6.842  -16.384 1.00 5.65  ? 3   THR A CB  1 
ATOM   19   O OG1 . THR A 1 3   ? -4.666  -6.758  -15.254 1.00 11.53 ? 3   THR A OG1 1 
ATOM   20   C CG2 . THR A 1 3   ? -4.605  -6.599  -17.636 1.00 5.24  ? 3   THR A CG2 1 
ATOM   21   N N   . GLU A 1 4   ? -2.675  -9.171  -18.582 1.00 9.68  ? 4   GLU A N   1 
ATOM   22   C CA  . GLU A 1 4   ? -1.909  -9.422  -19.781 1.00 11.13 ? 4   GLU A CA  1 
ATOM   23   C C   . GLU A 1 4   ? -1.814  -8.178  -20.633 1.00 8.08  ? 4   GLU A C   1 
ATOM   24   O O   . GLU A 1 4   ? -2.818  -7.514  -20.908 1.00 10.76 ? 4   GLU A O   1 
ATOM   25   C CB  . GLU A 1 4   ? -2.526  -10.607 -20.584 1.00 16.78 ? 4   GLU A CB  1 
ATOM   26   N N   . GLY A 1 5   ? -0.589  -7.854  -21.022 1.00 9.89  ? 5   GLY A N   1 
ATOM   27   C CA  . GLY A 1 5   ? -0.355  -6.693  -21.847 1.00 11.56 ? 5   GLY A CA  1 
ATOM   28   C C   . GLY A 1 5   ? 0.052   -5.436  -21.101 1.00 16.30 ? 5   GLY A C   1 
ATOM   29   O O   . GLY A 1 5   ? 0.560   -4.511  -21.724 1.00 24.68 ? 5   GLY A O   1 
ATOM   30   N N   . ILE A 1 6   ? -0.155  -5.363  -19.789 1.00 16.42 ? 6   ILE A N   1 
ATOM   31   C CA  . ILE A 1 6   ? 0.209   -4.143  -19.062 1.00 11.47 ? 6   ILE A CA  1 
ATOM   32   C C   . ILE A 1 6   ? 1.701   -4.122  -18.830 1.00 13.29 ? 6   ILE A C   1 
ATOM   33   O O   . ILE A 1 6   ? 2.284   -5.120  -18.393 1.00 11.92 ? 6   ILE A O   1 
ATOM   34   C CB  . ILE A 1 6   ? -0.540  -4.025  -17.737 1.00 8.07  ? 6   ILE A CB  1 
ATOM   35   C CG1 . ILE A 1 6   ? -2.027  -4.208  -17.997 1.00 4.46  ? 6   ILE A CG1 1 
ATOM   36   C CG2 . ILE A 1 6   ? -0.296  -2.658  -17.101 1.00 2.00  ? 6   ILE A CG2 1 
ATOM   37   C CD1 . ILE A 1 6   ? -2.578  -3.193  -18.947 1.00 2.53  ? 6   ILE A CD1 1 
ATOM   38   N N   . SER A 1 7   ? 2.315   -2.992  -19.161 1.00 13.89 ? 7   SER A N   1 
ATOM   39   C CA  . SER A 1 7   ? 3.749   -2.823  -19.041 1.00 14.60 ? 7   SER A CA  1 
ATOM   40   C C   . SER A 1 7   ? 4.024   -1.378  -18.668 1.00 11.66 ? 7   SER A C   1 
ATOM   41   O O   . SER A 1 7   ? 3.666   -0.454  -19.400 1.00 12.30 ? 7   SER A O   1 
ATOM   42   C CB  . SER A 1 7   ? 4.411   -3.167  -20.377 1.00 19.85 ? 7   SER A CB  1 
ATOM   43   O OG  . SER A 1 7   ? 5.828   -3.135  -20.307 1.00 32.35 ? 7   SER A OG  1 
ATOM   44   N N   . ILE A 1 8   ? 4.618   -1.199  -17.493 1.00 12.99 ? 8   ILE A N   1 
ATOM   45   C CA  . ILE A 1 8   ? 4.953   0.109   -16.947 1.00 9.96  ? 8   ILE A CA  1 
ATOM   46   C C   . ILE A 1 8   ? 6.467   0.167   -16.907 1.00 10.95 ? 8   ILE A C   1 
ATOM   47   O O   . ILE A 1 8   ? 7.126   -0.830  -16.594 1.00 11.72 ? 8   ILE A O   1 
ATOM   48   C CB  . ILE A 1 8   ? 4.376   0.274   -15.520 1.00 10.36 ? 8   ILE A CB  1 
ATOM   49   C CG1 . ILE A 1 8   ? 2.870   -0.004  -15.543 1.00 6.22  ? 8   ILE A CG1 1 
ATOM   50   C CG2 . ILE A 1 8   ? 4.661   1.674   -14.986 1.00 5.19  ? 8   ILE A CG2 1 
ATOM   51   C CD1 . ILE A 1 8   ? 2.169   0.209   -14.225 1.00 9.04  ? 8   ILE A CD1 1 
ATOM   52   N N   . GLN A 1 9   ? 7.025   1.314   -17.269 1.00 12.38 ? 9   GLN A N   1 
ATOM   53   C CA  . GLN A 1 9   ? 8.471   1.453   -17.291 1.00 13.89 ? 9   GLN A CA  1 
ATOM   54   C C   . GLN A 1 9   ? 9.048   2.551   -16.399 1.00 13.26 ? 9   GLN A C   1 
ATOM   55   O O   . GLN A 1 9   ? 8.540   3.675   -16.366 1.00 11.82 ? 9   GLN A O   1 
ATOM   56   C CB  . GLN A 1 9   ? 8.962   1.658   -18.718 1.00 9.43  ? 9   GLN A CB  1 
ATOM   57   C CG  . GLN A 1 9   ? 10.447  1.856   -18.760 1.00 18.72 ? 9   GLN A CG  1 
ATOM   58   C CD  . GLN A 1 9   ? 10.965  1.950   -20.149 1.00 25.88 ? 9   GLN A CD  1 
ATOM   59   O OE1 . GLN A 1 9   ? 10.628  2.882   -20.890 1.00 30.77 ? 9   GLN A OE1 1 
ATOM   60   N NE2 . GLN A 1 9   ? 11.794  0.986   -20.531 1.00 29.94 ? 9   GLN A NE2 1 
ATOM   61   N N   . SER A 1 10  ? 10.112  2.197   -15.681 1.00 13.14 ? 10  SER A N   1 
ATOM   62   C CA  . SER A 1 10  ? 10.809  3.109   -14.795 1.00 12.99 ? 10  SER A CA  1 
ATOM   63   C C   . SER A 1 10  ? 11.893  3.893   -15.511 1.00 11.04 ? 10  SER A C   1 
ATOM   64   O O   . SER A 1 10  ? 12.481  3.422   -16.476 1.00 6.09  ? 10  SER A O   1 
ATOM   65   C CB  . SER A 1 10  ? 11.441  2.336   -13.655 1.00 11.76 ? 10  SER A CB  1 
ATOM   66   O OG  . SER A 1 10  ? 10.433  1.783   -12.849 1.00 21.97 ? 10  SER A OG  1 
ATOM   67   N N   . TYR A 1 11  ? 12.187  5.070   -14.972 1.00 13.83 ? 11  TYR A N   1 
ATOM   68   C CA  . TYR A 1 11  ? 13.209  5.955   -15.505 1.00 12.55 ? 11  TYR A CA  1 
ATOM   69   C C   . TYR A 1 11  ? 14.509  5.226   -15.830 1.00 13.29 ? 11  TYR A C   1 
ATOM   70   O O   . TYR A 1 11  ? 15.161  5.547   -16.810 1.00 15.90 ? 11  TYR A O   1 
ATOM   71   C CB  . TYR A 1 11  ? 13.477  7.109   -14.523 1.00 11.48 ? 11  TYR A CB  1 
ATOM   72   C CG  . TYR A 1 11  ? 12.484  8.253   -14.623 1.00 9.11  ? 11  TYR A CG  1 
ATOM   73   C CD1 . TYR A 1 11  ? 11.788  8.689   -13.513 1.00 6.63  ? 11  TYR A CD1 1 
ATOM   74   C CD2 . TYR A 1 11  ? 12.244  8.898   -15.845 1.00 15.20 ? 11  TYR A CD2 1 
ATOM   75   C CE1 . TYR A 1 11  ? 10.877  9.733   -13.597 1.00 8.57  ? 11  TYR A CE1 1 
ATOM   76   C CE2 . TYR A 1 11  ? 11.330  9.951   -15.943 1.00 11.70 ? 11  TYR A CE2 1 
ATOM   77   C CZ  . TYR A 1 11  ? 10.652  10.364  -14.811 1.00 10.46 ? 11  TYR A CZ  1 
ATOM   78   O OH  . TYR A 1 11  ? 9.772   11.425  -14.874 1.00 11.39 ? 11  TYR A OH  1 
ATOM   79   N N   . ASP A 1 12  ? 14.872  4.230   -15.028 1.00 16.87 ? 12  ASP A N   1 
ATOM   80   C CA  . ASP A 1 12  ? 16.101  3.470   -15.263 1.00 16.02 ? 12  ASP A CA  1 
ATOM   81   C C   . ASP A 1 12  ? 15.973  2.435   -16.393 1.00 17.19 ? 12  ASP A C   1 
ATOM   82   O O   . ASP A 1 12  ? 16.911  1.704   -16.671 1.00 20.58 ? 12  ASP A O   1 
ATOM   83   C CB  . ASP A 1 12  ? 16.564  2.788   -13.973 1.00 13.29 ? 12  ASP A CB  1 
ATOM   84   C CG  . ASP A 1 12  ? 15.635  1.669   -13.517 1.00 17.59 ? 12  ASP A CG  1 
ATOM   85   O OD1 . ASP A 1 12  ? 16.088  0.834   -12.698 1.00 17.66 ? 12  ASP A OD1 1 
ATOM   86   O OD2 . ASP A 1 12  ? 14.465  1.615   -13.952 1.00 18.48 ? 12  ASP A OD2 1 
ATOM   87   N N   . GLY A 1 13  ? 14.793  2.330   -16.984 1.00 12.27 ? 13  GLY A N   1 
ATOM   88   C CA  . GLY A 1 13  ? 14.600  1.401   -18.072 1.00 14.02 ? 13  GLY A CA  1 
ATOM   89   C C   . GLY A 1 13  ? 13.845  0.138   -17.740 1.00 16.14 ? 13  GLY A C   1 
ATOM   90   O O   . GLY A 1 13  ? 13.253  -0.489  -18.613 1.00 17.71 ? 13  GLY A O   1 
ATOM   91   N N   . HIS A 1 14  ? 13.897  -0.269  -16.484 1.00 17.17 ? 14  HIS A N   1 
ATOM   92   C CA  . HIS A 1 14  ? 13.205  -1.477  -16.053 1.00 15.58 ? 14  HIS A CA  1 
ATOM   93   C C   . HIS A 1 14  ? 11.698  -1.371  -16.301 1.00 14.78 ? 14  HIS A C   1 
ATOM   94   O O   . HIS A 1 14  ? 11.109  -0.302  -16.137 1.00 13.41 ? 14  HIS A O   1 
ATOM   95   C CB  . HIS A 1 14  ? 13.470  -1.704  -14.559 1.00 13.99 ? 14  HIS A CB  1 
ATOM   96   C CG  . HIS A 1 14  ? 12.782  -2.907  -13.992 1.00 8.72  ? 14  HIS A CG  1 
ATOM   97   N ND1 . HIS A 1 14  ? 11.794  -2.815  -13.036 1.00 8.64  ? 14  HIS A ND1 1 
ATOM   98   C CD2 . HIS A 1 14  ? 12.983  -4.227  -14.198 1.00 7.85  ? 14  HIS A CD2 1 
ATOM   99   C CE1 . HIS A 1 14  ? 11.423  -4.027  -12.670 1.00 7.41  ? 14  HIS A CE1 1 
ATOM   100  N NE2 . HIS A 1 14  ? 12.127  -4.901  -13.363 1.00 10.11 ? 14  HIS A NE2 1 
ATOM   101  N N   . THR A 1 15  ? 11.092  -2.458  -16.753 1.00 13.66 ? 15  THR A N   1 
ATOM   102  C CA  . THR A 1 15  ? 9.659   -2.454  -16.967 1.00 15.45 ? 15  THR A CA  1 
ATOM   103  C C   . THR A 1 15  ? 9.071   -3.582  -16.113 1.00 14.69 ? 15  THR A C   1 
ATOM   104  O O   . THR A 1 15  ? 9.761   -4.560  -15.795 1.00 11.73 ? 15  THR A O   1 
ATOM   105  C CB  . THR A 1 15  ? 9.273   -2.618  -18.456 1.00 15.04 ? 15  THR A CB  1 
ATOM   106  O OG1 . THR A 1 15  ? 9.321   -4.000  -18.827 1.00 19.79 ? 15  THR A OG1 1 
ATOM   107  C CG2 . THR A 1 15  ? 10.215  -1.828  -19.344 1.00 16.37 ? 15  THR A CG2 1 
ATOM   108  N N   . PHE A 1 16  ? 7.829   -3.406  -15.674 1.00 13.60 ? 16  PHE A N   1 
ATOM   109  C CA  . PHE A 1 16  ? 7.170   -4.403  -14.839 1.00 11.03 ? 16  PHE A CA  1 
ATOM   110  C C   . PHE A 1 16  ? 5.688   -4.425  -15.154 1.00 9.68  ? 16  PHE A C   1 
ATOM   111  O O   . PHE A 1 16  ? 5.141   -3.465  -15.705 1.00 11.24 ? 16  PHE A O   1 
ATOM   112  C CB  . PHE A 1 16  ? 7.381   -4.075  -13.364 1.00 9.66  ? 16  PHE A CB  1 
ATOM   113  C CG  . PHE A 1 16  ? 7.082   -2.647  -13.022 1.00 8.16  ? 16  PHE A CG  1 
ATOM   114  C CD1 . PHE A 1 16  ? 8.041   -1.664  -13.216 1.00 2.00  ? 16  PHE A CD1 1 
ATOM   115  C CD2 . PHE A 1 16  ? 5.844   -2.290  -12.506 1.00 5.77  ? 16  PHE A CD2 1 
ATOM   116  C CE1 . PHE A 1 16  ? 7.773   -0.346  -12.901 1.00 8.65  ? 16  PHE A CE1 1 
ATOM   117  C CE2 . PHE A 1 16  ? 5.565   -0.964  -12.182 1.00 6.32  ? 16  PHE A CE2 1 
ATOM   118  C CZ  . PHE A 1 16  ? 6.533   0.011   -12.380 1.00 5.42  ? 16  PHE A CZ  1 
ATOM   119  N N   . GLY A 1 17  ? 5.041   -5.522  -14.800 1.00 6.76  ? 17  GLY A N   1 
ATOM   120  C CA  . GLY A 1 17  ? 3.628   -5.648  -15.070 1.00 3.38  ? 17  GLY A CA  1 
ATOM   121  C C   . GLY A 1 17  ? 2.799   -5.187  -13.901 1.00 4.88  ? 17  GLY A C   1 
ATOM   122  O O   . GLY A 1 17  ? 3.324   -4.721  -12.884 1.00 7.62  ? 17  GLY A O   1 
ATOM   123  N N   . ALA A 1 18  ? 1.496   -5.352  -14.032 1.00 4.55  ? 18  ALA A N   1 
ATOM   124  C CA  . ALA A 1 18  ? 0.578   -4.950  -12.994 1.00 8.08  ? 18  ALA A CA  1 
ATOM   125  C C   . ALA A 1 18  ? -0.783  -5.627  -13.170 1.00 9.61  ? 18  ALA A C   1 
ATOM   126  O O   . ALA A 1 18  ? -1.140  -6.069  -14.273 1.00 9.11  ? 18  ALA A O   1 
ATOM   127  C CB  . ALA A 1 18  ? 0.425   -3.422  -13.018 1.00 6.04  ? 18  ALA A CB  1 
ATOM   128  N N   . LEU A 1 19  ? -1.480  -5.808  -12.050 1.00 9.29  ? 19  LEU A N   1 
ATOM   129  C CA  . LEU A 1 19  ? -2.831  -6.358  -12.049 1.00 5.92  ? 19  LEU A CA  1 
ATOM   130  C C   . LEU A 1 19  ? -3.697  -5.090  -12.048 1.00 8.71  ? 19  LEU A C   1 
ATOM   131  O O   . LEU A 1 19  ? -3.640  -4.268  -11.117 1.00 6.07  ? 19  LEU A O   1 
ATOM   132  C CB  . LEU A 1 19  ? -3.085  -7.177  -10.794 1.00 3.42  ? 19  LEU A CB  1 
ATOM   133  C CG  . LEU A 1 19  ? -4.547  -7.557  -10.601 1.00 5.32  ? 19  LEU A CG  1 
ATOM   134  C CD1 . LEU A 1 19  ? -4.994  -8.443  -11.720 1.00 2.00  ? 19  LEU A CD1 1 
ATOM   135  C CD2 . LEU A 1 19  ? -4.728  -8.254  -9.287  1.00 6.76  ? 19  LEU A CD2 1 
ATOM   136  N N   . VAL A 1 20  ? -4.413  -4.881  -13.142 1.00 9.82  ? 20  VAL A N   1 
ATOM   137  C CA  . VAL A 1 20  ? -5.245  -3.704  -13.306 1.00 10.35 ? 20  VAL A CA  1 
ATOM   138  C C   . VAL A 1 20  ? -6.732  -4.049  -13.126 1.00 13.03 ? 20  VAL A C   1 
ATOM   139  O O   . VAL A 1 20  ? -7.145  -5.186  -13.396 1.00 12.65 ? 20  VAL A O   1 
ATOM   140  C CB  . VAL A 1 20  ? -4.972  -3.080  -14.713 1.00 11.49 ? 20  VAL A CB  1 
ATOM   141  C CG1 . VAL A 1 20  ? -5.985  -1.999  -15.050 1.00 7.78  ? 20  VAL A CG1 1 
ATOM   142  C CG2 . VAL A 1 20  ? -3.552  -2.488  -14.759 1.00 8.52  ? 20  VAL A CG2 1 
ATOM   143  N N   . GLY A 1 21  ? -7.506  -3.093  -12.601 1.00 11.10 ? 21  GLY A N   1 
ATOM   144  C CA  . GLY A 1 21  ? -8.940  -3.269  -12.416 1.00 4.86  ? 21  GLY A CA  1 
ATOM   145  C C   . GLY A 1 21  ? -9.598  -1.993  -12.920 1.00 9.78  ? 21  GLY A C   1 
ATOM   146  O O   . GLY A 1 21  ? -9.460  -0.939  -12.292 1.00 9.91  ? 21  GLY A O   1 
ATOM   147  N N   . SER A 1 22  ? -10.243 -2.041  -14.085 1.00 11.85 ? 22  SER A N   1 
ATOM   148  C CA  . SER A 1 22  ? -10.884 -0.842  -14.636 1.00 12.67 ? 22  SER A CA  1 
ATOM   149  C C   . SER A 1 22  ? -12.167 -0.496  -13.860 1.00 13.11 ? 22  SER A C   1 
ATOM   150  O O   . SER A 1 22  ? -12.836 -1.377  -13.312 1.00 14.14 ? 22  SER A O   1 
ATOM   151  C CB  . SER A 1 22  ? -11.170 -1.026  -16.126 1.00 6.88  ? 22  SER A CB  1 
ATOM   152  O OG  . SER A 1 22  ? -12.006 -2.138  -16.321 1.00 14.16 ? 22  SER A OG  1 
ATOM   153  N N   . PRO A 1 23  ? -12.538 0.790   -13.815 1.00 12.31 ? 23  PRO A N   1 
ATOM   154  C CA  . PRO A 1 23  ? -13.753 1.122   -13.067 1.00 10.20 ? 23  PRO A CA  1 
ATOM   155  C C   . PRO A 1 23  ? -15.045 0.785   -13.805 1.00 10.35 ? 23  PRO A C   1 
ATOM   156  O O   . PRO A 1 23  ? -15.063 0.578   -15.019 1.00 11.41 ? 23  PRO A O   1 
ATOM   157  C CB  . PRO A 1 23  ? -13.604 2.625   -12.846 1.00 3.96  ? 23  PRO A CB  1 
ATOM   158  C CG  . PRO A 1 23  ? -12.988 3.057   -14.136 1.00 10.70 ? 23  PRO A CG  1 
ATOM   159  C CD  . PRO A 1 23  ? -11.961 1.988   -14.457 1.00 6.47  ? 23  PRO A CD  1 
ATOM   160  N N   . ALA A 1 24  ? -16.135 0.750   -13.058 1.00 10.59 ? 24  ALA A N   1 
ATOM   161  C CA  . ALA A 1 24  ? -17.441 0.472   -13.631 1.00 12.42 ? 24  ALA A CA  1 
ATOM   162  C C   . ALA A 1 24  ? -17.893 1.580   -14.573 1.00 12.25 ? 24  ALA A C   1 
ATOM   163  O O   . ALA A 1 24  ? -18.475 1.309   -15.623 1.00 21.01 ? 24  ALA A O   1 
ATOM   164  C CB  . ALA A 1 24  ? -18.458 0.287   -12.531 1.00 9.56  ? 24  ALA A CB  1 
ATOM   165  N N   . LYS A 1 25  ? -17.613 2.822   -14.201 1.00 14.27 ? 25  LYS A N   1 
ATOM   166  C CA  . LYS A 1 25  ? -18.003 3.989   -14.985 1.00 17.36 ? 25  LYS A CA  1 
ATOM   167  C C   . LYS A 1 25  ? -16.817 4.936   -14.990 1.00 18.70 ? 25  LYS A C   1 
ATOM   168  O O   . LYS A 1 25  ? -16.017 4.918   -14.062 1.00 22.19 ? 25  LYS A O   1 
ATOM   169  C CB  . LYS A 1 25  ? -19.211 4.662   -14.339 1.00 12.10 ? 25  LYS A CB  1 
ATOM   170  N N   . ALA A 1 26  ? -16.688 5.753   -16.026 1.00 18.87 ? 26  ALA A N   1 
ATOM   171  C CA  . ALA A 1 26  ? -15.565 6.680   -16.097 1.00 16.58 ? 26  ALA A CA  1 
ATOM   172  C C   . ALA A 1 26  ? -16.030 8.113   -16.253 1.00 17.45 ? 26  ALA A C   1 
ATOM   173  O O   . ALA A 1 26  ? -17.182 8.366   -16.600 1.00 17.69 ? 26  ALA A O   1 
ATOM   174  C CB  . ALA A 1 26  ? -14.647 6.311   -17.237 1.00 18.26 ? 26  ALA A CB  1 
ATOM   175  N N   . PRO A 1 27  ? -15.160 9.075   -15.923 1.00 16.93 ? 27  PRO A N   1 
ATOM   176  C CA  . PRO A 1 27  ? -13.807 8.838   -15.423 1.00 15.13 ? 27  PRO A CA  1 
ATOM   177  C C   . PRO A 1 27  ? -13.852 8.579   -13.922 1.00 15.93 ? 27  PRO A C   1 
ATOM   178  O O   . PRO A 1 27  ? -14.827 8.936   -13.254 1.00 13.91 ? 27  PRO A O   1 
ATOM   179  C CB  . PRO A 1 27  ? -13.104 10.147  -15.745 1.00 16.86 ? 27  PRO A CB  1 
ATOM   180  C CG  . PRO A 1 27  ? -14.167 11.139  -15.504 1.00 17.08 ? 27  PRO A CG  1 
ATOM   181  C CD  . PRO A 1 27  ? -15.384 10.512  -16.153 1.00 16.80 ? 27  PRO A CD  1 
ATOM   182  N N   . ALA A 1 28  ? -12.785 7.981   -13.399 1.00 15.18 ? 28  ALA A N   1 
ATOM   183  C CA  . ALA A 1 28  ? -12.697 7.661   -11.987 1.00 11.77 ? 28  ALA A CA  1 
ATOM   184  C C   . ALA A 1 28  ? -11.263 7.827   -11.504 1.00 13.91 ? 28  ALA A C   1 
ATOM   185  O O   . ALA A 1 28  ? -10.332 7.803   -12.319 1.00 16.37 ? 28  ALA A O   1 
ATOM   186  C CB  . ALA A 1 28  ? -13.154 6.230   -11.764 1.00 12.35 ? 28  ALA A CB  1 
ATOM   187  N N   . PRO A 1 29  ? -11.076 8.111   -10.191 1.00 12.00 ? 29  PRO A N   1 
ATOM   188  C CA  . PRO A 1 29  ? -9.745  8.280   -9.596  1.00 11.21 ? 29  PRO A CA  1 
ATOM   189  C C   . PRO A 1 29  ? -9.100  6.907   -9.545  1.00 9.81  ? 29  PRO A C   1 
ATOM   190  O O   . PRO A 1 29  ? -9.786  5.901   -9.361  1.00 12.33 ? 29  PRO A O   1 
ATOM   191  C CB  . PRO A 1 29  ? -10.058 8.783   -8.184  1.00 6.20  ? 29  PRO A CB  1 
ATOM   192  C CG  . PRO A 1 29  ? -11.348 8.138   -7.891  1.00 7.83  ? 29  PRO A CG  1 
ATOM   193  C CD  . PRO A 1 29  ? -12.118 8.336   -9.172  1.00 7.35  ? 29  PRO A CD  1 
ATOM   194  N N   . VAL A 1 30  ? -7.791  6.852   -9.709  1.00 9.39  ? 30  VAL A N   1 
ATOM   195  C CA  . VAL A 1 30  ? -7.108  5.576   -9.695  1.00 10.17 ? 30  VAL A CA  1 
ATOM   196  C C   . VAL A 1 30  ? -6.356  5.335   -8.384  1.00 13.31 ? 30  VAL A C   1 
ATOM   197  O O   . VAL A 1 30  ? -5.678  6.237   -7.876  1.00 15.09 ? 30  VAL A O   1 
ATOM   198  C CB  . VAL A 1 30  ? -6.154  5.496   -10.893 1.00 10.83 ? 30  VAL A CB  1 
ATOM   199  C CG1 . VAL A 1 30  ? -5.638  4.070   -11.073 1.00 6.77  ? 30  VAL A CG1 1 
ATOM   200  C CG2 . VAL A 1 30  ? -6.877  6.008   -12.151 1.00 10.80 ? 30  VAL A CG2 1 
ATOM   201  N N   . ILE A 1 31  ? -6.492  4.128   -7.828  1.00 12.53 ? 31  ILE A N   1 
ATOM   202  C CA  . ILE A 1 31  ? -5.809  3.783   -6.585  1.00 8.11  ? 31  ILE A CA  1 
ATOM   203  C C   . ILE A 1 31  ? -4.676  2.816   -6.876  1.00 9.06  ? 31  ILE A C   1 
ATOM   204  O O   . ILE A 1 31  ? -4.914  1.704   -7.349  1.00 5.77  ? 31  ILE A O   1 
ATOM   205  C CB  . ILE A 1 31  ? -6.757  3.124   -5.550  1.00 7.71  ? 31  ILE A CB  1 
ATOM   206  C CG1 . ILE A 1 31  ? -7.980  4.017   -5.289  1.00 7.59  ? 31  ILE A CG1 1 
ATOM   207  C CG2 . ILE A 1 31  ? -6.009  2.884   -4.229  1.00 2.00  ? 31  ILE A CG2 1 
ATOM   208  C CD1 . ILE A 1 31  ? -7.664  5.483   -5.002  1.00 12.03 ? 31  ILE A CD1 1 
ATOM   209  N N   . VAL A 1 32  ? -3.442  3.262   -6.649  1.00 7.86  ? 32  VAL A N   1 
ATOM   210  C CA  . VAL A 1 32  ? -2.262  2.418   -6.860  1.00 6.57  ? 32  VAL A CA  1 
ATOM   211  C C   . VAL A 1 32  ? -2.090  1.646   -5.541  1.00 6.19  ? 32  VAL A C   1 
ATOM   212  O O   . VAL A 1 32  ? -2.013  2.249   -4.480  1.00 5.51  ? 32  VAL A O   1 
ATOM   213  C CB  . VAL A 1 32  ? -0.993  3.292   -7.212  1.00 4.26  ? 32  VAL A CB  1 
ATOM   214  C CG1 . VAL A 1 32  ? 0.241   2.438   -7.335  1.00 5.10  ? 32  VAL A CG1 1 
ATOM   215  C CG2 . VAL A 1 32  ? -1.209  4.033   -8.519  1.00 2.00  ? 32  VAL A CG2 1 
ATOM   216  N N   . ILE A 1 33  ? -2.104  0.320   -5.605  1.00 6.22  ? 33  ILE A N   1 
ATOM   217  C CA  . ILE A 1 33  ? -1.991  -0.531  -4.423  1.00 4.68  ? 33  ILE A CA  1 
ATOM   218  C C   . ILE A 1 33  ? -0.578  -1.044  -4.259  1.00 8.41  ? 33  ILE A C   1 
ATOM   219  O O   . ILE A 1 33  ? -0.044  -1.691  -5.176  1.00 7.83  ? 33  ILE A O   1 
ATOM   220  C CB  . ILE A 1 33  ? -2.911  -1.765  -4.550  1.00 6.28  ? 33  ILE A CB  1 
ATOM   221  C CG1 . ILE A 1 33  ? -4.350  -1.330  -4.747  1.00 5.58  ? 33  ILE A CG1 1 
ATOM   222  C CG2 . ILE A 1 33  ? -2.808  -2.662  -3.333  1.00 5.76  ? 33  ILE A CG2 1 
ATOM   223  C CD1 . ILE A 1 33  ? -5.001  -2.106  -5.829  1.00 12.16 ? 33  ILE A CD1 1 
ATOM   224  N N   . ALA A 1 34  ? 0.023   -0.758  -3.099  1.00 10.88 ? 34  ALA A N   1 
ATOM   225  C CA  . ALA A 1 34  ? 1.379   -1.205  -2.777  1.00 8.26  ? 34  ALA A CA  1 
ATOM   226  C C   . ALA A 1 34  ? 1.242   -2.489  -1.964  1.00 7.39  ? 34  ALA A C   1 
ATOM   227  O O   . ALA A 1 34  ? 0.577   -2.527  -0.940  1.00 8.80  ? 34  ALA A O   1 
ATOM   228  C CB  . ALA A 1 34  ? 2.137   -0.149  -2.013  1.00 3.50  ? 34  ALA A CB  1 
ATOM   229  N N   . GLN A 1 35  ? 1.848   -3.542  -2.491  1.00 10.33 ? 35  GLN A N   1 
ATOM   230  C CA  . GLN A 1 35  ? 1.827   -4.892  -1.946  1.00 10.67 ? 35  GLN A CA  1 
ATOM   231  C C   . GLN A 1 35  ? 2.519   -5.131  -0.601  1.00 9.46  ? 35  GLN A C   1 
ATOM   232  O O   . GLN A 1 35  ? 3.182   -4.259  -0.053  1.00 10.89 ? 35  GLN A O   1 
ATOM   233  C CB  . GLN A 1 35  ? 2.481   -5.818  -2.976  1.00 6.08  ? 35  GLN A CB  1 
ATOM   234  C CG  . GLN A 1 35  ? 3.945   -5.475  -3.182  1.00 8.54  ? 35  GLN A CG  1 
ATOM   235  C CD  . GLN A 1 35  ? 4.667   -6.450  -4.052  1.00 7.56  ? 35  GLN A CD  1 
ATOM   236  O OE1 . GLN A 1 35  ? 4.536   -6.422  -5.261  1.00 15.86 ? 35  GLN A OE1 1 
ATOM   237  N NE2 . GLN A 1 35  ? 5.449   -7.325  -3.443  1.00 16.79 ? 35  GLN A NE2 1 
ATOM   238  N N   . GLU A 1 36  ? 2.314   -6.330  -0.070  1.00 7.70  ? 36  GLU A N   1 
ATOM   239  C CA  . GLU A 1 36  ? 2.976   -6.775  1.145   1.00 6.19  ? 36  GLU A CA  1 
ATOM   240  C C   . GLU A 1 36  ? 4.218   -7.527  0.603   1.00 7.83  ? 36  GLU A C   1 
ATOM   241  O O   . GLU A 1 36  ? 4.591   -7.377  -0.572  1.00 10.44 ? 36  GLU A O   1 
ATOM   242  C CB  . GLU A 1 36  ? 2.075   -7.743  1.931   1.00 8.02  ? 36  GLU A CB  1 
ATOM   243  C CG  . GLU A 1 36  ? 0.633   -7.238  2.189   1.00 8.19  ? 36  GLU A CG  1 
ATOM   244  C CD  . GLU A 1 36  ? -0.202  -8.243  2.977   1.00 7.16  ? 36  GLU A CD  1 
ATOM   245  O OE1 . GLU A 1 36  ? -0.355  -9.385  2.497   1.00 11.46 ? 36  GLU A OE1 1 
ATOM   246  O OE2 . GLU A 1 36  ? -0.720  -7.894  4.064   1.00 15.06 ? 36  GLU A OE2 1 
ATOM   247  N N   . ILE A 1 37  ? 4.829   -8.388  1.402   1.00 4.64  ? 37  ILE A N   1 
ATOM   248  C CA  . ILE A 1 37  ? 6.001   -9.087  0.909   1.00 5.33  ? 37  ILE A CA  1 
ATOM   249  C C   . ILE A 1 37  ? 5.692   -10.366 0.133   1.00 6.46  ? 37  ILE A C   1 
ATOM   250  O O   . ILE A 1 37  ? 6.593   -11.134 -0.183  1.00 8.75  ? 37  ILE A O   1 
ATOM   251  C CB  . ILE A 1 37  ? 6.983   -9.400  2.060   1.00 8.71  ? 37  ILE A CB  1 
ATOM   252  C CG1 . ILE A 1 37  ? 6.409   -10.462 2.994   1.00 3.20  ? 37  ILE A CG1 1 
ATOM   253  C CG2 . ILE A 1 37  ? 7.304   -8.129  2.824   1.00 2.00  ? 37  ILE A CG2 1 
ATOM   254  C CD1 . ILE A 1 37  ? 7.379   -10.949 4.023   1.00 4.65  ? 37  ILE A CD1 1 
ATOM   255  N N   . PHE A 1 38  ? 4.427   -10.567 -0.216  1.00 9.01  ? 38  PHE A N   1 
ATOM   256  C CA  . PHE A 1 38  ? 4.003   -11.774 -0.920  1.00 7.10  ? 38  PHE A CA  1 
ATOM   257  C C   . PHE A 1 38  ? 3.663   -11.551 -2.403  1.00 8.87  ? 38  PHE A C   1 
ATOM   258  O O   . PHE A 1 38  ? 3.053   -12.403 -3.047  1.00 10.53 ? 38  PHE A O   1 
ATOM   259  C CB  . PHE A 1 38  ? 2.812   -12.420 -0.169  1.00 9.21  ? 38  PHE A CB  1 
ATOM   260  C CG  . PHE A 1 38  ? 3.120   -12.771 1.286   1.00 15.34 ? 38  PHE A CG  1 
ATOM   261  C CD1 . PHE A 1 38  ? 3.863   -13.912 1.607   1.00 11.04 ? 38  PHE A CD1 1 
ATOM   262  C CD2 . PHE A 1 38  ? 2.750   -11.912 2.321   1.00 12.75 ? 38  PHE A CD2 1 
ATOM   263  C CE1 . PHE A 1 38  ? 4.235   -14.175 2.919   1.00 9.51  ? 38  PHE A CE1 1 
ATOM   264  C CE2 . PHE A 1 38  ? 3.123   -12.178 3.636   1.00 11.06 ? 38  PHE A CE2 1 
ATOM   265  C CZ  . PHE A 1 38  ? 3.869   -13.311 3.929   1.00 9.66  ? 38  PHE A CZ  1 
ATOM   266  N N   . GLY A 1 39  ? 4.062   -10.412 -2.955  1.00 6.71  ? 39  GLY A N   1 
ATOM   267  C CA  . GLY A 1 39  ? 3.776   -10.160 -4.357  1.00 5.86  ? 39  GLY A CA  1 
ATOM   268  C C   . GLY A 1 39  ? 2.305   -9.913  -4.627  1.00 9.28  ? 39  GLY A C   1 
ATOM   269  O O   . GLY A 1 39  ? 1.525   -9.695  -3.685  1.00 13.24 ? 39  GLY A O   1 
ATOM   270  N N   . VAL A 1 40  ? 1.926   -9.917  -5.905  1.00 7.33  ? 40  VAL A N   1 
ATOM   271  C CA  . VAL A 1 40  ? 0.541   -9.671  -6.301  1.00 6.60  ? 40  VAL A CA  1 
ATOM   272  C C   . VAL A 1 40  ? -0.181  -11.005 -6.143  1.00 5.33  ? 40  VAL A C   1 
ATOM   273  O O   . VAL A 1 40  ? -0.325  -11.791 -7.064  1.00 5.70  ? 40  VAL A O   1 
ATOM   274  C CB  . VAL A 1 40  ? 0.451   -9.112  -7.766  1.00 8.14  ? 40  VAL A CB  1 
ATOM   275  C CG1 . VAL A 1 40  ? -0.991  -8.680  -8.104  1.00 8.55  ? 40  VAL A CG1 1 
ATOM   276  C CG2 . VAL A 1 40  ? 1.402   -7.936  -7.933  1.00 2.00  ? 40  VAL A CG2 1 
ATOM   277  N N   . ASN A 1 41  ? -0.637  -11.262 -4.941  1.00 5.47  ? 41  ASN A N   1 
ATOM   278  C CA  . ASN A 1 41  ? -1.273  -12.515 -4.681  1.00 6.48  ? 41  ASN A CA  1 
ATOM   279  C C   . ASN A 1 41  ? -2.754  -12.334 -4.403  1.00 8.47  ? 41  ASN A C   1 
ATOM   280  O O   . ASN A 1 41  ? -3.314  -11.265 -4.669  1.00 14.59 ? 41  ASN A O   1 
ATOM   281  C CB  . ASN A 1 41  ? -0.551  -13.183 -3.517  1.00 4.52  ? 41  ASN A CB  1 
ATOM   282  C CG  . ASN A 1 41  ? -0.633  -12.383 -2.247  1.00 6.10  ? 41  ASN A CG  1 
ATOM   283  O OD1 . ASN A 1 41  ? -1.375  -11.381 -2.153  1.00 4.48  ? 41  ASN A OD1 1 
ATOM   284  N ND2 . ASN A 1 41  ? 0.099   -12.827 -1.240  1.00 6.98  ? 41  ASN A ND2 1 
ATOM   285  N N   . ALA A 1 42  ? -3.376  -13.381 -3.860  1.00 9.28  ? 42  ALA A N   1 
ATOM   286  C CA  . ALA A 1 42  ? -4.804  -13.414 -3.523  1.00 9.26  ? 42  ALA A CA  1 
ATOM   287  C C   . ALA A 1 42  ? -5.359  -12.158 -2.837  1.00 10.83 ? 42  ALA A C   1 
ATOM   288  O O   . ALA A 1 42  ? -6.398  -11.624 -3.247  1.00 13.33 ? 42  ALA A O   1 
ATOM   289  C CB  . ALA A 1 42  ? -5.102  -14.651 -2.679  1.00 2.00  ? 42  ALA A CB  1 
ATOM   290  N N   . PHE A 1 43  ? -4.673  -11.680 -1.804  1.00 12.23 ? 43  PHE A N   1 
ATOM   291  C CA  . PHE A 1 43  ? -5.154  -10.500 -1.107  1.00 11.02 ? 43  PHE A CA  1 
ATOM   292  C C   . PHE A 1 43  ? -5.114  -9.277  -1.997  1.00 9.79  ? 43  PHE A C   1 
ATOM   293  O O   . PHE A 1 43  ? -5.982  -8.416  -1.898  1.00 10.84 ? 43  PHE A O   1 
ATOM   294  C CB  . PHE A 1 43  ? -4.381  -10.226 0.175   1.00 5.34  ? 43  PHE A CB  1 
ATOM   295  C CG  . PHE A 1 43  ? -4.946  -9.088  0.967   1.00 9.80  ? 43  PHE A CG  1 
ATOM   296  C CD1 . PHE A 1 43  ? -4.167  -7.976  1.275   1.00 4.52  ? 43  PHE A CD1 1 
ATOM   297  C CD2 . PHE A 1 43  ? -6.282  -9.108  1.368   1.00 7.01  ? 43  PHE A CD2 1 
ATOM   298  C CE1 . PHE A 1 43  ? -4.708  -6.889  1.974   1.00 5.69  ? 43  PHE A CE1 1 
ATOM   299  C CE2 . PHE A 1 43  ? -6.830  -8.028  2.064   1.00 8.36  ? 43  PHE A CE2 1 
ATOM   300  C CZ  . PHE A 1 43  ? -6.040  -6.917  2.368   1.00 8.15  ? 43  PHE A CZ  1 
ATOM   301  N N   . MET A 1 44  ? -4.108  -9.205  -2.863  1.00 8.89  ? 44  MET A N   1 
ATOM   302  C CA  . MET A 1 44  ? -3.980  -8.083  -3.772  1.00 7.05  ? 44  MET A CA  1 
ATOM   303  C C   . MET A 1 44  ? -5.119  -8.051  -4.781  1.00 10.27 ? 44  MET A C   1 
ATOM   304  O O   . MET A 1 44  ? -5.618  -6.982  -5.133  1.00 6.76  ? 44  MET A O   1 
ATOM   305  C CB  . MET A 1 44  ? -2.624  -8.125  -4.445  1.00 10.35 ? 44  MET A CB  1 
ATOM   306  C CG  . MET A 1 44  ? -1.501  -7.754  -3.467  1.00 11.77 ? 44  MET A CG  1 
ATOM   307  S SD  . MET A 1 44  ? -1.673  -6.065  -2.818  1.00 5.37  ? 44  MET A SD  1 
ATOM   308  C CE  . MET A 1 44  ? -1.991  -6.420  -1.073  1.00 2.49  ? 44  MET A CE  1 
ATOM   309  N N   . ARG A 1 45  ? -5.567  -9.232  -5.195  1.00 14.60 ? 45  ARG A N   1 
ATOM   310  C CA  . ARG A 1 45  ? -6.689  -9.361  -6.133  1.00 19.26 ? 45  ARG A CA  1 
ATOM   311  C C   . ARG A 1 45  ? -7.980  -8.974  -5.398  1.00 19.65 ? 45  ARG A C   1 
ATOM   312  O O   . ARG A 1 45  ? -8.820  -8.228  -5.920  1.00 22.91 ? 45  ARG A O   1 
ATOM   313  C CB  . ARG A 1 45  ? -6.800  -10.807 -6.652  1.00 15.07 ? 45  ARG A CB  1 
ATOM   314  C CG  . ARG A 1 45  ? -7.904  -11.029 -7.674  0.00 17.03 ? 45  ARG A CG  1 
ATOM   315  N N   . GLU A 1 46  ? -8.118  -9.482  -4.177  1.00 17.38 ? 46  GLU A N   1 
ATOM   316  C CA  . GLU A 1 46  ? -9.274  -9.208  -3.335  1.00 12.75 ? 46  GLU A CA  1 
ATOM   317  C C   . GLU A 1 46  ? -9.395  -7.695  -3.209  1.00 9.25  ? 46  GLU A C   1 
ATOM   318  O O   . GLU A 1 46  ? -10.444 -7.124  -3.464  1.00 9.20  ? 46  GLU A O   1 
ATOM   319  C CB  . GLU A 1 46  ? -9.043  -9.841  -1.960  1.00 16.61 ? 46  GLU A CB  1 
ATOM   320  C CG  . GLU A 1 46  ? -10.210 -9.756  -0.992  1.00 21.68 ? 46  GLU A CG  1 
ATOM   321  C CD  . GLU A 1 46  ? -9.941  -10.491 0.318   1.00 30.00 ? 46  GLU A CD  1 
ATOM   322  O OE1 . GLU A 1 46  ? -10.240 -9.906  1.387   1.00 29.54 ? 46  GLU A OE1 1 
ATOM   323  O OE2 . GLU A 1 46  ? -9.433  -11.647 0.281   1.00 29.84 ? 46  GLU A OE2 1 
ATOM   324  N N   . THR A 1 47  ? -8.281  -7.057  -2.882  1.00 5.85  ? 47  THR A N   1 
ATOM   325  C CA  . THR A 1 47  ? -8.197  -5.614  -2.723  1.00 3.51  ? 47  THR A CA  1 
ATOM   326  C C   . THR A 1 47  ? -8.559  -4.867  -4.010  1.00 5.85  ? 47  THR A C   1 
ATOM   327  O O   . THR A 1 47  ? -9.232  -3.829  -3.961  1.00 8.94  ? 47  THR A O   1 
ATOM   328  C CB  . THR A 1 47  ? -6.780  -5.241  -2.236  1.00 2.78  ? 47  THR A CB  1 
ATOM   329  O OG1 . THR A 1 47  ? -6.535  -5.914  -0.991  1.00 4.78  ? 47  THR A OG1 1 
ATOM   330  C CG2 . THR A 1 47  ? -6.622  -3.737  -2.037  1.00 2.00  ? 47  THR A CG2 1 
ATOM   331  N N   . VAL A 1 48  ? -8.123  -5.382  -5.159  1.00 8.20  ? 48  VAL A N   1 
ATOM   332  C CA  . VAL A 1 48  ? -8.439  -4.747  -6.447  1.00 10.70 ? 48  VAL A CA  1 
ATOM   333  C C   . VAL A 1 48  ? -9.970  -4.668  -6.621  1.00 11.96 ? 48  VAL A C   1 
ATOM   334  O O   . VAL A 1 48  ? -10.540 -3.585  -6.776  1.00 15.10 ? 48  VAL A O   1 
ATOM   335  C CB  . VAL A 1 48  ? -7.769  -5.503  -7.653  1.00 6.55  ? 48  VAL A CB  1 
ATOM   336  C CG1 . VAL A 1 48  ? -8.250  -4.952  -8.987  1.00 8.56  ? 48  VAL A CG1 1 
ATOM   337  C CG2 . VAL A 1 48  ? -6.279  -5.326  -7.591  1.00 2.00  ? 48  VAL A CG2 1 
ATOM   338  N N   . SER A 1 49  ? -10.636 -5.808  -6.495  1.00 13.77 ? 49  SER A N   1 
ATOM   339  C CA  . SER A 1 49  ? -12.083 -5.865  -6.641  1.00 15.90 ? 49  SER A CA  1 
ATOM   340  C C   . SER A 1 49  ? -12.855 -5.097  -5.582  1.00 13.87 ? 49  SER A C   1 
ATOM   341  O O   . SER A 1 49  ? -13.947 -4.616  -5.843  1.00 15.73 ? 49  SER A O   1 
ATOM   342  C CB  . SER A 1 49  ? -12.529 -7.314  -6.713  1.00 20.22 ? 49  SER A CB  1 
ATOM   343  O OG  . SER A 1 49  ? -11.883 -7.918  -7.829  1.00 35.26 ? 49  SER A OG  1 
ATOM   344  N N   . TRP A 1 50  ? -12.261 -4.937  -4.407  1.00 14.07 ? 50  TRP A N   1 
ATOM   345  C CA  . TRP A 1 50  ? -12.884 -4.192  -3.324  1.00 10.19 ? 50  TRP A CA  1 
ATOM   346  C C   . TRP A 1 50  ? -13.013 -2.761  -3.773  1.00 7.81  ? 50  TRP A C   1 
ATOM   347  O O   . TRP A 1 50  ? -14.104 -2.193  -3.744  1.00 9.92  ? 50  TRP A O   1 
ATOM   348  C CB  . TRP A 1 50  ? -12.027 -4.271  -2.053  1.00 8.29  ? 50  TRP A CB  1 
ATOM   349  C CG  . TRP A 1 50  ? -12.445 -3.325  -0.965  1.00 13.54 ? 50  TRP A CG  1 
ATOM   350  C CD1 . TRP A 1 50  ? -13.707 -3.149  -0.465  1.00 15.69 ? 50  TRP A CD1 1 
ATOM   351  C CD2 . TRP A 1 50  ? -11.597 -2.423  -0.236  1.00 15.75 ? 50  TRP A CD2 1 
ATOM   352  N NE1 . TRP A 1 50  ? -13.695 -2.197  0.524   1.00 18.36 ? 50  TRP A NE1 1 
ATOM   353  C CE2 . TRP A 1 50  ? -12.413 -1.735  0.684   1.00 17.06 ? 50  TRP A CE2 1 
ATOM   354  C CE3 . TRP A 1 50  ? -10.227 -2.143  -0.262  1.00 15.62 ? 50  TRP A CE3 1 
ATOM   355  C CZ2 . TRP A 1 50  ? -11.902 -0.782  1.565   1.00 22.36 ? 50  TRP A CZ2 1 
ATOM   356  C CZ3 . TRP A 1 50  ? -9.718  -1.201  0.616   1.00 19.45 ? 50  TRP A CZ3 1 
ATOM   357  C CH2 . TRP A 1 50  ? -10.552 -0.532  1.516   1.00 24.31 ? 50  TRP A CH2 1 
ATOM   358  N N   . LEU A 1 51  ? -11.919 -2.211  -4.288  1.00 8.02  ? 51  LEU A N   1 
ATOM   359  C CA  . LEU A 1 51  ? -11.922 -0.818  -4.733  1.00 10.33 ? 51  LEU A CA  1 
ATOM   360  C C   . LEU A 1 51  ? -12.735 -0.549  -5.984  1.00 12.56 ? 51  LEU A C   1 
ATOM   361  O O   . LEU A 1 51  ? -13.325 0.521   -6.102  1.00 20.32 ? 51  LEU A O   1 
ATOM   362  C CB  . LEU A 1 51  ? -10.501 -0.290  -4.902  1.00 7.18  ? 51  LEU A CB  1 
ATOM   363  C CG  . LEU A 1 51  ? -9.781  -0.272  -3.561  1.00 9.73  ? 51  LEU A CG  1 
ATOM   364  C CD1 . LEU A 1 51  ? -8.268  -0.105  -3.741  1.00 11.89 ? 51  LEU A CD1 1 
ATOM   365  C CD2 . LEU A 1 51  ? -10.384 0.829   -2.717  1.00 6.69  ? 51  LEU A CD2 1 
ATOM   366  N N   . VAL A 1 52  ? -12.764 -1.479  -6.934  1.00 14.80 ? 52  VAL A N   1 
ATOM   367  C CA  . VAL A 1 52  ? -13.558 -1.242  -8.140  1.00 15.55 ? 52  VAL A CA  1 
ATOM   368  C C   . VAL A 1 52  ? -15.059 -1.193  -7.792  1.00 15.42 ? 52  VAL A C   1 
ATOM   369  O O   . VAL A 1 52  ? -15.812 -0.411  -8.390  1.00 16.76 ? 52  VAL A O   1 
ATOM   370  C CB  . VAL A 1 52  ? -13.254 -2.258  -9.267  1.00 12.01 ? 52  VAL A CB  1 
ATOM   371  C CG1 . VAL A 1 52  ? -11.807 -2.154  -9.684  1.00 12.87 ? 52  VAL A CG1 1 
ATOM   372  C CG2 . VAL A 1 52  ? -13.532 -3.649  -8.805  1.00 19.19 ? 52  VAL A CG2 1 
ATOM   373  N N   . ASP A 1 53  ? -15.473 -1.967  -6.783  1.00 14.01 ? 53  ASP A N   1 
ATOM   374  C CA  . ASP A 1 53  ? -16.867 -1.968  -6.343  1.00 13.04 ? 53  ASP A CA  1 
ATOM   375  C C   . ASP A 1 53  ? -17.172 -0.708  -5.555  1.00 16.88 ? 53  ASP A C   1 
ATOM   376  O O   . ASP A 1 53  ? -18.330 -0.340  -5.383  1.00 19.89 ? 53  ASP A O   1 
ATOM   377  C CB  . ASP A 1 53  ? -17.181 -3.166  -5.468  1.00 7.19  ? 53  ASP A CB  1 
ATOM   378  C CG  . ASP A 1 53  ? -17.145 -4.456  -6.227  1.00 14.50 ? 53  ASP A CG  1 
ATOM   379  O OD1 . ASP A 1 53  ? -16.837 -4.439  -7.440  1.00 18.00 ? 53  ASP A OD1 1 
ATOM   380  O OD2 . ASP A 1 53  ? -17.404 -5.501  -5.600  1.00 16.08 ? 53  ASP A OD2 1 
ATOM   381  N N   . GLN A 1 54  ? -16.137 -0.075  -5.020  1.00 18.02 ? 54  GLN A N   1 
ATOM   382  C CA  . GLN A 1 54  ? -16.354 1.145   -4.277  1.00 15.36 ? 54  GLN A CA  1 
ATOM   383  C C   . GLN A 1 54  ? -16.367 2.303   -5.244  1.00 15.05 ? 54  GLN A C   1 
ATOM   384  O O   . GLN A 1 54  ? -16.651 3.428   -4.846  1.00 20.15 ? 54  GLN A O   1 
ATOM   385  C CB  . GLN A 1 54  ? -15.289 1.336   -3.205  1.00 17.03 ? 54  GLN A CB  1 
ATOM   386  C CG  . GLN A 1 54  ? -15.130 0.138   -2.301  1.00 20.73 ? 54  GLN A CG  1 
ATOM   387  C CD  . GLN A 1 54  ? -16.466 -0.429  -1.884  1.00 25.77 ? 54  GLN A CD  1 
ATOM   388  O OE1 . GLN A 1 54  ? -16.701 -1.635  -1.987  1.00 25.95 ? 54  GLN A OE1 1 
ATOM   389  N NE2 . GLN A 1 54  ? -17.362 0.442   -1.428  1.00 26.47 ? 54  GLN A NE2 1 
ATOM   390  N N   . GLY A 1 55  ? -16.037 2.027   -6.508  1.00 15.48 ? 55  GLY A N   1 
ATOM   391  C CA  . GLY A 1 55  ? -16.046 3.060   -7.540  1.00 11.97 ? 55  GLY A CA  1 
ATOM   392  C C   . GLY A 1 55  ? -14.708 3.667   -7.932  1.00 13.19 ? 55  GLY A C   1 
ATOM   393  O O   . GLY A 1 55  ? -14.630 4.842   -8.275  1.00 16.06 ? 55  GLY A O   1 
ATOM   394  N N   . TYR A 1 56  ? -13.640 2.889   -7.870  1.00 10.09 ? 56  TYR A N   1 
ATOM   395  C CA  . TYR A 1 56  ? -12.329 3.395   -8.258  1.00 9.37  ? 56  TYR A CA  1 
ATOM   396  C C   . TYR A 1 56  ? -11.759 2.485   -9.365  1.00 6.13  ? 56  TYR A C   1 
ATOM   397  O O   . TYR A 1 56  ? -12.367 1.480   -9.722  1.00 4.96  ? 56  TYR A O   1 
ATOM   398  C CB  . TYR A 1 56  ? -11.367 3.363   -7.045  1.00 6.23  ? 56  TYR A CB  1 
ATOM   399  C CG  . TYR A 1 56  ? -11.752 4.255   -5.908  1.00 2.00  ? 56  TYR A CG  1 
ATOM   400  C CD1 . TYR A 1 56  ? -11.230 5.532   -5.795  1.00 4.21  ? 56  TYR A CD1 1 
ATOM   401  C CD2 . TYR A 1 56  ? -12.695 3.842   -4.966  1.00 7.93  ? 56  TYR A CD2 1 
ATOM   402  C CE1 . TYR A 1 56  ? -11.652 6.390   -4.767  1.00 8.17  ? 56  TYR A CE1 1 
ATOM   403  C CE2 . TYR A 1 56  ? -13.121 4.683   -3.934  1.00 2.00  ? 56  TYR A CE2 1 
ATOM   404  C CZ  . TYR A 1 56  ? -12.603 5.948   -3.847  1.00 2.00  ? 56  TYR A CZ  1 
ATOM   405  O OH  . TYR A 1 56  ? -13.048 6.790   -2.862  1.00 10.78 ? 56  TYR A OH  1 
ATOM   406  N N   . ALA A 1 57  ? -10.645 2.893   -9.957  1.00 3.29  ? 57  ALA A N   1 
ATOM   407  C CA  . ALA A 1 57  ? -9.939  2.057   -10.922 1.00 6.23  ? 57  ALA A CA  1 
ATOM   408  C C   . ALA A 1 57  ? -8.791  1.577   -10.031 1.00 9.07  ? 57  ALA A C   1 
ATOM   409  O O   . ALA A 1 57  ? -8.469  2.228   -9.024  1.00 11.11 ? 57  ALA A O   1 
ATOM   410  C CB  . ALA A 1 57  ? -9.405  2.872   -12.071 1.00 2.00  ? 57  ALA A CB  1 
ATOM   411  N N   . ALA A 1 58  ? -8.174  0.455   -10.352 1.00 11.24 ? 58  ALA A N   1 
ATOM   412  C CA  . ALA A 1 58  ? -7.099  -0.034  -9.494  1.00 9.30  ? 58  ALA A CA  1 
ATOM   413  C C   . ALA A 1 58  ? -5.911  -0.540  -10.267 1.00 7.58  ? 58  ALA A C   1 
ATOM   414  O O   . ALA A 1 58  ? -6.042  -1.097  -11.358 1.00 11.08 ? 58  ALA A O   1 
ATOM   415  C CB  . ALA A 1 58  ? -7.615  -1.086  -8.550  1.00 14.05 ? 58  ALA A CB  1 
ATOM   416  N N   . VAL A 1 59  ? -4.738  -0.256  -9.724  1.00 9.41  ? 59  VAL A N   1 
ATOM   417  C CA  . VAL A 1 59  ? -3.469  -0.643  -10.334 1.00 11.10 ? 59  VAL A CA  1 
ATOM   418  C C   . VAL A 1 59  ? -2.529  -1.222  -9.263  1.00 10.52 ? 59  VAL A C   1 
ATOM   419  O O   . VAL A 1 59  ? -2.126  -0.534  -8.324  1.00 14.51 ? 59  VAL A O   1 
ATOM   420  C CB  . VAL A 1 59  ? -2.783  0.580   -10.966 1.00 6.88  ? 59  VAL A CB  1 
ATOM   421  C CG1 . VAL A 1 59  ? -1.546  0.156   -11.715 1.00 8.04  ? 59  VAL A CG1 1 
ATOM   422  C CG2 . VAL A 1 59  ? -3.740  1.311   -11.864 1.00 9.69  ? 59  VAL A CG2 1 
ATOM   423  N N   . CYS A 1 60  ? -2.237  -2.500  -9.345  1.00 7.89  ? 60  CYS A N   1 
ATOM   424  C CA  . CYS A 1 60  ? -1.330  -3.071  -8.380  1.00 4.98  ? 60  CYS A CA  1 
ATOM   425  C C   . CYS A 1 60  ? -0.087  -3.473  -9.160  1.00 5.65  ? 60  CYS A C   1 
ATOM   426  O O   . CYS A 1 60  ? -0.101  -4.442  -9.927  1.00 10.85 ? 60  CYS A O   1 
ATOM   427  C CB  . CYS A 1 60  ? -1.962  -4.271  -7.681  1.00 2.00  ? 60  CYS A CB  1 
ATOM   428  S SG  . CYS A 1 60  ? -0.875  -5.019  -6.447  1.00 11.35 ? 60  CYS A SG  1 
ATOM   429  N N   . PRO A 1 61  ? 0.962   -2.653  -9.085  1.00 3.79  ? 61  PRO A N   1 
ATOM   430  C CA  . PRO A 1 61  ? 2.215   -2.931  -9.787  1.00 2.00  ? 61  PRO A CA  1 
ATOM   431  C C   . PRO A 1 61  ? 3.018   -4.083  -9.199  1.00 3.37  ? 61  PRO A C   1 
ATOM   432  O O   . PRO A 1 61  ? 3.040   -4.289  -7.993  1.00 4.99  ? 61  PRO A O   1 
ATOM   433  C CB  . PRO A 1 61  ? 2.972   -1.613  -9.658  1.00 2.52  ? 61  PRO A CB  1 
ATOM   434  C CG  . PRO A 1 61  ? 2.473   -1.033  -8.378  1.00 3.31  ? 61  PRO A CG  1 
ATOM   435  C CD  . PRO A 1 61  ? 0.989   -1.315  -8.468  1.00 4.32  ? 61  PRO A CD  1 
ATOM   436  N N   . ASP A 1 62  ? 3.687   -4.829  -10.064 1.00 7.08  ? 62  ASP A N   1 
ATOM   437  C CA  . ASP A 1 62  ? 4.511   -5.940  -9.626  1.00 9.67  ? 62  ASP A CA  1 
ATOM   438  C C   . ASP A 1 62  ? 5.856   -5.371  -9.170  1.00 12.64 ? 62  ASP A C   1 
ATOM   439  O O   . ASP A 1 62  ? 6.816   -5.287  -9.960  1.00 17.91 ? 62  ASP A O   1 
ATOM   440  C CB  . ASP A 1 62  ? 4.720   -6.934  -10.779 1.00 6.58  ? 62  ASP A CB  1 
ATOM   441  C CG  . ASP A 1 62  ? 5.526   -8.167  -10.366 1.00 7.06  ? 62  ASP A CG  1 
ATOM   442  O OD1 . ASP A 1 62  ? 5.416   -8.606  -9.190  1.00 7.43  ? 62  ASP A OD1 1 
ATOM   443  O OD2 . ASP A 1 62  ? 6.247   -8.711  -11.237 1.00 7.59  ? 62  ASP A OD2 1 
ATOM   444  N N   . LEU A 1 63  ? 5.933   -4.993  -7.897  1.00 9.87  ? 63  LEU A N   1 
ATOM   445  C CA  . LEU A 1 63  ? 7.163   -4.430  -7.340  1.00 9.56  ? 63  LEU A CA  1 
ATOM   446  C C   . LEU A 1 63  ? 8.359   -5.384  -7.189  1.00 12.29 ? 63  LEU A C   1 
ATOM   447  O O   . LEU A 1 63  ? 9.502   -4.926  -7.096  1.00 16.16 ? 63  LEU A O   1 
ATOM   448  C CB  . LEU A 1 63  ? 6.881   -3.745  -6.011  1.00 7.21  ? 63  LEU A CB  1 
ATOM   449  C CG  . LEU A 1 63  ? 5.842   -2.625  -6.049  1.00 8.93  ? 63  LEU A CG  1 
ATOM   450  C CD1 . LEU A 1 63  ? 5.578   -2.109  -4.629  1.00 5.92  ? 63  LEU A CD1 1 
ATOM   451  C CD2 . LEU A 1 63  ? 6.329   -1.510  -6.975  1.00 9.48  ? 63  LEU A CD2 1 
ATOM   452  N N   . TYR A 1 64  ? 8.105   -6.695  -7.167  1.00 13.34 ? 64  TYR A N   1 
ATOM   453  C CA  . TYR A 1 64  ? 9.170   -7.693  -7.043  1.00 8.70  ? 64  TYR A CA  1 
ATOM   454  C C   . TYR A 1 64  ? 9.795   -8.048  -8.384  1.00 10.04 ? 64  TYR A C   1 
ATOM   455  O O   . TYR A 1 64  ? 10.740  -8.833  -8.424  1.00 8.61  ? 64  TYR A O   1 
ATOM   456  C CB  . TYR A 1 64  ? 8.639   -8.985  -6.433  1.00 10.06 ? 64  TYR A CB  1 
ATOM   457  C CG  . TYR A 1 64  ? 8.711   -9.069  -4.922  1.00 14.16 ? 64  TYR A CG  1 
ATOM   458  C CD1 . TYR A 1 64  ? 9.657   -8.350  -4.199  1.00 12.10 ? 64  TYR A CD1 1 
ATOM   459  C CD2 . TYR A 1 64  ? 7.820   -9.879  -4.215  1.00 17.67 ? 64  TYR A CD2 1 
ATOM   460  C CE1 . TYR A 1 64  ? 9.705   -8.439  -2.799  1.00 17.81 ? 64  TYR A CE1 1 
ATOM   461  C CE2 . TYR A 1 64  ? 7.863   -9.979  -2.819  1.00 15.38 ? 64  TYR A CE2 1 
ATOM   462  C CZ  . TYR A 1 64  ? 8.804   -9.260  -2.116  1.00 13.71 ? 64  TYR A CZ  1 
ATOM   463  O OH  . TYR A 1 64  ? 8.856   -9.383  -0.741  1.00 11.57 ? 64  TYR A OH  1 
ATOM   464  N N   . ALA A 1 65  ? 9.290   -7.450  -9.463  1.00 5.71  ? 65  ALA A N   1 
ATOM   465  C CA  . ALA A 1 65  ? 9.759   -7.731  -10.819 1.00 4.50  ? 65  ALA A CA  1 
ATOM   466  C C   . ALA A 1 65  ? 11.248  -7.553  -11.079 1.00 6.54  ? 65  ALA A C   1 
ATOM   467  O O   . ALA A 1 65  ? 11.776  -8.062  -12.060 1.00 11.46 ? 65  ALA A O   1 
ATOM   468  C CB  . ALA A 1 65  ? 8.964   -6.950  -11.806 1.00 2.26  ? 65  ALA A CB  1 
ATOM   469  N N   . ARG A 1 66  ? 11.931  -6.821  -10.215 1.00 8.34  ? 66  ARG A N   1 
ATOM   470  C CA  . ARG A 1 66  ? 13.365  -6.631  -10.369 1.00 6.37  ? 66  ARG A CA  1 
ATOM   471  C C   . ARG A 1 66  ? 14.071  -7.868  -9.855  1.00 6.83  ? 66  ARG A C   1 
ATOM   472  O O   . ARG A 1 66  ? 15.111  -8.232  -10.369 1.00 12.66 ? 66  ARG A O   1 
ATOM   473  C CB  . ARG A 1 66  ? 13.841  -5.426  -9.565  1.00 6.13  ? 66  ARG A CB  1 
ATOM   474  C CG  . ARG A 1 66  ? 13.343  -4.118  -10.066 1.00 2.59  ? 66  ARG A CG  1 
ATOM   475  C CD  . ARG A 1 66  ? 13.801  -2.958  -9.188  1.00 6.34  ? 66  ARG A CD  1 
ATOM   476  N NE  . ARG A 1 66  ? 13.442  -1.680  -9.805  1.00 11.96 ? 66  ARG A NE  1 
ATOM   477  C CZ  . ARG A 1 66  ? 14.220  -1.041  -10.669 1.00 6.52  ? 66  ARG A CZ  1 
ATOM   478  N NH1 . ARG A 1 66  ? 15.406  -1.555  -10.980 1.00 9.62  ? 66  ARG A NH1 1 
ATOM   479  N NH2 . ARG A 1 66  ? 13.754  0.009   -11.326 1.00 2.00  ? 66  ARG A NH2 1 
ATOM   480  N N   . GLN A 1 67  ? 13.487  -8.506  -8.839  1.00 11.50 ? 67  GLN A N   1 
ATOM   481  C CA  . GLN A 1 67  ? 14.041  -9.712  -8.215  1.00 10.00 ? 67  GLN A CA  1 
ATOM   482  C C   . GLN A 1 67  ? 13.508  -11.018 -8.788  1.00 13.36 ? 67  GLN A C   1 
ATOM   483  O O   . GLN A 1 67  ? 14.278  -11.921 -9.140  1.00 17.30 ? 67  GLN A O   1 
ATOM   484  C CB  . GLN A 1 67  ? 13.772  -9.683  -6.720  1.00 3.96  ? 67  GLN A CB  1 
ATOM   485  C CG  . GLN A 1 67  ? 14.488  -8.564  -6.029  1.00 4.39  ? 67  GLN A CG  1 
ATOM   486  C CD  . GLN A 1 67  ? 14.033  -8.377  -4.612  1.00 10.15 ? 67  GLN A CD  1 
ATOM   487  O OE1 . GLN A 1 67  ? 14.317  -9.194  -3.746  1.00 17.09 ? 67  GLN A OE1 1 
ATOM   488  N NE2 . GLN A 1 67  ? 13.329  -7.292  -4.358  1.00 14.20 ? 67  GLN A NE2 1 
ATOM   489  N N   . ALA A 1 68  ? 12.182  -11.119 -8.852  1.00 16.55 ? 68  ALA A N   1 
ATOM   490  C CA  . ALA A 1 68  ? 11.491  -12.295 -9.361  1.00 9.51  ? 68  ALA A CA  1 
ATOM   491  C C   . ALA A 1 68  ? 10.109  -11.908 -9.907  1.00 13.33 ? 68  ALA A C   1 
ATOM   492  O O   . ALA A 1 68  ? 9.139   -11.812 -9.156  1.00 15.16 ? 68  ALA A O   1 
ATOM   493  C CB  . ALA A 1 68  ? 11.339  -13.291 -8.255  1.00 6.84  ? 68  ALA A CB  1 
ATOM   494  N N   . PRO A 1 69  ? 10.000  -11.679 -11.227 1.00 13.72 ? 69  PRO A N   1 
ATOM   495  C CA  . PRO A 1 69  ? 8.727   -11.305 -11.857 1.00 13.14 ? 69  PRO A CA  1 
ATOM   496  C C   . PRO A 1 69  ? 7.598   -12.313 -11.643 1.00 11.99 ? 69  PRO A C   1 
ATOM   497  O O   . PRO A 1 69  ? 7.808   -13.524 -11.651 1.00 13.29 ? 69  PRO A O   1 
ATOM   498  C CB  . PRO A 1 69  ? 9.079   -11.251 -13.349 1.00 13.67 ? 69  PRO A CB  1 
ATOM   499  C CG  . PRO A 1 69  ? 10.535  -10.958 -13.352 1.00 15.72 ? 69  PRO A CG  1 
ATOM   500  C CD  . PRO A 1 69  ? 11.068  -11.795 -12.235 1.00 11.05 ? 69  PRO A CD  1 
ATOM   501  N N   . GLY A 1 70  ? 6.388   -11.798 -11.483 1.00 11.14 ? 70  GLY A N   1 
ATOM   502  C CA  . GLY A 1 70  ? 5.228   -12.660 -11.339 1.00 9.41  ? 70  GLY A CA  1 
ATOM   503  C C   . GLY A 1 70  ? 5.096   -13.479 -10.086 1.00 9.31  ? 70  GLY A C   1 
ATOM   504  O O   . GLY A 1 70  ? 4.216   -14.338 -9.988  1.00 10.41 ? 70  GLY A O   1 
ATOM   505  N N   . THR A 1 71  ? 5.970   -13.215 -9.133  1.00 11.38 ? 71  THR A N   1 
ATOM   506  C CA  . THR A 1 71  ? 5.938   -13.894 -7.859  1.00 16.00 ? 71  THR A CA  1 
ATOM   507  C C   . THR A 1 71  ? 4.642   -13.574 -7.115  1.00 16.07 ? 71  THR A C   1 
ATOM   508  O O   . THR A 1 71  ? 4.222   -12.416 -7.075  1.00 15.76 ? 71  THR A O   1 
ATOM   509  C CB  . THR A 1 71  ? 7.108   -13.422 -6.992  1.00 19.95 ? 71  THR A CB  1 
ATOM   510  O OG1 . THR A 1 71  ? 8.333   -13.601 -7.714  1.00 25.59 ? 71  THR A OG1 1 
ATOM   511  C CG2 . THR A 1 71  ? 7.176   -14.225 -5.733  1.00 22.91 ? 71  THR A CG2 1 
ATOM   512  N N   . ALA A 1 72  ? 3.999   -14.612 -6.578  1.00 14.73 ? 72  ALA A N   1 
ATOM   513  C CA  . ALA A 1 72  ? 2.770   -14.481 -5.790  1.00 12.64 ? 72  ALA A CA  1 
ATOM   514  C C   . ALA A 1 72  ? 2.840   -15.599 -4.750  1.00 9.35  ? 72  ALA A C   1 
ATOM   515  O O   . ALA A 1 72  ? 2.700   -16.774 -5.078  1.00 11.22 ? 72  ALA A O   1 
ATOM   516  C CB  . ALA A 1 72  ? 1.536   -14.625 -6.671  1.00 12.66 ? 72  ALA A CB  1 
ATOM   517  N N   . LEU A 1 73  ? 3.108   -15.220 -3.505  1.00 9.38  ? 73  LEU A N   1 
ATOM   518  C CA  . LEU A 1 73  ? 3.285   -16.169 -2.415  1.00 9.12  ? 73  LEU A CA  1 
ATOM   519  C C   . LEU A 1 73  ? 2.130   -16.336 -1.442  1.00 9.76  ? 73  LEU A C   1 
ATOM   520  O O   . LEU A 1 73  ? 1.395   -15.390 -1.178  1.00 13.85 ? 73  LEU A O   1 
ATOM   521  C CB  . LEU A 1 73  ? 4.527   -15.793 -1.614  1.00 5.78  ? 73  LEU A CB  1 
ATOM   522  C CG  . LEU A 1 73  ? 5.925   -15.776 -2.237  1.00 5.13  ? 73  LEU A CG  1 
ATOM   523  C CD1 . LEU A 1 73  ? 6.053   -16.802 -3.348  1.00 2.80  ? 73  LEU A CD1 1 
ATOM   524  C CD2 . LEU A 1 73  ? 6.210   -14.403 -2.731  1.00 8.82  ? 73  LEU A CD2 1 
ATOM   525  N N   . ASP A 1 74  ? 2.055   -17.517 -0.830  1.00 13.03 ? 74  ASP A N   1 
ATOM   526  C CA  . ASP A 1 74  ? 1.018   -17.858 0.144   1.00 13.66 ? 74  ASP A CA  1 
ATOM   527  C C   . ASP A 1 74  ? 1.663   -17.873 1.521   1.00 16.32 ? 74  ASP A C   1 
ATOM   528  O O   . ASP A 1 74  ? 2.455   -18.766 1.832   1.00 13.63 ? 74  ASP A O   1 
ATOM   529  C CB  . ASP A 1 74  ? 0.421   -19.238 -0.167  1.00 19.36 ? 74  ASP A CB  1 
ATOM   530  C CG  . ASP A 1 74  ? -0.742  -19.617 0.756   1.00 25.71 ? 74  ASP A CG  1 
ATOM   531  O OD1 . ASP A 1 74  ? -1.259  -20.744 0.617   1.00 33.08 ? 74  ASP A OD1 1 
ATOM   532  O OD2 . ASP A 1 74  ? -1.152  -18.810 1.615   1.00 28.12 ? 74  ASP A OD2 1 
ATOM   533  N N   . PRO A 1 75  ? 1.311   -16.886 2.371   1.00 18.86 ? 75  PRO A N   1 
ATOM   534  C CA  . PRO A 1 75  ? 1.797   -16.689 3.743   1.00 18.49 ? 75  PRO A CA  1 
ATOM   535  C C   . PRO A 1 75  ? 1.577   -17.901 4.639   1.00 21.64 ? 75  PRO A C   1 
ATOM   536  O O   . PRO A 1 75  ? 2.263   -18.057 5.642   1.00 25.29 ? 75  PRO A O   1 
ATOM   537  C CB  . PRO A 1 75  ? 0.943   -15.532 4.241   1.00 15.04 ? 75  PRO A CB  1 
ATOM   538  C CG  . PRO A 1 75  ? 0.616   -14.796 3.022   1.00 18.55 ? 75  PRO A CG  1 
ATOM   539  C CD  . PRO A 1 75  ? 0.302   -15.868 2.039   1.00 17.46 ? 75  PRO A CD  1 
ATOM   540  N N   . GLN A 1 76  ? 0.563   -18.705 4.321   1.00 20.44 ? 76  GLN A N   1 
ATOM   541  C CA  . GLN A 1 76  ? 0.247   -19.889 5.107   1.00 20.49 ? 76  GLN A CA  1 
ATOM   542  C C   . GLN A 1 76  ? 1.110   -21.077 4.694   1.00 18.64 ? 76  GLN A C   1 
ATOM   543  O O   . GLN A 1 76  ? 1.187   -22.079 5.386   1.00 20.55 ? 76  GLN A O   1 
ATOM   544  C CB  . GLN A 1 76  ? -1.251  -20.225 5.013   1.00 22.90 ? 76  GLN A CB  1 
ATOM   545  C CG  . GLN A 1 76  ? -2.180  -19.287 5.813   1.00 27.97 ? 76  GLN A CG  1 
ATOM   546  C CD  . GLN A 1 76  ? -2.270  -17.867 5.226   1.00 36.88 ? 76  GLN A CD  1 
ATOM   547  O OE1 . GLN A 1 76  ? -2.171  -17.680 4.014   1.00 42.49 ? 76  GLN A OE1 1 
ATOM   548  N NE2 . GLN A 1 76  ? -2.464  -16.867 6.089   1.00 38.90 ? 76  GLN A NE2 1 
ATOM   549  N N   . ASP A 1 77  ? 1.783   -20.960 3.568   1.00 20.13 ? 77  ASP A N   1 
ATOM   550  C CA  . ASP A 1 77  ? 2.642   -22.028 3.127   1.00 20.64 ? 77  ASP A CA  1 
ATOM   551  C C   . ASP A 1 77  ? 4.041   -21.719 3.642   1.00 23.38 ? 77  ASP A C   1 
ATOM   552  O O   . ASP A 1 77  ? 4.646   -20.731 3.234   1.00 26.73 ? 77  ASP A O   1 
ATOM   553  C CB  . ASP A 1 77  ? 2.643   -22.103 1.606   1.00 24.72 ? 77  ASP A CB  1 
ATOM   554  C CG  . ASP A 1 77  ? 3.289   -23.363 1.093   1.00 30.30 ? 77  ASP A CG  1 
ATOM   555  O OD1 . ASP A 1 77  ? 4.517   -23.339 0.847   1.00 34.22 ? 77  ASP A OD1 1 
ATOM   556  O OD2 . ASP A 1 77  ? 2.567   -24.380 0.949   1.00 33.07 ? 77  ASP A OD2 1 
ATOM   557  N N   . GLU A 1 78  ? 4.552   -22.557 4.533   1.00 23.92 ? 78  GLU A N   1 
ATOM   558  C CA  . GLU A 1 78  ? 5.888   -22.372 5.102   1.00 26.56 ? 78  GLU A CA  1 
ATOM   559  C C   . GLU A 1 78  ? 6.981   -22.065 4.074   1.00 23.71 ? 78  GLU A C   1 
ATOM   560  O O   . GLU A 1 78  ? 7.692   -21.077 4.204   1.00 28.57 ? 78  GLU A O   1 
ATOM   561  C CB  . GLU A 1 78  ? 6.307   -23.598 5.936   1.00 33.16 ? 78  GLU A CB  1 
ATOM   562  C CG  . GLU A 1 78  ? 5.743   -23.657 7.371   1.00 40.11 ? 78  GLU A CG  1 
ATOM   563  C CD  . GLU A 1 78  ? 6.277   -24.850 8.175   1.00 44.95 ? 78  GLU A CD  1 
ATOM   564  O OE1 . GLU A 1 78  ? 7.266   -25.491 7.745   1.00 46.80 ? 78  GLU A OE1 1 
ATOM   565  O OE2 . GLU A 1 78  ? 5.707   -25.148 9.247   1.00 49.47 ? 78  GLU A OE2 1 
ATOM   566  N N   . ALA A 1 79  ? 7.135   -22.922 3.074   1.00 18.94 ? 79  ALA A N   1 
ATOM   567  C CA  . ALA A 1 79  ? 8.147   -22.707 2.046   1.00 17.02 ? 79  ALA A CA  1 
ATOM   568  C C   . ALA A 1 79  ? 7.993   -21.312 1.424   1.00 15.18 ? 79  ALA A C   1 
ATOM   569  O O   . ALA A 1 79  ? 8.892   -20.478 1.491   1.00 13.74 ? 79  ALA A O   1 
ATOM   570  C CB  . ALA A 1 79  ? 8.027   -23.781 0.969   1.00 11.23 ? 79  ALA A CB  1 
ATOM   571  N N   . GLN A 1 80  ? 6.821   -21.057 0.864   1.00 11.99 ? 80  GLN A N   1 
ATOM   572  C CA  . GLN A 1 80  ? 6.548   -19.782 0.240   1.00 12.25 ? 80  GLN A CA  1 
ATOM   573  C C   . GLN A 1 80  ? 6.749   -18.581 1.164   1.00 10.90 ? 80  GLN A C   1 
ATOM   574  O O   . GLN A 1 80  ? 7.350   -17.583 0.769   1.00 14.66 ? 80  GLN A O   1 
ATOM   575  C CB  . GLN A 1 80  ? 5.144   -19.790 -0.339  1.00 11.21 ? 80  GLN A CB  1 
ATOM   576  C CG  . GLN A 1 80  ? 5.031   -20.708 -1.504  1.00 6.91  ? 80  GLN A CG  1 
ATOM   577  C CD  . GLN A 1 80  ? 3.675   -20.685 -2.137  1.00 10.67 ? 80  GLN A CD  1 
ATOM   578  O OE1 . GLN A 1 80  ? 2.853   -19.837 -1.845  1.00 17.59 ? 80  GLN A OE1 1 
ATOM   579  N NE2 . GLN A 1 80  ? 3.433   -21.625 -3.017  1.00 20.22 ? 80  GLN A NE2 1 
ATOM   580  N N   . ARG A 1 81  ? 6.230   -18.665 2.377   1.00 8.21  ? 81  ARG A N   1 
ATOM   581  C CA  . ARG A 1 81  ? 6.388   -17.597 3.353   1.00 5.04  ? 81  ARG A CA  1 
ATOM   582  C C   . ARG A 1 81  ? 7.873   -17.283 3.536   1.00 7.83  ? 81  ARG A C   1 
ATOM   583  O O   . ARG A 1 81  ? 8.239   -16.130 3.765   1.00 7.84  ? 81  ARG A O   1 
ATOM   584  C CB  . ARG A 1 81  ? 5.794   -18.031 4.689   1.00 2.00  ? 81  ARG A CB  1 
ATOM   585  C CG  . ARG A 1 81  ? 5.779   -16.970 5.764   1.00 6.51  ? 81  ARG A CG  1 
ATOM   586  C CD  . ARG A 1 81  ? 5.225   -17.539 7.059   1.00 9.20  ? 81  ARG A CD  1 
ATOM   587  N NE  . ARG A 1 81  ? 4.953   -16.506 8.056   1.00 14.89 ? 81  ARG A NE  1 
ATOM   588  C CZ  . ARG A 1 81  ? 3.855   -15.752 8.071   1.00 15.31 ? 81  ARG A CZ  1 
ATOM   589  N NH1 . ARG A 1 81  ? 2.915   -15.915 7.138   1.00 10.88 ? 81  ARG A NH1 1 
ATOM   590  N NH2 . ARG A 1 81  ? 3.712   -14.814 9.002   1.00 13.59 ? 81  ARG A NH2 1 
ATOM   591  N N   . GLU A 1 82  ? 8.740   -18.291 3.430   1.00 10.75 ? 82  GLU A N   1 
ATOM   592  C CA  . GLU A 1 82  ? 10.162  -18.025 3.599   1.00 18.31 ? 82  GLU A CA  1 
ATOM   593  C C   . GLU A 1 82  ? 10.790  -17.332 2.401   1.00 20.08 ? 82  GLU A C   1 
ATOM   594  O O   . GLU A 1 82  ? 11.720  -16.541 2.567   1.00 19.96 ? 82  GLU A O   1 
ATOM   595  C CB  . GLU A 1 82  ? 10.947  -19.271 3.961   1.00 23.85 ? 82  GLU A CB  1 
ATOM   596  C CG  . GLU A 1 82  ? 12.305  -18.926 4.560   1.00 32.14 ? 82  GLU A CG  1 
ATOM   597  C CD  . GLU A 1 82  ? 13.017  -20.133 5.126   1.00 40.82 ? 82  GLU A CD  1 
ATOM   598  O OE1 . GLU A 1 82  ? 13.332  -20.125 6.339   1.00 44.21 ? 82  GLU A OE1 1 
ATOM   599  O OE2 . GLU A 1 82  ? 13.252  -21.093 4.358   1.00 45.04 ? 82  GLU A OE2 1 
ATOM   600  N N   . GLN A 1 83  ? 10.286  -17.626 1.196   1.00 24.16 ? 83  GLN A N   1 
ATOM   601  C CA  . GLN A 1 83  ? 10.773  -16.982 -0.038  1.00 21.53 ? 83  GLN A CA  1 
ATOM   602  C C   . GLN A 1 83  ? 10.479  -15.500 0.130   1.00 15.83 ? 83  GLN A C   1 
ATOM   603  O O   . GLN A 1 83  ? 11.322  -14.654 -0.160  1.00 14.50 ? 83  GLN A O   1 
ATOM   604  C CB  . GLN A 1 83  ? 10.021  -17.482 -1.274  1.00 23.69 ? 83  GLN A CB  1 
ATOM   605  C CG  . GLN A 1 83  ? 10.044  -18.985 -1.472  1.00 36.44 ? 83  GLN A CG  1 
ATOM   606  C CD  . GLN A 1 83  ? 9.481   -19.397 -2.825  1.00 41.05 ? 83  GLN A CD  1 
ATOM   607  O OE1 . GLN A 1 83  ? 9.548   -18.635 -3.795  1.00 47.00 ? 83  GLN A OE1 1 
ATOM   608  N NE2 . GLN A 1 83  ? 8.928   -20.606 -2.899  1.00 36.55 ? 83  GLN A NE2 1 
ATOM   609  N N   . ALA A 1 84  ? 9.280   -15.213 0.634   1.00 9.70  ? 84  ALA A N   1 
ATOM   610  C CA  . ALA A 1 84  ? 8.834   -13.852 0.887   1.00 9.93  ? 84  ALA A CA  1 
ATOM   611  C C   . ALA A 1 84  ? 9.854   -13.112 1.746   1.00 6.96  ? 84  ALA A C   1 
ATOM   612  O O   . ALA A 1 84  ? 10.266  -12.010 1.396   1.00 11.97 ? 84  ALA A O   1 
ATOM   613  C CB  . ALA A 1 84  ? 7.472   -13.863 1.566   1.00 8.72  ? 84  ALA A CB  1 
ATOM   614  N N   . TYR A 1 85  ? 10.282  -13.729 2.843   1.00 6.65  ? 85  TYR A N   1 
ATOM   615  C CA  . TYR A 1 85  ? 11.274  -13.124 3.735   1.00 9.40  ? 85  TYR A CA  1 
ATOM   616  C C   . TYR A 1 85  ? 12.610  -12.876 3.059   1.00 10.81 ? 85  TYR A C   1 
ATOM   617  O O   . TYR A 1 85  ? 13.267  -11.886 3.329   1.00 12.42 ? 85  TYR A O   1 
ATOM   618  C CB  . TYR A 1 85  ? 11.484  -13.977 4.971   1.00 9.93  ? 85  TYR A CB  1 
ATOM   619  C CG  . TYR A 1 85  ? 10.525  -13.649 6.096   1.00 13.22 ? 85  TYR A CG  1 
ATOM   620  C CD1 . TYR A 1 85  ? 9.520   -14.539 6.463   1.00 13.93 ? 85  TYR A CD1 1 
ATOM   621  C CD2 . TYR A 1 85  ? 10.647  -12.455 6.815   1.00 13.79 ? 85  TYR A CD2 1 
ATOM   622  C CE1 . TYR A 1 85  ? 8.669   -14.255 7.516   1.00 12.87 ? 85  TYR A CE1 1 
ATOM   623  C CE2 . TYR A 1 85  ? 9.792   -12.156 7.872   1.00 14.18 ? 85  TYR A CE2 1 
ATOM   624  C CZ  . TYR A 1 85  ? 8.806   -13.068 8.214   1.00 14.05 ? 85  TYR A CZ  1 
ATOM   625  O OH  . TYR A 1 85  ? 7.964   -12.799 9.261   1.00 11.85 ? 85  TYR A OH  1 
ATOM   626  N N   . LYS A 1 86  ? 12.991  -13.767 2.160   1.00 15.55 ? 86  LYS A N   1 
ATOM   627  C CA  . LYS A 1 86  ? 14.243  -13.650 1.418   1.00 20.72 ? 86  LYS A CA  1 
ATOM   628  C C   . LYS A 1 86  ? 14.192  -12.465 0.429   1.00 19.83 ? 86  LYS A C   1 
ATOM   629  O O   . LYS A 1 86  ? 15.149  -11.678 0.327   1.00 20.18 ? 86  LYS A O   1 
ATOM   630  C CB  . LYS A 1 86  ? 14.503  -14.957 0.645   1.00 24.78 ? 86  LYS A CB  1 
ATOM   631  C CG  . LYS A 1 86  ? 14.486  -16.244 1.484   1.00 28.12 ? 86  LYS A CG  1 
ATOM   632  C CD  . LYS A 1 86  ? 15.714  -16.404 2.390   1.00 35.72 ? 86  LYS A CD  1 
ATOM   633  C CE  . LYS A 1 86  ? 15.512  -15.799 3.788   1.00 41.98 ? 86  LYS A CE  1 
ATOM   634  N NZ  . LYS A 1 86  ? 16.759  -15.786 4.641   1.00 41.61 ? 86  LYS A NZ  1 
ATOM   635  N N   . LEU A 1 87  ? 13.075  -12.363 -0.297  1.00 17.27 ? 87  LEU A N   1 
ATOM   636  C CA  . LEU A 1 87  ? 12.848  -11.303 -1.282  1.00 12.66 ? 87  LEU A CA  1 
ATOM   637  C C   . LEU A 1 87  ? 12.707  -9.969  -0.591  1.00 9.94  ? 87  LEU A C   1 
ATOM   638  O O   . LEU A 1 87  ? 13.124  -8.939  -1.119  1.00 11.82 ? 87  LEU A O   1 
ATOM   639  C CB  . LEU A 1 87  ? 11.576  -11.563 -2.085  1.00 6.98  ? 87  LEU A CB  1 
ATOM   640  C CG  . LEU A 1 87  ? 11.521  -12.815 -2.938  1.00 2.00  ? 87  LEU A CG  1 
ATOM   641  C CD1 . LEU A 1 87  ? 10.178  -12.902 -3.639  1.00 2.00  ? 87  LEU A CD1 1 
ATOM   642  C CD2 . LEU A 1 87  ? 12.656  -12.769 -3.928  1.00 2.00  ? 87  LEU A CD2 1 
ATOM   643  N N   . TRP A 1 88  ? 12.047  -9.979  0.559   1.00 6.99  ? 88  TRP A N   1 
ATOM   644  C CA  . TRP A 1 88  ? 11.883  -8.761  1.331   1.00 9.38  ? 88  TRP A CA  1 
ATOM   645  C C   . TRP A 1 88  ? 13.278  -8.328  1.787   1.00 7.96  ? 88  TRP A C   1 
ATOM   646  O O   . TRP A 1 88  ? 13.607  -7.163  1.728   1.00 8.33  ? 88  TRP A O   1 
ATOM   647  C CB  . TRP A 1 88  ? 10.970  -9.009  2.545   1.00 8.03  ? 88  TRP A CB  1 
ATOM   648  C CG  . TRP A 1 88  ? 10.796  -7.824  3.487   1.00 10.39 ? 88  TRP A CG  1 
ATOM   649  C CD1 . TRP A 1 88  ? 11.061  -6.501  3.224   1.00 9.14  ? 88  TRP A CD1 1 
ATOM   650  C CD2 . TRP A 1 88  ? 10.284  -7.864  4.834   1.00 13.12 ? 88  TRP A CD2 1 
ATOM   651  N NE1 . TRP A 1 88  ? 10.738  -5.721  4.317   1.00 11.15 ? 88  TRP A NE1 1 
ATOM   652  C CE2 . TRP A 1 88  ? 10.261  -6.526  5.315   1.00 9.65  ? 88  TRP A CE2 1 
ATOM   653  C CE3 . TRP A 1 88  ? 9.840   -8.898  5.677   1.00 5.91  ? 88  TRP A CE3 1 
ATOM   654  C CZ2 . TRP A 1 88  ? 9.814   -6.200  6.593   1.00 9.10  ? 88  TRP A CZ2 1 
ATOM   655  C CZ3 . TRP A 1 88  ? 9.396   -8.573  6.948   1.00 3.65  ? 88  TRP A CZ3 1 
ATOM   656  C CH2 . TRP A 1 88  ? 9.385   -7.233  7.395   1.00 5.38  ? 88  TRP A CH2 1 
ATOM   657  N N   . GLN A 1 89  ? 14.104  -9.270  2.228   1.00 10.57 ? 89  GLN A N   1 
ATOM   658  C CA  . GLN A 1 89  ? 15.448  -8.926  2.683   1.00 13.44 ? 89  GLN A CA  1 
ATOM   659  C C   . GLN A 1 89  ? 16.333  -8.333  1.586   1.00 16.40 ? 89  GLN A C   1 
ATOM   660  O O   . GLN A 1 89  ? 17.306  -7.639  1.877   1.00 19.65 ? 89  GLN A O   1 
ATOM   661  C CB  . GLN A 1 89  ? 16.142  -10.124 3.310   1.00 15.52 ? 89  GLN A CB  1 
ATOM   662  C CG  . GLN A 1 89  ? 15.685  -10.480 4.733   1.00 18.04 ? 89  GLN A CG  1 
ATOM   663  C CD  . GLN A 1 89  ? 16.213  -11.847 5.160   1.00 20.55 ? 89  GLN A CD  1 
ATOM   664  O OE1 . GLN A 1 89  ? 17.407  -12.015 5.390   1.00 22.12 ? 89  GLN A OE1 1 
ATOM   665  N NE2 . GLN A 1 89  ? 15.337  -12.838 5.201   1.00 22.92 ? 89  GLN A NE2 1 
ATOM   666  N N   . ALA A 1 90  ? 16.014  -8.603  0.329   1.00 15.79 ? 90  ALA A N   1 
ATOM   667  C CA  . ALA A 1 90  ? 16.802  -8.048  -0.764  1.00 13.28 ? 90  ALA A CA  1 
ATOM   668  C C   . ALA A 1 90  ? 16.106  -6.834  -1.386  1.00 13.97 ? 90  ALA A C   1 
ATOM   669  O O   . ALA A 1 90  ? 16.706  -6.098  -2.178  1.00 17.76 ? 90  ALA A O   1 
ATOM   670  C CB  . ALA A 1 90  ? 17.065  -9.116  -1.818  1.00 11.16 ? 90  ALA A CB  1 
ATOM   671  N N   . PHE A 1 91  ? 14.852  -6.606  -1.007  1.00 10.63 ? 91  PHE A N   1 
ATOM   672  C CA  . PHE A 1 91  ? 14.089  -5.496  -1.550  1.00 11.95 ? 91  PHE A CA  1 
ATOM   673  C C   . PHE A 1 91  ? 14.779  -4.150  -1.370  1.00 13.62 ? 91  PHE A C   1 
ATOM   674  O O   . PHE A 1 91  ? 15.193  -3.822  -0.257  1.00 17.48 ? 91  PHE A O   1 
ATOM   675  C CB  . PHE A 1 91  ? 12.695  -5.438  -0.924  1.00 7.59  ? 91  PHE A CB  1 
ATOM   676  C CG  . PHE A 1 91  ? 11.737  -4.591  -1.696  1.00 6.63  ? 91  PHE A CG  1 
ATOM   677  C CD1 . PHE A 1 91  ? 11.475  -3.282  -1.304  1.00 2.31  ? 91  PHE A CD1 1 
ATOM   678  C CD2 . PHE A 1 91  ? 11.133  -5.090  -2.855  1.00 7.09  ? 91  PHE A CD2 1 
ATOM   679  C CE1 . PHE A 1 91  ? 10.622  -2.464  -2.055  1.00 3.64  ? 91  PHE A CE1 1 
ATOM   680  C CE2 . PHE A 1 91  ? 10.279  -4.292  -3.618  1.00 5.20  ? 91  PHE A CE2 1 
ATOM   681  C CZ  . PHE A 1 91  ? 10.022  -2.966  -3.214  1.00 8.29  ? 91  PHE A CZ  1 
ATOM   682  N N   . ASP A 1 92  ? 14.888  -3.389  -2.471  1.00 14.09 ? 92  ASP A N   1 
ATOM   683  C CA  . ASP A 1 92  ? 15.500  -2.043  -2.527  1.00 7.65  ? 92  ASP A CA  1 
ATOM   684  C C   . ASP A 1 92  ? 14.334  -1.072  -2.481  1.00 8.16  ? 92  ASP A C   1 
ATOM   685  O O   . ASP A 1 92  ? 13.612  -0.933  -3.470  1.00 8.70  ? 92  ASP A O   1 
ATOM   686  C CB  . ASP A 1 92  ? 16.246  -1.879  -3.863  1.00 10.68 ? 92  ASP A CB  1 
ATOM   687  C CG  . ASP A 1 92  ? 16.833  -0.470  -4.083  1.00 15.77 ? 92  ASP A CG  1 
ATOM   688  O OD1 . ASP A 1 92  ? 17.696  -0.333  -4.987  1.00 17.57 ? 92  ASP A OD1 1 
ATOM   689  O OD2 . ASP A 1 92  ? 16.447  0.506   -3.397  1.00 20.91 ? 92  ASP A OD2 1 
ATOM   690  N N   . MET A 1 93  ? 14.176  -0.379  -1.357  1.00 9.03  ? 93  MET A N   1 
ATOM   691  C CA  . MET A 1 93  ? 13.089  0.571   -1.156  1.00 6.61  ? 93  MET A CA  1 
ATOM   692  C C   . MET A 1 93  ? 13.106  1.788   -2.076  1.00 10.11 ? 93  MET A C   1 
ATOM   693  O O   . MET A 1 93  ? 12.038  2.257   -2.476  1.00 9.80  ? 93  MET A O   1 
ATOM   694  C CB  . MET A 1 93  ? 13.053  1.014   0.299   1.00 7.65  ? 93  MET A CB  1 
ATOM   695  C CG  . MET A 1 93  ? 12.777  -0.110  1.274   1.00 6.71  ? 93  MET A CG  1 
ATOM   696  S SD  . MET A 1 93  ? 11.051  -0.601  1.340   1.00 19.29 ? 93  MET A SD  1 
ATOM   697  C CE  . MET A 1 93  ? 10.452  0.309   2.725   1.00 6.01  ? 93  MET A CE  1 
ATOM   698  N N   . GLU A 1 94  ? 14.297  2.289   -2.426  1.00 8.43  ? 94  GLU A N   1 
ATOM   699  C CA  . GLU A 1 94  ? 14.413  3.439   -3.335  1.00 10.61 ? 94  GLU A CA  1 
ATOM   700  C C   . GLU A 1 94  ? 13.801  3.135   -4.692  1.00 10.65 ? 94  GLU A C   1 
ATOM   701  O O   . GLU A 1 94  ? 13.049  3.942   -5.232  1.00 16.27 ? 94  GLU A O   1 
ATOM   702  C CB  . GLU A 1 94  ? 15.867  3.854   -3.547  1.00 14.64 ? 94  GLU A CB  1 
ATOM   703  C CG  . GLU A 1 94  ? 16.555  4.427   -2.313  1.00 31.43 ? 94  GLU A CG  1 
ATOM   704  C CD  . GLU A 1 94  ? 15.990  5.775   -1.859  1.00 42.20 ? 94  GLU A CD  1 
ATOM   705  O OE1 . GLU A 1 94  ? 16.275  6.158   -0.699  1.00 46.32 ? 94  GLU A OE1 1 
ATOM   706  O OE2 . GLU A 1 94  ? 15.281  6.458   -2.649  1.00 47.62 ? 94  GLU A OE2 1 
ATOM   707  N N   . ALA A 1 95  ? 14.168  1.990   -5.260  1.00 6.45  ? 95  ALA A N   1 
ATOM   708  C CA  . ALA A 1 95  ? 13.638  1.560   -6.542  1.00 2.00  ? 95  ALA A CA  1 
ATOM   709  C C   . ALA A 1 95  ? 12.154  1.258   -6.376  1.00 2.00  ? 95  ALA A C   1 
ATOM   710  O O   . ALA A 1 95  ? 11.363  1.514   -7.275  1.00 5.82  ? 95  ALA A O   1 
ATOM   711  C CB  . ALA A 1 95  ? 14.368  0.348   -7.020  1.00 2.00  ? 95  ALA A CB  1 
ATOM   712  N N   . GLY A 1 96  ? 11.775  0.750   -5.210  1.00 2.00  ? 96  GLY A N   1 
ATOM   713  C CA  . GLY A 1 96  ? 10.378  0.464   -4.938  1.00 2.00  ? 96  GLY A CA  1 
ATOM   714  C C   . GLY A 1 96  ? 9.536   1.720   -5.068  1.00 3.45  ? 96  GLY A C   1 
ATOM   715  O O   . GLY A 1 96  ? 8.443   1.683   -5.620  1.00 3.51  ? 96  GLY A O   1 
ATOM   716  N N   . VAL A 1 97  ? 10.046  2.834   -4.543  1.00 5.34  ? 97  VAL A N   1 
ATOM   717  C CA  . VAL A 1 97  ? 9.363   4.120   -4.608  1.00 4.36  ? 97  VAL A CA  1 
ATOM   718  C C   . VAL A 1 97  ? 9.393   4.666   -6.049  1.00 5.46  ? 97  VAL A C   1 
ATOM   719  O O   . VAL A 1 97  ? 8.470   5.365   -6.480  1.00 7.84  ? 97  VAL A O   1 
ATOM   720  C CB  . VAL A 1 97  ? 10.029  5.131   -3.644  1.00 5.16  ? 97  VAL A CB  1 
ATOM   721  C CG1 . VAL A 1 97  ? 9.332   6.483   -3.700  1.00 2.73  ? 97  VAL A CG1 1 
ATOM   722  C CG2 . VAL A 1 97  ? 9.992   4.597   -2.244  1.00 2.00  ? 97  VAL A CG2 1 
ATOM   723  N N   . GLY A 1 98  ? 10.455  4.335   -6.784  1.00 6.34  ? 98  GLY A N   1 
ATOM   724  C CA  . GLY A 1 98  ? 10.599  4.755   -8.169  1.00 2.00  ? 98  GLY A CA  1 
ATOM   725  C C   . GLY A 1 98  ? 9.587   4.036   -9.040  1.00 3.95  ? 98  GLY A C   1 
ATOM   726  O O   . GLY A 1 98  ? 8.893   4.662   -9.844  1.00 8.77  ? 98  GLY A O   1 
ATOM   727  N N   . ASP A 1 99  ? 9.506   2.717   -8.901  1.00 3.88  ? 99  ASP A N   1 
ATOM   728  C CA  . ASP A 1 99  ? 8.533   1.925   -9.656  1.00 3.10  ? 99  ASP A CA  1 
ATOM   729  C C   . ASP A 1 99  ? 7.132   2.423   -9.312  1.00 2.00  ? 99  ASP A C   1 
ATOM   730  O O   . ASP A 1 99  ? 6.261   2.530   -10.173 1.00 4.97  ? 99  ASP A O   1 
ATOM   731  C CB  . ASP A 1 99  ? 8.644   0.444   -9.286  1.00 2.00  ? 99  ASP A CB  1 
ATOM   732  C CG  . ASP A 1 99  ? 9.954   -0.181  -9.723  1.00 5.91  ? 99  ASP A CG  1 
ATOM   733  O OD1 . ASP A 1 99  ? 10.725  0.470   -10.450 1.00 5.84  ? 99  ASP A OD1 1 
ATOM   734  O OD2 . ASP A 1 99  ? 10.220  -1.334  -9.328  1.00 11.80 ? 99  ASP A OD2 1 
ATOM   735  N N   . LEU A 1 100 ? 6.925   2.732   -8.042  1.00 2.59  ? 100 LEU A N   1 
ATOM   736  C CA  . LEU A 1 100 ? 5.644   3.237   -7.560  1.00 11.14 ? 100 LEU A CA  1 
ATOM   737  C C   . LEU A 1 100 ? 5.315   4.552   -8.250  1.00 11.50 ? 100 LEU A C   1 
ATOM   738  O O   . LEU A 1 100 ? 4.175   4.788   -8.639  1.00 14.15 ? 100 LEU A O   1 
ATOM   739  C CB  . LEU A 1 100 ? 5.691   3.453   -6.043  1.00 11.27 ? 100 LEU A CB  1 
ATOM   740  C CG  . LEU A 1 100 ? 4.647   2.800   -5.128  1.00 6.22  ? 100 LEU A CG  1 
ATOM   741  C CD1 . LEU A 1 100 ? 4.226   1.459   -5.654  1.00 4.78  ? 100 LEU A CD1 1 
ATOM   742  C CD2 . LEU A 1 100 ? 5.211   2.675   -3.700  1.00 5.40  ? 100 LEU A CD2 1 
ATOM   743  N N   . GLU A 1 101 ? 6.332   5.385   -8.417  1.00 11.38 ? 101 GLU A N   1 
ATOM   744  C CA  . GLU A 1 101 ? 6.201   6.689   -9.066  1.00 10.44 ? 101 GLU A CA  1 
ATOM   745  C C   . GLU A 1 101 ? 5.760   6.516   -10.515 1.00 9.72  ? 101 GLU A C   1 
ATOM   746  O O   . GLU A 1 101 ? 4.895   7.247   -11.010 1.00 9.07  ? 101 GLU A O   1 
ATOM   747  C CB  . GLU A 1 101 ? 7.555   7.397   -9.009  1.00 12.16 ? 101 GLU A CB  1 
ATOM   748  C CG  . GLU A 1 101 ? 7.575   8.849   -9.448  1.00 11.90 ? 101 GLU A CG  1 
ATOM   749  C CD  . GLU A 1 101 ? 7.691   9.017   -10.935 1.00 14.60 ? 101 GLU A CD  1 
ATOM   750  O OE1 . GLU A 1 101 ? 6.990   9.908   -11.463 1.00 16.32 ? 101 GLU A OE1 1 
ATOM   751  O OE2 . GLU A 1 101 ? 8.478   8.264   -11.569 1.00 15.53 ? 101 GLU A OE2 1 
ATOM   752  N N   . ALA A 1 102 ? 6.359   5.528   -11.178 1.00 11.36 ? 102 ALA A N   1 
ATOM   753  C CA  . ALA A 1 102 ? 6.080   5.218   -12.574 1.00 7.56  ? 102 ALA A CA  1 
ATOM   754  C C   . ALA A 1 102 ? 4.656   4.709   -12.713 1.00 8.57  ? 102 ALA A C   1 
ATOM   755  O O   . ALA A 1 102 ? 3.938   5.100   -13.636 1.00 12.07 ? 102 ALA A O   1 
ATOM   756  C CB  . ALA A 1 102 ? 7.077   4.188   -13.086 1.00 9.32  ? 102 ALA A CB  1 
ATOM   757  N N   . ALA A 1 103 ? 4.254   3.835   -11.793 1.00 10.25 ? 103 ALA A N   1 
ATOM   758  C CA  . ALA A 1 103 ? 2.910   3.275   -11.769 1.00 3.33  ? 103 ALA A CA  1 
ATOM   759  C C   . ALA A 1 103 ? 1.895   4.406   -11.539 1.00 6.05  ? 103 ALA A C   1 
ATOM   760  O O   . ALA A 1 103 ? 0.826   4.404   -12.145 1.00 8.51  ? 103 ALA A O   1 
ATOM   761  C CB  . ALA A 1 103 ? 2.821   2.237   -10.689 1.00 3.37  ? 103 ALA A CB  1 
ATOM   762  N N   . ILE A 1 104 ? 2.256   5.392   -10.705 1.00 8.44  ? 104 ILE A N   1 
ATOM   763  C CA  . ILE A 1 104 ? 1.414   6.578   -10.407 1.00 6.91  ? 104 ILE A CA  1 
ATOM   764  C C   . ILE A 1 104 ? 1.203   7.427   -11.684 1.00 11.01 ? 104 ILE A C   1 
ATOM   765  O O   . ILE A 1 104 ? 0.083   7.888   -11.951 1.00 9.29  ? 104 ILE A O   1 
ATOM   766  C CB  . ILE A 1 104 ? 2.026   7.443   -9.250  1.00 7.63  ? 104 ILE A CB  1 
ATOM   767  C CG1 . ILE A 1 104 ? 1.905   6.693   -7.908  1.00 5.80  ? 104 ILE A CG1 1 
ATOM   768  C CG2 . ILE A 1 104 ? 1.319   8.793   -9.143  1.00 9.24  ? 104 ILE A CG2 1 
ATOM   769  C CD1 . ILE A 1 104 ? 2.709   7.280   -6.755  1.00 2.48  ? 104 ILE A CD1 1 
ATOM   770  N N   . ARG A 1 105 ? 2.278   7.650   -12.449 1.00 8.93  ? 105 ARG A N   1 
ATOM   771  C CA  . ARG A 1 105 ? 2.185   8.360   -13.723 1.00 10.03 ? 105 ARG A CA  1 
ATOM   772  C C   . ARG A 1 105 ? 1.282   7.551   -14.663 1.00 14.29 ? 105 ARG A C   1 
ATOM   773  O O   . ARG A 1 105 ? 0.402   8.109   -15.325 1.00 19.86 ? 105 ARG A O   1 
ATOM   774  C CB  . ARG A 1 105 ? 3.560   8.510   -14.376 1.00 6.94  ? 105 ARG A CB  1 
ATOM   775  C CG  . ARG A 1 105 ? 4.389   9.626   -13.795 1.00 8.68  ? 105 ARG A CG  1 
ATOM   776  C CD  . ARG A 1 105 ? 5.621   9.917   -14.627 1.00 5.86  ? 105 ARG A CD  1 
ATOM   777  N NE  . ARG A 1 105 ? 6.697   8.967   -14.380 1.00 8.13  ? 105 ARG A NE  1 
ATOM   778  C CZ  . ARG A 1 105 ? 7.180   8.146   -15.299 1.00 2.85  ? 105 ARG A CZ  1 
ATOM   779  N NH1 . ARG A 1 105 ? 6.680   8.160   -16.516 1.00 5.60  ? 105 ARG A NH1 1 
ATOM   780  N NH2 . ARG A 1 105 ? 8.180   7.339   -15.007 1.00 8.42  ? 105 ARG A NH2 1 
ATOM   781  N N   . TYR A 1 106 ? 1.503   6.240   -14.728 1.00 13.22 ? 106 TYR A N   1 
ATOM   782  C CA  . TYR A 1 106 ? 0.684   5.364   -15.570 1.00 16.01 ? 106 TYR A CA  1 
ATOM   783  C C   . TYR A 1 106 ? -0.803  5.621   -15.306 1.00 18.55 ? 106 TYR A C   1 
ATOM   784  O O   . TYR A 1 106 ? -1.573  5.885   -16.226 1.00 20.51 ? 106 TYR A O   1 
ATOM   785  C CB  . TYR A 1 106 ? 1.000   3.891   -15.266 1.00 13.19 ? 106 TYR A CB  1 
ATOM   786  C CG  . TYR A 1 106 ? 0.167   2.889   -16.041 1.00 16.01 ? 106 TYR A CG  1 
ATOM   787  C CD1 . TYR A 1 106 ? 0.493   2.556   -17.367 1.00 13.03 ? 106 TYR A CD1 1 
ATOM   788  C CD2 . TYR A 1 106 ? -0.981  2.315   -15.478 1.00 13.56 ? 106 TYR A CD2 1 
ATOM   789  C CE1 . TYR A 1 106 ? -0.307  1.692   -18.111 1.00 6.53  ? 106 TYR A CE1 1 
ATOM   790  C CE2 . TYR A 1 106 ? -1.787  1.452   -16.219 1.00 11.94 ? 106 TYR A CE2 1 
ATOM   791  C CZ  . TYR A 1 106 ? -1.446  1.151   -17.539 1.00 12.80 ? 106 TYR A CZ  1 
ATOM   792  O OH  . TYR A 1 106 ? -2.279  0.362   -18.307 1.00 14.57 ? 106 TYR A OH  1 
ATOM   793  N N   . ALA A 1 107 ? -1.182  5.551   -14.035 1.00 20.84 ? 107 ALA A N   1 
ATOM   794  C CA  . ALA A 1 107 ? -2.559  5.751   -13.585 1.00 22.40 ? 107 ALA A CA  1 
ATOM   795  C C   . ALA A 1 107 ? -3.225  7.101   -13.941 1.00 19.48 ? 107 ALA A C   1 
ATOM   796  O O   . ALA A 1 107 ? -4.377  7.134   -14.377 1.00 22.66 ? 107 ALA A O   1 
ATOM   797  C CB  . ALA A 1 107 ? -2.640  5.495   -12.075 1.00 20.10 ? 107 ALA A CB  1 
ATOM   798  N N   . ARG A 1 108 ? -2.513  8.206   -13.771 1.00 15.82 ? 108 ARG A N   1 
ATOM   799  C CA  . ARG A 1 108 ? -3.073  9.524   -14.082 1.00 15.51 ? 108 ARG A CA  1 
ATOM   800  C C   . ARG A 1 108 ? -3.482  9.701   -15.545 1.00 15.92 ? 108 ARG A C   1 
ATOM   801  O O   . ARG A 1 108 ? -4.361  10.499  -15.849 1.00 19.69 ? 108 ARG A O   1 
ATOM   802  C CB  . ARG A 1 108 ? -2.063  10.633  -13.777 1.00 11.75 ? 108 ARG A CB  1 
ATOM   803  C CG  . ARG A 1 108 ? -1.528  10.661  -12.380 1.00 15.18 ? 108 ARG A CG  1 
ATOM   804  C CD  . ARG A 1 108 ? -0.674  11.893  -12.165 1.00 12.86 ? 108 ARG A CD  1 
ATOM   805  N NE  . ARG A 1 108 ? -0.242  12.043  -10.777 1.00 17.54 ? 108 ARG A NE  1 
ATOM   806  C CZ  . ARG A 1 108 ? -1.046  12.337  -9.750  1.00 21.24 ? 108 ARG A CZ  1 
ATOM   807  N NH1 . ARG A 1 108 ? -2.359  12.513  -9.925  1.00 16.16 ? 108 ARG A NH1 1 
ATOM   808  N NH2 . ARG A 1 108 ? -0.523  12.514  -8.541  1.00 23.37 ? 108 ARG A NH2 1 
ATOM   809  N N   . HIS A 1 109 ? -2.828  8.972   -16.440 1.00 18.82 ? 109 HIS A N   1 
ATOM   810  C CA  . HIS A 1 109 ? -3.043  9.096   -17.875 1.00 19.72 ? 109 HIS A CA  1 
ATOM   811  C C   . HIS A 1 109 ? -3.881  8.046   -18.576 1.00 19.47 ? 109 HIS A C   1 
ATOM   812  O O   . HIS A 1 109 ? -3.842  7.971   -19.802 1.00 25.20 ? 109 HIS A O   1 
ATOM   813  C CB  . HIS A 1 109 ? -1.686  9.146   -18.600 1.00 26.67 ? 109 HIS A CB  1 
ATOM   814  C CG  . HIS A 1 109 ? -0.733  10.172  -18.059 1.00 38.07 ? 109 HIS A CG  1 
ATOM   815  N ND1 . HIS A 1 109 ? -1.144  11.392  -17.558 1.00 41.23 ? 109 HIS A ND1 1 
ATOM   816  C CD2 . HIS A 1 109 ? 0.616   10.151  -17.932 1.00 40.56 ? 109 HIS A CD2 1 
ATOM   817  C CE1 . HIS A 1 109 ? -0.090  12.074  -17.142 1.00 41.30 ? 109 HIS A CE1 1 
ATOM   818  N NE2 . HIS A 1 109 ? 0.990   11.344  -17.358 1.00 41.99 ? 109 HIS A NE2 1 
ATOM   819  N N   . GLN A 1 110 ? -4.590  7.195   -17.852 1.00 17.59 ? 110 GLN A N   1 
ATOM   820  C CA  . GLN A 1 110 ? -5.391  6.185   -18.544 1.00 13.00 ? 110 GLN A CA  1 
ATOM   821  C C   . GLN A 1 110 ? -6.662  6.839   -19.064 1.00 11.63 ? 110 GLN A C   1 
ATOM   822  O O   . GLN A 1 110 ? -7.109  7.808   -18.496 1.00 11.91 ? 110 GLN A O   1 
ATOM   823  C CB  . GLN A 1 110 ? -5.682  4.995   -17.625 1.00 13.80 ? 110 GLN A CB  1 
ATOM   824  C CG  . GLN A 1 110 ? -4.456  4.113   -17.379 1.00 9.64  ? 110 GLN A CG  1 
ATOM   825  C CD  . GLN A 1 110 ? -3.666  3.848   -18.656 1.00 8.60  ? 110 GLN A CD  1 
ATOM   826  O OE1 . GLN A 1 110 ? -4.125  3.136   -19.544 1.00 9.79  ? 110 GLN A OE1 1 
ATOM   827  N NE2 . GLN A 1 110 ? -2.487  4.447   -18.764 1.00 5.87  ? 110 GLN A NE2 1 
ATOM   828  N N   . PRO A 1 111 ? -7.292  6.287   -20.115 1.00 15.28 ? 111 PRO A N   1 
ATOM   829  C CA  . PRO A 1 111 ? -8.515  6.890   -20.660 1.00 16.06 ? 111 PRO A CA  1 
ATOM   830  C C   . PRO A 1 111 ? -9.654  7.052   -19.663 1.00 19.43 ? 111 PRO A C   1 
ATOM   831  O O   . PRO A 1 111 ? -10.493 7.935   -19.816 1.00 19.82 ? 111 PRO A O   1 
ATOM   832  C CB  . PRO A 1 111 ? -8.911  5.922   -21.775 1.00 17.19 ? 111 PRO A CB  1 
ATOM   833  C CG  . PRO A 1 111 ? -7.616  5.250   -22.149 1.00 19.85 ? 111 PRO A CG  1 
ATOM   834  C CD  . PRO A 1 111 ? -6.999  5.018   -20.800 1.00 17.60 ? 111 PRO A CD  1 
ATOM   835  N N   . TYR A 1 112 ? -9.686  6.191   -18.650 1.00 21.82 ? 112 TYR A N   1 
ATOM   836  C CA  . TYR A 1 112 ? -10.737 6.218   -17.634 1.00 22.27 ? 112 TYR A CA  1 
ATOM   837  C C   . TYR A 1 112 ? -10.390 7.027   -16.373 1.00 25.07 ? 112 TYR A C   1 
ATOM   838  O O   . TYR A 1 112 ? -11.266 7.317   -15.548 1.00 28.76 ? 112 TYR A O   1 
ATOM   839  C CB  . TYR A 1 112 ? -11.078 4.780   -17.232 1.00 17.67 ? 112 TYR A CB  1 
ATOM   840  C CG  . TYR A 1 112 ? -9.860  3.960   -16.836 1.00 17.81 ? 112 TYR A CG  1 
ATOM   841  C CD1 . TYR A 1 112 ? -9.210  4.177   -15.620 1.00 16.40 ? 112 TYR A CD1 1 
ATOM   842  C CD2 . TYR A 1 112 ? -9.358  2.975   -17.677 1.00 12.49 ? 112 TYR A CD2 1 
ATOM   843  C CE1 . TYR A 1 112 ? -8.090  3.436   -15.258 1.00 14.55 ? 112 TYR A CE1 1 
ATOM   844  C CE2 . TYR A 1 112 ? -8.240  2.223   -17.321 1.00 13.59 ? 112 TYR A CE2 1 
ATOM   845  C CZ  . TYR A 1 112 ? -7.606  2.461   -16.111 1.00 14.84 ? 112 TYR A CZ  1 
ATOM   846  O OH  . TYR A 1 112 ? -6.466  1.760   -15.771 1.00 9.66  ? 112 TYR A OH  1 
ATOM   847  N N   . SER A 1 113 ? -9.119  7.388   -16.228 1.00 21.47 ? 113 SER A N   1 
ATOM   848  C CA  . SER A 1 113 ? -8.634  8.106   -15.061 1.00 18.44 ? 113 SER A CA  1 
ATOM   849  C C   . SER A 1 113 ? -9.194  9.525   -14.956 1.00 19.71 ? 113 SER A C   1 
ATOM   850  O O   . SER A 1 113 ? -9.384  10.192  -15.967 1.00 24.20 ? 113 SER A O   1 
ATOM   851  C CB  . SER A 1 113 ? -7.108  8.138   -15.129 1.00 19.59 ? 113 SER A CB  1 
ATOM   852  O OG  . SER A 1 113 ? -6.543  8.734   -13.975 1.00 32.53 ? 113 SER A OG  1 
ATOM   853  N N   . ASN A 1 114 ? -9.500  9.993   -13.751 1.00 15.37 ? 114 ASN A N   1 
ATOM   854  C CA  . ASN A 1 114 ? -9.989  11.364  -13.637 1.00 13.50 ? 114 ASN A CA  1 
ATOM   855  C C   . ASN A 1 114 ? -8.866  12.318  -13.204 1.00 14.10 ? 114 ASN A C   1 
ATOM   856  O O   . ASN A 1 114 ? -9.123  13.447  -12.809 1.00 14.93 ? 114 ASN A O   1 
ATOM   857  C CB  . ASN A 1 114 ? -11.203 11.465  -12.692 1.00 12.08 ? 114 ASN A CB  1 
ATOM   858  C CG  . ASN A 1 114 ? -10.819 11.465  -11.214 1.00 11.93 ? 114 ASN A CG  1 
ATOM   859  O OD1 . ASN A 1 114 ? -9.689  11.155  -10.845 1.00 11.08 ? 114 ASN A OD1 1 
ATOM   860  N ND2 . ASN A 1 114 ? -11.771 11.798  -10.365 1.00 6.09  ? 114 ASN A ND2 1 
ATOM   861  N N   . GLY A 1 115 ? -7.616  11.876  -13.305 1.00 16.81 ? 115 GLY A N   1 
ATOM   862  C CA  . GLY A 1 115 ? -6.502  12.724  -12.893 1.00 17.87 ? 115 GLY A CA  1 
ATOM   863  C C   . GLY A 1 115 ? -6.147  12.644  -11.404 1.00 18.11 ? 115 GLY A C   1 
ATOM   864  O O   . GLY A 1 115 ? -5.096  13.146  -10.968 1.00 18.99 ? 115 GLY A O   1 
ATOM   865  N N   . LYS A 1 116 ? -7.046  12.061  -10.613 1.00 15.20 ? 116 LYS A N   1 
ATOM   866  C CA  . LYS A 1 116 ? -6.825  11.893  -9.185  1.00 13.69 ? 116 LYS A CA  1 
ATOM   867  C C   . LYS A 1 116 ? -6.235  10.526  -8.954  1.00 11.20 ? 116 LYS A C   1 
ATOM   868  O O   . LYS A 1 116 ? -6.685  9.539   -9.546  1.00 14.01 ? 116 LYS A O   1 
ATOM   869  C CB  . LYS A 1 116 ? -8.138  12.002  -8.412  1.00 16.49 ? 116 LYS A CB  1 
ATOM   870  C CG  . LYS A 1 116 ? -8.772  13.365  -8.477  1.00 15.41 ? 116 LYS A CG  1 
ATOM   871  C CD  . LYS A 1 116 ? -7.820  14.390  -7.941  1.00 16.68 ? 116 LYS A CD  1 
ATOM   872  C CE  . LYS A 1 116 ? -8.364  15.783  -8.150  1.00 23.07 ? 116 LYS A CE  1 
ATOM   873  N NZ  . LYS A 1 116 ? -7.401  16.811  -7.637  1.00 27.16 ? 116 LYS A NZ  1 
ATOM   874  N N   . VAL A 1 117 ? -5.211  10.467  -8.115  1.00 9.43  ? 117 VAL A N   1 
ATOM   875  C CA  . VAL A 1 117 ? -4.556  9.205   -7.789  1.00 8.61  ? 117 VAL A CA  1 
ATOM   876  C C   . VAL A 1 117 ? -4.300  9.118   -6.313  1.00 3.56  ? 117 VAL A C   1 
ATOM   877  O O   . VAL A 1 117 ? -3.740  10.031  -5.726  1.00 6.60  ? 117 VAL A O   1 
ATOM   878  C CB  . VAL A 1 117 ? -3.192  9.025   -8.499  1.00 8.44  ? 117 VAL A CB  1 
ATOM   879  C CG1 . VAL A 1 117 ? -2.619  7.648   -8.176  1.00 2.00  ? 117 VAL A CG1 1 
ATOM   880  C CG2 . VAL A 1 117 ? -3.358  9.157   -10.001 1.00 12.01 ? 117 VAL A CG2 1 
ATOM   881  N N   . GLY A 1 118 ? -4.725  8.011   -5.730  1.00 4.73  ? 118 GLY A N   1 
ATOM   882  C CA  . GLY A 1 118 ? -4.514  7.752   -4.321  1.00 2.68  ? 118 GLY A CA  1 
ATOM   883  C C   . GLY A 1 118 ? -3.633  6.526   -4.257  1.00 2.00  ? 118 GLY A C   1 
ATOM   884  O O   . GLY A 1 118 ? -3.509  5.822   -5.259  1.00 5.54  ? 118 GLY A O   1 
ATOM   885  N N   . LEU A 1 119 ? -3.030  6.256   -3.104  1.00 2.43  ? 119 LEU A N   1 
ATOM   886  C CA  . LEU A 1 119 ? -2.155  5.094   -2.943  1.00 4.20  ? 119 LEU A CA  1 
ATOM   887  C C   . LEU A 1 119 ? -2.413  4.409   -1.619  1.00 5.68  ? 119 LEU A C   1 
ATOM   888  O O   . LEU A 1 119 ? -2.315  5.036   -0.571  1.00 5.72  ? 119 LEU A O   1 
ATOM   889  C CB  . LEU A 1 119 ? -0.684  5.513   -3.007  1.00 6.15  ? 119 LEU A CB  1 
ATOM   890  C CG  . LEU A 1 119 ? 0.424   4.481   -2.760  1.00 2.87  ? 119 LEU A CG  1 
ATOM   891  C CD1 . LEU A 1 119 ? 0.471   3.471   -3.853  1.00 11.34 ? 119 LEU A CD1 1 
ATOM   892  C CD2 . LEU A 1 119 ? 1.743   5.198   -2.791  1.00 16.28 ? 119 LEU A CD2 1 
ATOM   893  N N   . VAL A 1 120 ? -2.685  3.108   -1.673  1.00 10.12 ? 120 VAL A N   1 
ATOM   894  C CA  . VAL A 1 120 ? -2.955  2.291   -0.482  1.00 10.10 ? 120 VAL A CA  1 
ATOM   895  C C   . VAL A 1 120 ? -1.845  1.256   -0.351  1.00 7.86  ? 120 VAL A C   1 
ATOM   896  O O   . VAL A 1 120 ? -1.488  0.618   -1.325  1.00 12.99 ? 120 VAL A O   1 
ATOM   897  C CB  . VAL A 1 120 ? -4.344  1.587   -0.596  1.00 10.42 ? 120 VAL A CB  1 
ATOM   898  C CG1 . VAL A 1 120 ? -4.684  0.812   0.677   1.00 5.19  ? 120 VAL A CG1 1 
ATOM   899  C CG2 . VAL A 1 120 ? -5.423  2.637   -0.853  1.00 10.54 ? 120 VAL A CG2 1 
ATOM   900  N N   . GLY A 1 121 ? -1.270  1.118   0.839   1.00 7.41  ? 121 GLY A N   1 
ATOM   901  C CA  . GLY A 1 121 ? -0.200  0.159   1.029   1.00 6.09  ? 121 GLY A CA  1 
ATOM   902  C C   . GLY A 1 121 ? -0.387  -0.695  2.270   1.00 6.45  ? 121 GLY A C   1 
ATOM   903  O O   . GLY A 1 121 ? -0.878  -0.215  3.282   1.00 6.72  ? 121 GLY A O   1 
ATOM   904  N N   . TYR A 1 122 ? 0.021   -1.958  2.195   1.00 4.39  ? 122 TYR A N   1 
ATOM   905  C CA  . TYR A 1 122 ? -0.102  -2.889  3.306   1.00 5.61  ? 122 TYR A CA  1 
ATOM   906  C C   . TYR A 1 122 ? 1.269   -3.440  3.666   1.00 6.97  ? 122 TYR A C   1 
ATOM   907  O O   . TYR A 1 122 ? 2.041   -3.819  2.789   1.00 9.26  ? 122 TYR A O   1 
ATOM   908  C CB  . TYR A 1 122 ? -1.019  -4.054  2.928   1.00 4.02  ? 122 TYR A CB  1 
ATOM   909  C CG  . TYR A 1 122 ? -2.412  -3.644  2.534   1.00 4.20  ? 122 TYR A CG  1 
ATOM   910  C CD1 . TYR A 1 122 ? -2.690  -3.166  1.242   1.00 8.59  ? 122 TYR A CD1 1 
ATOM   911  C CD2 . TYR A 1 122 ? -3.468  -3.740  3.449   1.00 6.32  ? 122 TYR A CD2 1 
ATOM   912  C CE1 . TYR A 1 122 ? -4.004  -2.787  0.870   1.00 4.13  ? 122 TYR A CE1 1 
ATOM   913  C CE2 . TYR A 1 122 ? -4.758  -3.373  3.094   1.00 8.93  ? 122 TYR A CE2 1 
ATOM   914  C CZ  . TYR A 1 122 ? -5.018  -2.898  1.807   1.00 4.90  ? 122 TYR A CZ  1 
ATOM   915  O OH  . TYR A 1 122 ? -6.292  -2.532  1.492   1.00 10.51 ? 122 TYR A OH  1 
HETATM 916  C C   . SEB A 1 123 ? 3.990   -3.283  4.754   1.00 4.15  ? 123 SEB A C   1 
HETATM 917  N N   . SEB A 1 123 ? 1.556   -3.508  4.958   1.00 7.79  ? 123 SEB A N   1 
HETATM 918  C CI2 . SEB A 1 123 ? 3.605   -11.615 7.519   1.00 20.77 ? 123 SEB A CI2 1 
HETATM 919  C CH2 . SEB A 1 123 ? 3.758   -10.239 7.333   1.00 21.12 ? 123 SEB A CH2 1 
HETATM 920  C CJ  . SEB A 1 123 ? 4.696   -12.403 7.813   1.00 18.67 ? 123 SEB A CJ  1 
HETATM 921  C CI1 . SEB A 1 123 ? 5.939   -11.824 7.919   1.00 25.08 ? 123 SEB A CI1 1 
HETATM 922  C CH1 . SEB A 1 123 ? 6.102   -10.444 7.732   1.00 27.91 ? 123 SEB A CH1 1 
HETATM 923  C CZ  . SEB A 1 123 ? 5.008   -9.639  7.438   1.00 22.80 ? 123 SEB A CZ  1 
HETATM 924  C CE  . SEB A 1 123 ? 5.174   -8.159  7.235   1.00 18.90 ? 123 SEB A CE  1 
HETATM 925  O OD2 . SEB A 1 123 ? 3.069   -8.150  5.428   1.00 24.85 ? 123 SEB A OD2 1 
HETATM 926  O OD1 . SEB A 1 123 ? 5.112   -7.675  4.632   1.00 26.07 ? 123 SEB A OD1 1 
HETATM 927  S SD  . SEB A 1 123 ? 4.305   -7.492  5.777   1.00 19.75 ? 123 SEB A SD  1 
HETATM 928  O OG  . SEB A 1 123 ? 4.190   -5.942  5.749   1.00 21.34 ? 123 SEB A OG  1 
HETATM 929  C CB  . SEB A 1 123 ? 2.923   -5.509  5.272   1.00 12.32 ? 123 SEB A CB  1 
HETATM 930  C CA  . SEB A 1 123 ? 2.825   -3.996  5.446   1.00 6.62  ? 123 SEB A CA  1 
HETATM 931  O O   . SEB A 1 123 ? 4.208   -2.096  4.991   1.00 4.98  ? 123 SEB A O   1 
ATOM   932  N N   . LEU A 1 124 ? 4.722   -3.996  3.900   1.00 2.00  ? 124 LEU A N   1 
ATOM   933  C CA  . LEU A 1 124 ? 5.854   -3.431  3.178   1.00 6.10  ? 124 LEU A CA  1 
ATOM   934  C C   . LEU A 1 124 ? 5.347   -2.205  2.434   1.00 7.67  ? 124 LEU A C   1 
ATOM   935  O O   . LEU A 1 124 ? 5.950   -1.131  2.496   1.00 14.89 ? 124 LEU A O   1 
ATOM   936  C CB  . LEU A 1 124 ? 6.433   -4.474  2.195   1.00 7.90  ? 124 LEU A CB  1 
ATOM   937  C CG  . LEU A 1 124 ? 7.445   -4.023  1.128   1.00 9.97  ? 124 LEU A CG  1 
ATOM   938  C CD1 . LEU A 1 124 ? 8.657   -3.366  1.755   1.00 10.06 ? 124 LEU A CD1 1 
ATOM   939  C CD2 . LEU A 1 124 ? 7.870   -5.191  0.260   1.00 11.15 ? 124 LEU A CD2 1 
ATOM   940  N N   . GLY A 1 125 ? 4.187   -2.352  1.804   1.00 5.54  ? 125 GLY A N   1 
ATOM   941  C CA  . GLY A 1 125 ? 3.571   -1.258  1.073   1.00 4.26  ? 125 GLY A CA  1 
ATOM   942  C C   . GLY A 1 125 ? 3.181   -0.097  1.953   1.00 2.71  ? 125 GLY A C   1 
ATOM   943  O O   . GLY A 1 125 ? 3.110   1.027   1.468   1.00 8.83  ? 125 GLY A O   1 
ATOM   944  N N   . GLY A 1 126 ? 2.924   -0.367  3.234   1.00 7.91  ? 126 GLY A N   1 
ATOM   945  C CA  . GLY A 1 126 ? 2.573   0.677   4.195   1.00 5.70  ? 126 GLY A CA  1 
ATOM   946  C C   . GLY A 1 126 ? 3.738   1.624   4.452   1.00 6.97  ? 126 GLY A C   1 
ATOM   947  O O   . GLY A 1 126 ? 3.542   2.804   4.737   1.00 10.26 ? 126 GLY A O   1 
ATOM   948  N N   . ALA A 1 127 ? 4.959   1.098   4.361   1.00 10.18 ? 127 ALA A N   1 
ATOM   949  C CA  . ALA A 1 127 ? 6.189   1.878   4.542   1.00 6.42  ? 127 ALA A CA  1 
ATOM   950  C C   . ALA A 1 127 ? 6.424   2.689   3.270   1.00 4.24  ? 127 ALA A C   1 
ATOM   951  O O   . ALA A 1 127 ? 6.800   3.855   3.307   1.00 5.88  ? 127 ALA A O   1 
ATOM   952  C CB  . ALA A 1 127 ? 7.367   0.935   4.778   1.00 6.44  ? 127 ALA A CB  1 
ATOM   953  N N   . LEU A 1 128 ? 6.199   2.042   2.137   1.00 8.85  ? 128 LEU A N   1 
ATOM   954  C CA  . LEU A 1 128 ? 6.354   2.682   0.843   1.00 8.02  ? 128 LEU A CA  1 
ATOM   955  C C   . LEU A 1 128 ? 5.332   3.793   0.669   1.00 7.40  ? 128 LEU A C   1 
ATOM   956  O O   . LEU A 1 128 ? 5.660   4.825   0.109   1.00 12.63 ? 128 LEU A O   1 
ATOM   957  C CB  . LEU A 1 128 ? 6.216   1.657   -0.281  1.00 7.70  ? 128 LEU A CB  1 
ATOM   958  C CG  . LEU A 1 128 ? 7.443   1.013   -0.942  1.00 3.76  ? 128 LEU A CG  1 
ATOM   959  C CD1 . LEU A 1 128 ? 8.656   1.059   -0.070  1.00 6.35  ? 128 LEU A CD1 1 
ATOM   960  C CD2 . LEU A 1 128 ? 7.091   -0.427  -1.309  1.00 7.41  ? 128 LEU A CD2 1 
ATOM   961  N N   . ALA A 1 129 ? 4.108   3.603   1.161   1.00 4.75  ? 129 ALA A N   1 
ATOM   962  C CA  . ALA A 1 129 ? 3.069   4.631   1.027   1.00 4.61  ? 129 ALA A CA  1 
ATOM   963  C C   . ALA A 1 129 ? 3.513   5.914   1.731   1.00 7.74  ? 129 ALA A C   1 
ATOM   964  O O   . ALA A 1 129 ? 3.340   7.021   1.216   1.00 12.34 ? 129 ALA A O   1 
ATOM   965  C CB  . ALA A 1 129 ? 1.751   4.131   1.602   1.00 2.31  ? 129 ALA A CB  1 
ATOM   966  N N   . PHE A 1 130 ? 4.117   5.748   2.901   1.00 11.02 ? 130 PHE A N   1 
ATOM   967  C CA  . PHE A 1 130 ? 4.626   6.859   3.688   1.00 6.68  ? 130 PHE A CA  1 
ATOM   968  C C   . PHE A 1 130 ? 5.723   7.571   2.880   1.00 6.19  ? 130 PHE A C   1 
ATOM   969  O O   . PHE A 1 130 ? 5.733   8.792   2.791   1.00 7.26  ? 130 PHE A O   1 
ATOM   970  C CB  . PHE A 1 130 ? 5.190   6.340   5.024   1.00 4.56  ? 130 PHE A CB  1 
ATOM   971  C CG  . PHE A 1 130 ? 5.810   7.414   5.868   1.00 5.88  ? 130 PHE A CG  1 
ATOM   972  C CD1 . PHE A 1 130 ? 5.015   8.336   6.538   1.00 7.83  ? 130 PHE A CD1 1 
ATOM   973  C CD2 . PHE A 1 130 ? 7.194   7.568   5.914   1.00 8.20  ? 130 PHE A CD2 1 
ATOM   974  C CE1 . PHE A 1 130 ? 5.588   9.407   7.235   1.00 7.99  ? 130 PHE A CE1 1 
ATOM   975  C CE2 . PHE A 1 130 ? 7.780   8.637   6.604   1.00 11.28 ? 130 PHE A CE2 1 
ATOM   976  C CZ  . PHE A 1 130 ? 6.979   9.556   7.263   1.00 7.54  ? 130 PHE A CZ  1 
ATOM   977  N N   . LEU A 1 131 ? 6.667   6.814   2.332   1.00 2.00  ? 131 LEU A N   1 
ATOM   978  C CA  . LEU A 1 131 ? 7.748   7.398   1.538   1.00 6.76  ? 131 LEU A CA  1 
ATOM   979  C C   . LEU A 1 131 ? 7.267   8.148   0.267   1.00 8.74  ? 131 LEU A C   1 
ATOM   980  O O   . LEU A 1 131 ? 7.736   9.250   -0.027  1.00 12.49 ? 131 LEU A O   1 
ATOM   981  C CB  . LEU A 1 131 ? 8.769   6.319   1.178   1.00 5.74  ? 131 LEU A CB  1 
ATOM   982  C CG  . LEU A 1 131 ? 9.996   6.105   2.072   1.00 5.14  ? 131 LEU A CG  1 
ATOM   983  C CD1 . LEU A 1 131 ? 9.889   6.795   3.398   1.00 2.00  ? 131 LEU A CD1 1 
ATOM   984  C CD2 . LEU A 1 131 ? 10.209  4.620   2.243   1.00 4.70  ? 131 LEU A CD2 1 
ATOM   985  N N   . VAL A 1 132 ? 6.330   7.570   -0.476  1.00 6.01  ? 132 VAL A N   1 
ATOM   986  C CA  . VAL A 1 132 ? 5.797   8.226   -1.666  1.00 5.80  ? 132 VAL A CA  1 
ATOM   987  C C   . VAL A 1 132 ? 5.093   9.502   -1.191  1.00 10.27 ? 132 VAL A C   1 
ATOM   988  O O   . VAL A 1 132 ? 5.115   10.545  -1.880  1.00 5.87  ? 132 VAL A O   1 
ATOM   989  C CB  . VAL A 1 132 ? 4.804   7.307   -2.417  1.00 5.44  ? 132 VAL A CB  1 
ATOM   990  C CG1 . VAL A 1 132 ? 4.175   8.024   -3.586  1.00 8.38  ? 132 VAL A CG1 1 
ATOM   991  C CG2 . VAL A 1 132 ? 5.522   6.069   -2.916  1.00 8.34  ? 132 VAL A CG2 1 
ATOM   992  N N   . ALA A 1 133 ? 4.505   9.423   0.009   1.00 8.18  ? 133 ALA A N   1 
ATOM   993  C CA  . ALA A 1 133 ? 3.831   10.570  0.609   1.00 6.82  ? 133 ALA A CA  1 
ATOM   994  C C   . ALA A 1 133 ? 4.874   11.649  0.920   1.00 7.88  ? 133 ALA A C   1 
ATOM   995  O O   . ALA A 1 133 ? 4.629   12.829  0.665   1.00 11.15 ? 133 ALA A O   1 
ATOM   996  C CB  . ALA A 1 133 ? 3.069   10.165  1.888   1.00 4.04  ? 133 ALA A CB  1 
ATOM   997  N N   . ALA A 1 134 ? 6.039   11.258  1.438   1.00 6.06  ? 134 ALA A N   1 
ATOM   998  C CA  . ALA A 1 134 ? 7.084   12.234  1.742   1.00 2.85  ? 134 ALA A CA  1 
ATOM   999  C C   . ALA A 1 134 ? 7.644   12.813  0.446   1.00 6.57  ? 134 ALA A C   1 
ATOM   1000 O O   . ALA A 1 134 ? 8.170   13.925  0.440   1.00 10.84 ? 134 ALA A O   1 
ATOM   1001 C CB  . ALA A 1 134 ? 8.181   11.620  2.586   1.00 2.00  ? 134 ALA A CB  1 
ATOM   1002 N N   . LYS A 1 135 ? 7.550   12.072  -0.655  1.00 8.99  ? 135 LYS A N   1 
ATOM   1003 C CA  . LYS A 1 135 ? 8.023   12.585  -1.946  1.00 7.25  ? 135 LYS A CA  1 
ATOM   1004 C C   . LYS A 1 135 ? 6.942   13.475  -2.571  1.00 8.39  ? 135 LYS A C   1 
ATOM   1005 O O   . LYS A 1 135 ? 7.230   14.324  -3.403  1.00 11.69 ? 135 LYS A O   1 
ATOM   1006 C CB  . LYS A 1 135 ? 8.362   11.451  -2.912  1.00 11.14 ? 135 LYS A CB  1 
ATOM   1007 C CG  . LYS A 1 135 ? 9.594   10.632  -2.562  1.00 10.12 ? 135 LYS A CG  1 
ATOM   1008 C CD  . LYS A 1 135 ? 10.839  11.401  -2.836  1.00 10.62 ? 135 LYS A CD  1 
ATOM   1009 C CE  . LYS A 1 135 ? 12.043  10.541  -2.594  1.00 15.91 ? 135 LYS A CE  1 
ATOM   1010 N NZ  . LYS A 1 135 ? 13.287  11.332  -2.815  1.00 29.07 ? 135 LYS A NZ  1 
ATOM   1011 N N   . GLY A 1 136 ? 5.685   13.218  -2.233  1.00 7.67  ? 136 GLY A N   1 
ATOM   1012 C CA  . GLY A 1 136 ? 4.605   14.046  -2.741  1.00 6.00  ? 136 GLY A CA  1 
ATOM   1013 C C   . GLY A 1 136 ? 4.062   13.636  -4.075  1.00 9.44  ? 136 GLY A C   1 
ATOM   1014 O O   . GLY A 1 136 ? 3.389   14.423  -4.728  1.00 11.42 ? 136 GLY A O   1 
ATOM   1015 N N   . TYR A 1 137 ? 4.290   12.381  -4.446  1.00 12.92 ? 137 TYR A N   1 
ATOM   1016 C CA  . TYR A 1 137 ? 3.829   11.857  -5.729  1.00 13.61 ? 137 TYR A CA  1 
ATOM   1017 C C   . TYR A 1 137 ? 2.320   11.597  -5.864  1.00 15.90 ? 137 TYR A C   1 
ATOM   1018 O O   . TYR A 1 137 ? 1.827   11.451  -6.992  1.00 19.25 ? 137 TYR A O   1 
ATOM   1019 C CB  . TYR A 1 137 ? 4.609   10.591  -6.105  1.00 10.17 ? 137 TYR A CB  1 
ATOM   1020 C CG  . TYR A 1 137 ? 6.119   10.787  -6.238  1.00 13.40 ? 137 TYR A CG  1 
ATOM   1021 C CD1 . TYR A 1 137 ? 6.994   9.700   -6.112  1.00 7.32  ? 137 TYR A CD1 1 
ATOM   1022 C CD2 . TYR A 1 137 ? 6.670   12.062  -6.467  1.00 12.80 ? 137 TYR A CD2 1 
ATOM   1023 C CE1 . TYR A 1 137 ? 8.377   9.869   -6.210  1.00 9.20  ? 137 TYR A CE1 1 
ATOM   1024 C CE2 . TYR A 1 137 ? 8.058   12.248  -6.560  1.00 15.37 ? 137 TYR A CE2 1 
ATOM   1025 C CZ  . TYR A 1 137 ? 8.908   11.141  -6.427  1.00 17.85 ? 137 TYR A CZ  1 
ATOM   1026 O OH  . TYR A 1 137 ? 10.286  11.307  -6.480  1.00 16.20 ? 137 TYR A OH  1 
ATOM   1027 N N   . VAL A 1 138 ? 1.590   11.550  -4.747  1.00 14.01 ? 138 VAL A N   1 
ATOM   1028 C CA  . VAL A 1 138 ? 0.142   11.291  -4.782  1.00 16.12 ? 138 VAL A CA  1 
ATOM   1029 C C   . VAL A 1 138 ? -0.716  12.392  -4.157  1.00 18.36 ? 138 VAL A C   1 
ATOM   1030 O O   . VAL A 1 138 ? -0.216  13.319  -3.515  1.00 16.72 ? 138 VAL A O   1 
ATOM   1031 C CB  . VAL A 1 138 ? -0.280  9.906   -4.106  1.00 13.38 ? 138 VAL A CB  1 
ATOM   1032 C CG1 . VAL A 1 138 ? -0.021  8.722   -5.034  1.00 9.46  ? 138 VAL A CG1 1 
ATOM   1033 C CG2 . VAL A 1 138 ? 0.452   9.697   -2.797  1.00 14.38 ? 138 VAL A CG2 1 
ATOM   1034 N N   . ASP A 1 139 ? -2.023  12.288  -4.395  1.00 19.93 ? 139 ASP A N   1 
ATOM   1035 C CA  . ASP A 1 139 ? -2.987  13.219  -3.846  1.00 17.16 ? 139 ASP A CA  1 
ATOM   1036 C C   . ASP A 1 139 ? -3.124  12.912  -2.353  1.00 17.06 ? 139 ASP A C   1 
ATOM   1037 O O   . ASP A 1 139 ? -3.069  13.822  -1.524  1.00 21.14 ? 139 ASP A O   1 
ATOM   1038 C CB  . ASP A 1 139 ? -4.314  13.110  -4.605  1.00 14.39 ? 139 ASP A CB  1 
ATOM   1039 C CG  . ASP A 1 139 ? -4.202  13.651  -6.031  1.00 21.27 ? 139 ASP A CG  1 
ATOM   1040 O OD1 . ASP A 1 139 ? -4.034  14.875  -6.202  1.00 27.18 ? 139 ASP A OD1 1 
ATOM   1041 O OD2 . ASP A 1 139 ? -4.218  12.870  -6.994  1.00 23.52 ? 139 ASP A OD2 1 
ATOM   1042 N N   . ARG A 1 140 ? -3.247  11.630  -2.017  1.00 15.56 ? 140 ARG A N   1 
ATOM   1043 C CA  . ARG A 1 140 ? -3.336  11.181  -0.630  1.00 14.69 ? 140 ARG A CA  1 
ATOM   1044 C C   . ARG A 1 140 ? -2.994  9.697   -0.547  1.00 15.53 ? 140 ARG A C   1 
ATOM   1045 O O   . ARG A 1 140 ? -3.271  8.941   -1.486  1.00 15.24 ? 140 ARG A O   1 
ATOM   1046 C CB  . ARG A 1 140 ? -4.693  11.502  -0.004  1.00 15.07 ? 140 ARG A CB  1 
ATOM   1047 C CG  . ARG A 1 140 ? -5.893  11.096  -0.789  1.00 17.73 ? 140 ARG A CG  1 
ATOM   1048 C CD  . ARG A 1 140 ? -7.151  11.520  -0.055  1.00 17.73 ? 140 ARG A CD  1 
ATOM   1049 N NE  . ARG A 1 140 ? -7.321  12.968  -0.043  1.00 18.51 ? 140 ARG A NE  1 
ATOM   1050 C CZ  . ARG A 1 140 ? -8.043  13.641  0.853   1.00 21.96 ? 140 ARG A CZ  1 
ATOM   1051 N NH1 . ARG A 1 140 ? -8.673  13.024  1.849   1.00 18.56 ? 140 ARG A NH1 1 
ATOM   1052 N NH2 . ARG A 1 140 ? -8.170  14.948  0.726   1.00 23.10 ? 140 ARG A NH2 1 
ATOM   1053 N N   . ALA A 1 141 ? -2.317  9.301   0.531   1.00 11.44 ? 141 ALA A N   1 
ATOM   1054 C CA  . ALA A 1 141 ? -1.878  7.919   0.708   1.00 6.99  ? 141 ALA A CA  1 
ATOM   1055 C C   . ALA A 1 141 ? -2.367  7.315   1.993   1.00 7.06  ? 141 ALA A C   1 
ATOM   1056 O O   . ALA A 1 141 ? -2.518  8.016   2.983   1.00 8.94  ? 141 ALA A O   1 
ATOM   1057 C CB  . ALA A 1 141 ? -0.369  7.842   0.666   1.00 7.58  ? 141 ALA A CB  1 
ATOM   1058 N N   . VAL A 1 142 ? -2.611  6.007   1.974   1.00 9.24  ? 142 VAL A N   1 
ATOM   1059 C CA  . VAL A 1 142 ? -3.077  5.273   3.150   1.00 7.35  ? 142 VAL A CA  1 
ATOM   1060 C C   . VAL A 1 142 ? -2.174  4.068   3.393   1.00 7.27  ? 142 VAL A C   1 
ATOM   1061 O O   . VAL A 1 142 ? -1.857  3.330   2.458   1.00 5.45  ? 142 VAL A O   1 
ATOM   1062 C CB  . VAL A 1 142 ? -4.503  4.741   2.966   1.00 6.50  ? 142 VAL A CB  1 
ATOM   1063 C CG1 . VAL A 1 142 ? -4.967  4.042   4.244   1.00 10.08 ? 142 VAL A CG1 1 
ATOM   1064 C CG2 . VAL A 1 142 ? -5.430  5.847   2.602   1.00 2.00  ? 142 VAL A CG2 1 
ATOM   1065 N N   . GLY A 1 143 ? -1.784  3.859   4.645   1.00 6.86  ? 143 GLY A N   1 
ATOM   1066 C CA  . GLY A 1 143 ? -0.931  2.734   4.983   1.00 7.32  ? 143 GLY A CA  1 
ATOM   1067 C C   . GLY A 1 143 ? -1.551  1.828   6.033   1.00 10.08 ? 143 GLY A C   1 
ATOM   1068 O O   . GLY A 1 143 ? -2.091  2.308   7.031   1.00 10.54 ? 143 GLY A O   1 
ATOM   1069 N N   . TYR A 1 144 ? -1.524  0.520   5.781   1.00 8.95  ? 144 TYR A N   1 
ATOM   1070 C CA  . TYR A 1 144 ? -2.053  -0.476  6.700   1.00 5.08  ? 144 TYR A CA  1 
ATOM   1071 C C   . TYR A 1 144 ? -0.869  -1.179  7.284   1.00 6.68  ? 144 TYR A C   1 
ATOM   1072 O O   . TYR A 1 144 ? -0.046  -1.723  6.553   1.00 6.14  ? 144 TYR A O   1 
ATOM   1073 C CB  . TYR A 1 144 ? -2.894  -1.514  5.979   1.00 3.77  ? 144 TYR A CB  1 
ATOM   1074 C CG  . TYR A 1 144 ? -4.294  -1.065  5.663   1.00 9.33  ? 144 TYR A CG  1 
ATOM   1075 C CD1 . TYR A 1 144 ? -5.380  -1.578  6.370   1.00 6.22  ? 144 TYR A CD1 1 
ATOM   1076 C CD2 . TYR A 1 144 ? -4.540  -0.132  4.644   1.00 5.94  ? 144 TYR A CD2 1 
ATOM   1077 C CE1 . TYR A 1 144 ? -6.674  -1.179  6.069   1.00 8.05  ? 144 TYR A CE1 1 
ATOM   1078 C CE2 . TYR A 1 144 ? -5.828  0.274   4.339   1.00 2.00  ? 144 TYR A CE2 1 
ATOM   1079 C CZ  . TYR A 1 144 ? -6.885  -0.257  5.053   1.00 5.87  ? 144 TYR A CZ  1 
ATOM   1080 O OH  . TYR A 1 144 ? -8.167  0.103   4.741   1.00 9.43  ? 144 TYR A OH  1 
ATOM   1081 N N   . TYR A 1 145 ? -0.786  -1.155  8.605   1.00 13.70 ? 145 TYR A N   1 
ATOM   1082 C CA  . TYR A 1 145 ? 0.284   -1.795  9.358   1.00 13.26 ? 145 TYR A CA  1 
ATOM   1083 C C   . TYR A 1 145 ? 1.659   -1.745  8.661   1.00 15.82 ? 145 TYR A C   1 
ATOM   1084 O O   . TYR A 1 145 ? 2.221   -2.766  8.228   1.00 19.94 ? 145 TYR A O   1 
ATOM   1085 C CB  . TYR A 1 145 ? -0.138  -3.220  9.813   1.00 8.99  ? 145 TYR A CB  1 
ATOM   1086 C CG  . TYR A 1 145 ? -0.937  -4.056  8.808   1.00 11.85 ? 145 TYR A CG  1 
ATOM   1087 C CD1 . TYR A 1 145 ? -0.281  -4.804  7.821   1.00 9.35  ? 145 TYR A CD1 1 
ATOM   1088 C CD2 . TYR A 1 145 ? -2.340  -4.075  8.829   1.00 6.86  ? 145 TYR A CD2 1 
ATOM   1089 C CE1 . TYR A 1 145 ? -0.978  -5.538  6.879   1.00 12.81 ? 145 TYR A CE1 1 
ATOM   1090 C CE2 . TYR A 1 145 ? -3.069  -4.824  7.863   1.00 13.27 ? 145 TYR A CE2 1 
ATOM   1091 C CZ  . TYR A 1 145 ? -2.372  -5.549  6.888   1.00 18.97 ? 145 TYR A CZ  1 
ATOM   1092 O OH  . TYR A 1 145 ? -3.038  -6.273  5.897   1.00 25.29 ? 145 TYR A OH  1 
ATOM   1093 N N   . GLY A 1 146 ? 2.170   -0.527  8.527   1.00 12.96 ? 146 GLY A N   1 
ATOM   1094 C CA  . GLY A 1 146 ? 3.456   -0.325  7.901   1.00 12.50 ? 146 GLY A CA  1 
ATOM   1095 C C   . GLY A 1 146 ? 4.561   -0.764  8.837   1.00 14.46 ? 146 GLY A C   1 
ATOM   1096 O O   . GLY A 1 146 ? 4.508   -0.529  10.053  1.00 16.81 ? 146 GLY A O   1 
ATOM   1097 N N   . VAL A 1 147 ? 5.572   -1.398  8.264   1.00 15.51 ? 147 VAL A N   1 
ATOM   1098 C CA  . VAL A 1 147 ? 6.714   -1.884  9.017   1.00 15.44 ? 147 VAL A CA  1 
ATOM   1099 C C   . VAL A 1 147 ? 7.899   -0.935  8.855   1.00 13.87 ? 147 VAL A C   1 
ATOM   1100 O O   . VAL A 1 147 ? 8.104   -0.373  7.781   1.00 14.38 ? 147 VAL A O   1 
ATOM   1101 C CB  . VAL A 1 147 ? 7.133   -3.309  8.549   1.00 15.98 ? 147 VAL A CB  1 
ATOM   1102 C CG1 . VAL A 1 147 ? 5.986   -4.274  8.724   1.00 17.61 ? 147 VAL A CG1 1 
ATOM   1103 C CG2 . VAL A 1 147 ? 7.565   -3.292  7.101   1.00 15.31 ? 147 VAL A CG2 1 
ATOM   1104 N N   . GLY A 1 148 ? 8.638   -0.728  9.941   1.00 11.90 ? 148 GLY A N   1 
ATOM   1105 C CA  . GLY A 1 148 ? 9.807   0.126   9.911   1.00 14.97 ? 148 GLY A CA  1 
ATOM   1106 C C   . GLY A 1 148 ? 9.528   1.612   9.804   1.00 17.77 ? 148 GLY A C   1 
ATOM   1107 O O   . GLY A 1 148 ? 10.425  2.399   9.476   1.00 20.74 ? 148 GLY A O   1 
ATOM   1108 N N   . LEU A 1 149 ? 8.300   1.993   10.134  1.00 18.93 ? 149 LEU A N   1 
ATOM   1109 C CA  . LEU A 1 149 ? 7.846   3.379   10.102  1.00 17.30 ? 149 LEU A CA  1 
ATOM   1110 C C   . LEU A 1 149 ? 8.631   4.245   11.085  1.00 18.08 ? 149 LEU A C   1 
ATOM   1111 O O   . LEU A 1 149 ? 8.941   5.394   10.795  1.00 20.19 ? 149 LEU A O   1 
ATOM   1112 C CB  . LEU A 1 149 ? 6.350   3.427   10.443  1.00 14.22 ? 149 LEU A CB  1 
ATOM   1113 C CG  . LEU A 1 149 ? 5.289   3.744   9.375   1.00 16.03 ? 149 LEU A CG  1 
ATOM   1114 C CD1 . LEU A 1 149 ? 5.568   3.113   8.021   1.00 8.96  ? 149 LEU A CD1 1 
ATOM   1115 C CD2 . LEU A 1 149 ? 3.951   3.287   9.908   1.00 13.87 ? 149 LEU A CD2 1 
ATOM   1116 N N   . GLU A 1 150 ? 8.993   3.672   12.229  1.00 19.89 ? 150 GLU A N   1 
ATOM   1117 C CA  . GLU A 1 150 ? 9.731   4.403   13.254  1.00 20.82 ? 150 GLU A CA  1 
ATOM   1118 C C   . GLU A 1 150 ? 11.111  4.850   12.784  1.00 20.58 ? 150 GLU A C   1 
ATOM   1119 O O   . GLU A 1 150 ? 11.667  5.818   13.300  1.00 22.23 ? 150 GLU A O   1 
ATOM   1120 C CB  . GLU A 1 150 ? 9.849   3.579   14.551  1.00 20.25 ? 150 GLU A CB  1 
ATOM   1121 C CG  . GLU A 1 150 ? 10.758  2.348   14.492  1.00 19.69 ? 150 GLU A CG  1 
ATOM   1122 C CD  . GLU A 1 150 ? 10.153  1.183   13.730  1.00 26.36 ? 150 GLU A CD  1 
ATOM   1123 O OE1 . GLU A 1 150 ? 8.915   1.115   13.593  1.00 28.84 ? 150 GLU A OE1 1 
ATOM   1124 O OE2 . GLU A 1 150 ? 10.919  0.316   13.268  1.00 31.80 ? 150 GLU A OE2 1 
ATOM   1125 N N   . LYS A 1 151 ? 11.660  4.149   11.801  1.00 19.16 ? 151 LYS A N   1 
ATOM   1126 C CA  . LYS A 1 151 ? 12.973  4.490   11.264  1.00 22.19 ? 151 LYS A CA  1 
ATOM   1127 C C   . LYS A 1 151 ? 12.950  5.641   10.237  1.00 21.35 ? 151 LYS A C   1 
ATOM   1128 O O   . LYS A 1 151 ? 13.998  6.136   9.833   1.00 20.66 ? 151 LYS A O   1 
ATOM   1129 C CB  . LYS A 1 151 ? 13.577  3.255   10.617  1.00 24.27 ? 151 LYS A CB  1 
ATOM   1130 C CG  . LYS A 1 151 ? 13.531  2.020   11.514  1.00 29.70 ? 151 LYS A CG  1 
ATOM   1131 C CD  . LYS A 1 151 ? 14.835  1.797   12.236  1.00 28.13 ? 151 LYS A CD  1 
ATOM   1132 C CE  . LYS A 1 151 ? 15.141  2.919   13.185  1.00 29.66 ? 151 LYS A CE  1 
ATOM   1133 N NZ  . LYS A 1 151 ? 16.500  2.766   13.733  1.00 34.69 ? 151 LYS A NZ  1 
ATOM   1134 N N   . GLN A 1 152 ? 11.759  6.098   9.865   1.00 19.43 ? 152 GLN A N   1 
ATOM   1135 C CA  . GLN A 1 152 ? 11.605  7.137   8.858   1.00 16.58 ? 152 GLN A CA  1 
ATOM   1136 C C   . GLN A 1 152 ? 11.055  8.438   9.395   1.00 13.90 ? 152 GLN A C   1 
ATOM   1137 O O   . GLN A 1 152 ? 10.596  9.276   8.631   1.00 13.70 ? 152 GLN A O   1 
ATOM   1138 C CB  . GLN A 1 152 ? 10.659  6.627   7.772   1.00 21.75 ? 152 GLN A CB  1 
ATOM   1139 C CG  . GLN A 1 152 ? 11.063  5.278   7.153   1.00 22.43 ? 152 GLN A CG  1 
ATOM   1140 C CD  . GLN A 1 152 ? 12.339  5.374   6.348   1.00 23.85 ? 152 GLN A CD  1 
ATOM   1141 O OE1 . GLN A 1 152 ? 12.706  6.448   5.879   1.00 23.78 ? 152 GLN A OE1 1 
ATOM   1142 N NE2 . GLN A 1 152 ? 13.026  4.250   6.184   1.00 27.49 ? 152 GLN A NE2 1 
ATOM   1143 N N   . LEU A 1 153 ? 11.161  8.642   10.699  1.00 15.54 ? 153 LEU A N   1 
ATOM   1144 C CA  . LEU A 1 153 ? 10.614  9.842   11.342  1.00 17.29 ? 153 LEU A CA  1 
ATOM   1145 C C   . LEU A 1 153 ? 11.119  11.212  10.884  1.00 15.05 ? 153 LEU A C   1 
ATOM   1146 O O   . LEU A 1 153 ? 10.380  12.200  10.920  1.00 15.34 ? 153 LEU A O   1 
ATOM   1147 C CB  . LEU A 1 153 ? 10.701  9.708   12.865  1.00 19.18 ? 153 LEU A CB  1 
ATOM   1148 C CG  . LEU A 1 153 ? 9.918   8.497   13.406  1.00 20.38 ? 153 LEU A CG  1 
ATOM   1149 C CD1 . LEU A 1 153 ? 9.971   8.491   14.922  1.00 27.34 ? 153 LEU A CD1 1 
ATOM   1150 C CD2 . LEU A 1 153 ? 8.471   8.513   12.915  1.00 22.42 ? 153 LEU A CD2 1 
ATOM   1151 N N   . ASN A 1 154 ? 12.348  11.266  10.397  1.00 14.17 ? 154 ASN A N   1 
ATOM   1152 C CA  . ASN A 1 154 ? 12.907  12.523  9.921   1.00 14.86 ? 154 ASN A CA  1 
ATOM   1153 C C   . ASN A 1 154 ? 12.197  13.091  8.685   1.00 15.20 ? 154 ASN A C   1 
ATOM   1154 O O   . ASN A 1 154 ? 12.364  14.266  8.344   1.00 21.48 ? 154 ASN A O   1 
ATOM   1155 C CB  . ASN A 1 154 ? 14.399  12.355  9.622   1.00 16.99 ? 154 ASN A CB  1 
ATOM   1156 N N   . LYS A 1 155 ? 11.425  12.262  7.992   1.00 16.16 ? 155 LYS A N   1 
ATOM   1157 C CA  . LYS A 1 155 ? 10.725  12.725  6.793   1.00 13.78 ? 155 LYS A CA  1 
ATOM   1158 C C   . LYS A 1 155 ? 9.344   13.275  7.085   1.00 14.62 ? 155 LYS A C   1 
ATOM   1159 O O   . LYS A 1 155 ? 8.670   13.796  6.188   1.00 18.10 ? 155 LYS A O   1 
ATOM   1160 C CB  . LYS A 1 155 ? 10.630  11.594  5.780   1.00 11.89 ? 155 LYS A CB  1 
ATOM   1161 C CG  . LYS A 1 155 ? 11.937  11.281  5.153   1.00 7.29  ? 155 LYS A CG  1 
ATOM   1162 C CD  . LYS A 1 155 ? 11.985  9.849   4.747   1.00 14.51 ? 155 LYS A CD  1 
ATOM   1163 C CE  . LYS A 1 155 ? 13.335  9.541   4.149   1.00 21.33 ? 155 LYS A CE  1 
ATOM   1164 N NZ  . LYS A 1 155 ? 13.515  8.067   4.044   1.00 32.83 ? 155 LYS A NZ  1 
ATOM   1165 N N   . VAL A 1 156 ? 8.925   13.170  8.341   1.00 12.31 ? 156 VAL A N   1 
ATOM   1166 C CA  . VAL A 1 156 ? 7.620   13.656  8.757   1.00 12.14 ? 156 VAL A CA  1 
ATOM   1167 C C   . VAL A 1 156 ? 7.374   15.098  8.292   1.00 12.32 ? 156 VAL A C   1 
ATOM   1168 O O   . VAL A 1 156 ? 6.316   15.397  7.727   1.00 12.63 ? 156 VAL A O   1 
ATOM   1169 C CB  . VAL A 1 156 ? 7.424   13.520  10.303  1.00 10.43 ? 156 VAL A CB  1 
ATOM   1170 C CG1 . VAL A 1 156 ? 6.214   14.294  10.755  1.00 11.44 ? 156 VAL A CG1 1 
ATOM   1171 C CG2 . VAL A 1 156 ? 7.246   12.061  10.682  1.00 5.55  ? 156 VAL A CG2 1 
ATOM   1172 N N   . PRO A 1 157 ? 8.367   15.994  8.459   1.00 13.18 ? 157 PRO A N   1 
ATOM   1173 C CA  . PRO A 1 157 ? 8.160   17.384  8.028   1.00 12.90 ? 157 PRO A CA  1 
ATOM   1174 C C   . PRO A 1 157 ? 7.970   17.564  6.527   1.00 15.75 ? 157 PRO A C   1 
ATOM   1175 O O   . PRO A 1 157 ? 7.480   18.604  6.082   1.00 19.29 ? 157 PRO A O   1 
ATOM   1176 C CB  . PRO A 1 157 ? 9.430   18.077  8.513   1.00 8.54  ? 157 PRO A CB  1 
ATOM   1177 C CG  . PRO A 1 157 ? 9.837   17.246  9.711   1.00 6.86  ? 157 PRO A CG  1 
ATOM   1178 C CD  . PRO A 1 157 ? 9.649   15.869  9.179   1.00 11.92 ? 157 PRO A CD  1 
ATOM   1179 N N   . GLU A 1 158 ? 8.352   16.555  5.748   1.00 16.00 ? 158 GLU A N   1 
ATOM   1180 C CA  . GLU A 1 158 ? 8.230   16.653  4.310   1.00 12.32 ? 158 GLU A CA  1 
ATOM   1181 C C   . GLU A 1 158 ? 6.871   16.302  3.758   1.00 9.43  ? 158 GLU A C   1 
ATOM   1182 O O   . GLU A 1 158 ? 6.567   16.660  2.621   1.00 8.92  ? 158 GLU A O   1 
ATOM   1183 C CB  . GLU A 1 158 ? 9.286   15.805  3.623   1.00 17.18 ? 158 GLU A CB  1 
ATOM   1184 C CG  . GLU A 1 158 ? 10.713  16.108  4.061   1.00 32.60 ? 158 GLU A CG  1 
ATOM   1185 C CD  . GLU A 1 158 ? 11.746  15.435  3.165   1.00 39.91 ? 158 GLU A CD  1 
ATOM   1186 O OE1 . GLU A 1 158 ? 11.797  14.182  3.133   1.00 47.13 ? 158 GLU A OE1 1 
ATOM   1187 O OE2 . GLU A 1 158 ? 12.502  16.158  2.480   1.00 44.27 ? 158 GLU A OE2 1 
ATOM   1188 N N   . VAL A 1 159 ? 6.028   15.621  4.527   1.00 7.65  ? 159 VAL A N   1 
ATOM   1189 C CA  . VAL A 1 159 ? 4.741   15.271  3.939   1.00 7.81  ? 159 VAL A CA  1 
ATOM   1190 C C   . VAL A 1 159 ? 3.740   16.415  3.924   1.00 10.21 ? 159 VAL A C   1 
ATOM   1191 O O   . VAL A 1 159 ? 3.315   16.919  4.969   1.00 6.54  ? 159 VAL A O   1 
ATOM   1192 C CB  . VAL A 1 159 ? 4.167   13.888  4.399   1.00 3.86  ? 159 VAL A CB  1 
ATOM   1193 C CG1 . VAL A 1 159 ? 5.014   13.250  5.483   1.00 2.00  ? 159 VAL A CG1 1 
ATOM   1194 C CG2 . VAL A 1 159 ? 2.711   14.004  4.753   1.00 6.57  ? 159 VAL A CG2 1 
ATOM   1195 N N   . LYS A 1 160 ? 3.458   16.869  2.700   1.00 11.09 ? 160 LYS A N   1 
ATOM   1196 C CA  . LYS A 1 160 ? 2.560   17.997  2.436   1.00 12.28 ? 160 LYS A CA  1 
ATOM   1197 C C   . LYS A 1 160 ? 1.288   17.626  1.710   1.00 10.29 ? 160 LYS A C   1 
ATOM   1198 O O   . LYS A 1 160 ? 0.667   18.461  1.061   1.00 13.30 ? 160 LYS A O   1 
ATOM   1199 C CB  . LYS A 1 160 ? 3.318   19.071  1.661   1.00 9.71  ? 160 LYS A CB  1 
ATOM   1200 C CG  . LYS A 1 160 ? 4.550   19.482  2.422   1.00 17.81 ? 160 LYS A CG  1 
ATOM   1201 C CD  . LYS A 1 160 ? 5.492   20.338  1.640   1.00 24.86 ? 160 LYS A CD  1 
ATOM   1202 C CE  . LYS A 1 160 ? 6.749   20.574  2.465   1.00 31.82 ? 160 LYS A CE  1 
ATOM   1203 N NZ  . LYS A 1 160 ? 6.452   21.210  3.804   1.00 40.37 ? 160 LYS A NZ  1 
ATOM   1204 N N   . HIS A 1 161 ? 0.920   16.356  1.803   1.00 10.84 ? 161 HIS A N   1 
ATOM   1205 C CA  . HIS A 1 161 ? -0.288  15.848  1.178   1.00 11.26 ? 161 HIS A CA  1 
ATOM   1206 C C   . HIS A 1 161 ? -0.850  14.953  2.246   1.00 11.76 ? 161 HIS A C   1 
ATOM   1207 O O   . HIS A 1 161 ? -0.095  14.273  2.939   1.00 14.69 ? 161 HIS A O   1 
ATOM   1208 C CB  . HIS A 1 161 ? 0.049   15.032  -0.079  1.00 16.50 ? 161 HIS A CB  1 
ATOM   1209 C CG  . HIS A 1 161 ? 0.684   15.840  -1.170  1.00 16.22 ? 161 HIS A CG  1 
ATOM   1210 N ND1 . HIS A 1 161 ? -0.038  16.672  -1.999  1.00 16.13 ? 161 HIS A ND1 1 
ATOM   1211 C CD2 . HIS A 1 161 ? 1.981   15.986  -1.529  1.00 14.22 ? 161 HIS A CD2 1 
ATOM   1212 C CE1 . HIS A 1 161 ? 0.786   17.301  -2.815  1.00 15.47 ? 161 HIS A CE1 1 
ATOM   1213 N NE2 . HIS A 1 161 ? 2.016   16.902  -2.551  1.00 13.96 ? 161 HIS A NE2 1 
ATOM   1214 N N   . PRO A 1 162 ? -2.179  14.917  2.389   1.00 10.90 ? 162 PRO A N   1 
ATOM   1215 C CA  . PRO A 1 162 ? -2.807  14.081  3.413   1.00 9.00  ? 162 PRO A CA  1 
ATOM   1216 C C   . PRO A 1 162 ? -2.388  12.610  3.345   1.00 11.75 ? 162 PRO A C   1 
ATOM   1217 O O   . PRO A 1 162 ? -2.229  12.040  2.251   1.00 10.64 ? 162 PRO A O   1 
ATOM   1218 C CB  . PRO A 1 162 ? -4.300  14.248  3.123   1.00 3.90  ? 162 PRO A CB  1 
ATOM   1219 C CG  . PRO A 1 162 ? -4.376  15.530  2.400   1.00 2.00  ? 162 PRO A CG  1 
ATOM   1220 C CD  . PRO A 1 162 ? -3.193  15.515  1.510   1.00 4.38  ? 162 PRO A CD  1 
ATOM   1221 N N   . ALA A 1 163 ? -2.254  11.998  4.521   1.00 10.03 ? 163 ALA A N   1 
ATOM   1222 C CA  . ALA A 1 163 ? -1.877  10.607  4.632   1.00 6.76  ? 163 ALA A CA  1 
ATOM   1223 C C   . ALA A 1 163 ? -2.521  10.043  5.882   1.00 7.75  ? 163 ALA A C   1 
ATOM   1224 O O   . ALA A 1 163 ? -2.520  10.695  6.927   1.00 10.58 ? 163 ALA A O   1 
ATOM   1225 C CB  . ALA A 1 163 ? -0.361  10.480  4.700   1.00 8.86  ? 163 ALA A CB  1 
ATOM   1226 N N   . LEU A 1 164 ? -3.020  8.814   5.784   1.00 9.13  ? 164 LEU A N   1 
ATOM   1227 C CA  . LEU A 1 164 ? -3.709  8.135   6.887   1.00 8.09  ? 164 LEU A CA  1 
ATOM   1228 C C   . LEU A 1 164 ? -3.088  6.766   7.121   1.00 8.16  ? 164 LEU A C   1 
ATOM   1229 O O   . LEU A 1 164 ? -2.796  6.042   6.177   1.00 8.89  ? 164 LEU A O   1 
ATOM   1230 C CB  . LEU A 1 164 ? -5.211  7.983   6.554   1.00 6.62  ? 164 LEU A CB  1 
ATOM   1231 C CG  . LEU A 1 164 ? -6.188  7.181   7.423   1.00 10.92 ? 164 LEU A CG  1 
ATOM   1232 C CD1 . LEU A 1 164 ? -6.502  7.982   8.651   1.00 10.58 ? 164 LEU A CD1 1 
ATOM   1233 C CD2 . LEU A 1 164 ? -7.480  6.873   6.682   1.00 7.37  ? 164 LEU A CD2 1 
ATOM   1234 N N   . PHE A 1 165 ? -2.879  6.427   8.390   1.00 13.48 ? 165 PHE A N   1 
ATOM   1235 C CA  . PHE A 1 165 ? -2.301  5.146   8.784   1.00 13.35 ? 165 PHE A CA  1 
ATOM   1236 C C   . PHE A 1 165 ? -3.165  4.412   9.791   1.00 13.40 ? 165 PHE A C   1 
ATOM   1237 O O   . PHE A 1 165 ? -3.834  5.034   10.636  1.00 11.19 ? 165 PHE A O   1 
ATOM   1238 C CB  . PHE A 1 165 ? -0.888  5.341   9.325   1.00 6.54  ? 165 PHE A CB  1 
ATOM   1239 C CG  . PHE A 1 165 ? 0.086   5.753   8.268   1.00 9.03  ? 165 PHE A CG  1 
ATOM   1240 C CD1 . PHE A 1 165 ? 0.138   7.066   7.833   1.00 5.89  ? 165 PHE A CD1 1 
ATOM   1241 C CD2 . PHE A 1 165 ? 0.930   4.817   7.674   1.00 5.91  ? 165 PHE A CD2 1 
ATOM   1242 C CE1 . PHE A 1 165 ? 1.017   7.443   6.816   1.00 8.27  ? 165 PHE A CE1 1 
ATOM   1243 C CE2 . PHE A 1 165 ? 1.806   5.185   6.663   1.00 4.29  ? 165 PHE A CE2 1 
ATOM   1244 C CZ  . PHE A 1 165 ? 1.845   6.504   6.234   1.00 6.89  ? 165 PHE A CZ  1 
ATOM   1245 N N   . HIS A 1 166 ? -3.184  3.089   9.646   1.00 10.40 ? 166 HIS A N   1 
ATOM   1246 C CA  . HIS A 1 166 ? -3.944  2.190   10.511  1.00 10.64 ? 166 HIS A CA  1 
ATOM   1247 C C   . HIS A 1 166 ? -2.930  1.225   11.095  1.00 12.54 ? 166 HIS A C   1 
ATOM   1248 O O   . HIS A 1 166 ? -2.274  0.489   10.357  1.00 9.53  ? 166 HIS A O   1 
ATOM   1249 C CB  . HIS A 1 166 ? -4.961  1.405   9.686   1.00 8.46  ? 166 HIS A CB  1 
ATOM   1250 C CG  . HIS A 1 166 ? -5.890  2.270   8.885   1.00 10.54 ? 166 HIS A CG  1 
ATOM   1251 N ND1 . HIS A 1 166 ? -6.961  2.938   9.444   1.00 5.79  ? 166 HIS A ND1 1 
ATOM   1252 C CD2 . HIS A 1 166 ? -5.945  2.521   7.555   1.00 7.34  ? 166 HIS A CD2 1 
ATOM   1253 C CE1 . HIS A 1 166 ? -7.642  3.549   8.489   1.00 7.09  ? 166 HIS A CE1 1 
ATOM   1254 N NE2 . HIS A 1 166 ? -7.047  3.311   7.336   1.00 2.00  ? 166 HIS A NE2 1 
ATOM   1255 N N   . MET A 1 167 ? -2.784  1.233   12.411  1.00 12.80 ? 167 MET A N   1 
ATOM   1256 C CA  . MET A 1 167 ? -1.811  0.366   13.054  1.00 13.83 ? 167 MET A CA  1 
ATOM   1257 C C   . MET A 1 167 ? -2.473  -0.442  14.156  1.00 14.70 ? 167 MET A C   1 
ATOM   1258 O O   . MET A 1 167 ? -3.249  0.101   14.926  1.00 14.59 ? 167 MET A O   1 
ATOM   1259 C CB  . MET A 1 167 ? -0.700  1.223   13.657  1.00 17.40 ? 167 MET A CB  1 
ATOM   1260 C CG  . MET A 1 167 ? 0.000   2.174   12.690  1.00 14.99 ? 167 MET A CG  1 
ATOM   1261 S SD  . MET A 1 167 ? 1.035   1.320   11.514  1.00 19.74 ? 167 MET A SD  1 
ATOM   1262 C CE  . MET A 1 167 ? 2.561   1.268   12.403  1.00 16.49 ? 167 MET A CE  1 
ATOM   1263 N N   . GLY A 1 168 ? -2.187  -1.740  14.204  1.00 19.64 ? 168 GLY A N   1 
ATOM   1264 C CA  . GLY A 1 168 ? -2.754  -2.605  15.226  1.00 19.68 ? 168 GLY A CA  1 
ATOM   1265 C C   . GLY A 1 168 ? -2.024  -2.421  16.548  1.00 22.58 ? 168 GLY A C   1 
ATOM   1266 O O   . GLY A 1 168 ? -0.802  -2.243  16.570  1.00 23.43 ? 168 GLY A O   1 
ATOM   1267 N N   . GLY A 1 169 ? -2.765  -2.489  17.651  1.00 22.97 ? 169 GLY A N   1 
ATOM   1268 C CA  . GLY A 1 169 ? -2.183  -2.297  18.966  1.00 22.82 ? 169 GLY A CA  1 
ATOM   1269 C C   . GLY A 1 169 ? -1.264  -3.416  19.425  1.00 24.42 ? 169 GLY A C   1 
ATOM   1270 O O   . GLY A 1 169 ? -0.244  -3.160  20.058  1.00 27.85 ? 169 GLY A O   1 
ATOM   1271 N N   . GLN A 1 170 ? -1.627  -4.653  19.109  1.00 22.49 ? 170 GLN A N   1 
ATOM   1272 C CA  . GLN A 1 170 ? -0.848  -5.815  19.493  1.00 19.13 ? 170 GLN A CA  1 
ATOM   1273 C C   . GLN A 1 170 ? -0.089  -6.366  18.301  1.00 17.29 ? 170 GLN A C   1 
ATOM   1274 O O   . GLN A 1 170 ? -0.120  -7.565  18.058  1.00 15.35 ? 170 GLN A O   1 
ATOM   1275 C CB  . GLN A 1 170 ? -1.781  -6.901  20.029  1.00 22.30 ? 170 GLN A CB  1 
ATOM   1276 C CG  . GLN A 1 170 ? -2.703  -6.440  21.132  1.00 26.88 ? 170 GLN A CG  1 
ATOM   1277 C CD  . GLN A 1 170 ? -4.026  -7.187  21.133  1.00 32.83 ? 170 GLN A CD  1 
ATOM   1278 O OE1 . GLN A 1 170 ? -4.266  -8.061  20.302  1.00 37.57 ? 170 GLN A OE1 1 
ATOM   1279 N NE2 . GLN A 1 170 ? -4.896  -6.834  22.059  1.00 38.06 ? 170 GLN A NE2 1 
ATOM   1280 N N   . ASP A 1 171 ? 0.539   -5.492  17.522  1.00 20.38 ? 171 ASP A N   1 
ATOM   1281 C CA  . ASP A 1 171 ? 1.320   -5.923  16.364  1.00 21.56 ? 171 ASP A CA  1 
ATOM   1282 C C   . ASP A 1 171 ? 2.726   -6.235  16.849  1.00 22.46 ? 171 ASP A C   1 
ATOM   1283 O O   . ASP A 1 171 ? 3.426   -5.345  17.303  1.00 28.24 ? 171 ASP A O   1 
ATOM   1284 C CB  . ASP A 1 171 ? 1.390   -4.817  15.299  1.00 21.59 ? 171 ASP A CB  1 
ATOM   1285 C CG  . ASP A 1 171 ? 2.035   -5.291  13.974  1.00 25.70 ? 171 ASP A CG  1 
ATOM   1286 O OD1 . ASP A 1 171 ? 1.732   -4.701  12.902  1.00 25.27 ? 171 ASP A OD1 1 
ATOM   1287 O OD2 . ASP A 1 171 ? 2.841   -6.249  13.991  1.00 18.24 ? 171 ASP A OD2 1 
ATOM   1288 N N   . HIS A 1 172 ? 3.147   -7.489  16.720  1.00 27.18 ? 172 HIS A N   1 
ATOM   1289 C CA  . HIS A 1 172 ? 4.484   -7.919  17.145  1.00 26.56 ? 172 HIS A CA  1 
ATOM   1290 C C   . HIS A 1 172 ? 5.581   -7.151  16.410  1.00 24.36 ? 172 HIS A C   1 
ATOM   1291 O O   . HIS A 1 172 ? 6.635   -6.845  16.968  1.00 24.71 ? 172 HIS A O   1 
ATOM   1292 C CB  . HIS A 1 172 ? 4.652   -9.424  16.891  1.00 30.58 ? 172 HIS A CB  1 
ATOM   1293 N N   . PHE A 1 173 ? 5.329   -6.865  15.142  1.00 23.11 ? 173 PHE A N   1 
ATOM   1294 C CA  . PHE A 1 173 ? 6.282   -6.139  14.322  1.00 27.76 ? 173 PHE A CA  1 
ATOM   1295 C C   . PHE A 1 173 ? 6.504   -4.723  14.825  1.00 29.92 ? 173 PHE A C   1 
ATOM   1296 O O   . PHE A 1 173 ? 7.440   -4.047  14.403  1.00 34.46 ? 173 PHE A O   1 
ATOM   1297 C CB  . PHE A 1 173 ? 5.811   -6.090  12.866  1.00 31.20 ? 173 PHE A CB  1 
ATOM   1298 C CG  . PHE A 1 173 ? 5.817   -7.432  12.173  1.00 34.63 ? 173 PHE A CG  1 
ATOM   1299 C CD1 . PHE A 1 173 ? 7.017   -8.022  11.777  1.00 33.53 ? 173 PHE A CD1 1 
ATOM   1300 C CD2 . PHE A 1 173 ? 4.623   -8.095  11.898  1.00 31.46 ? 173 PHE A CD2 1 
ATOM   1301 C CE1 . PHE A 1 173 ? 7.025   -9.246  11.117  1.00 33.51 ? 173 PHE A CE1 1 
ATOM   1302 C CE2 . PHE A 1 173 ? 4.626   -9.320  11.238  1.00 30.75 ? 173 PHE A CE2 1 
ATOM   1303 C CZ  . PHE A 1 173 ? 5.830   -9.894  10.847  1.00 29.32 ? 173 PHE A CZ  1 
ATOM   1304 N N   . VAL A 1 174 ? 5.628   -4.252  15.699  1.00 30.01 ? 174 VAL A N   1 
ATOM   1305 C CA  . VAL A 1 174 ? 5.763   -2.908  16.219  1.00 29.06 ? 174 VAL A CA  1 
ATOM   1306 C C   . VAL A 1 174 ? 5.876   -2.906  17.727  1.00 28.40 ? 174 VAL A C   1 
ATOM   1307 O O   . VAL A 1 174 ? 4.872   -2.881  18.429  1.00 26.02 ? 174 VAL A O   1 
ATOM   1308 C CB  . VAL A 1 174 ? 4.584   -2.019  15.808  1.00 31.52 ? 174 VAL A CB  1 
ATOM   1309 C CG1 . VAL A 1 174 ? 4.869   -0.557  16.185  1.00 29.76 ? 174 VAL A CG1 1 
ATOM   1310 C CG2 . VAL A 1 174 ? 4.326   -2.151  14.310  1.00 35.11 ? 174 VAL A CG2 1 
ATOM   1311 N N   . PRO A 1 175 ? 7.112   -2.946  18.244  1.00 29.40 ? 175 PRO A N   1 
ATOM   1312 C CA  . PRO A 1 175 ? 7.342   -2.940  19.688  1.00 28.97 ? 175 PRO A CA  1 
ATOM   1313 C C   . PRO A 1 175 ? 6.795   -1.652  20.305  1.00 28.55 ? 175 PRO A C   1 
ATOM   1314 O O   . PRO A 1 175 ? 6.858   -0.575  19.699  1.00 29.51 ? 175 PRO A O   1 
ATOM   1315 C CB  . PRO A 1 175 ? 8.868   -2.976  19.790  1.00 27.69 ? 175 PRO A CB  1 
ATOM   1316 C CG  . PRO A 1 175 ? 9.289   -3.671  18.538  1.00 28.72 ? 175 PRO A CG  1 
ATOM   1317 C CD  . PRO A 1 175 ? 8.384   -3.059  17.510  1.00 30.04 ? 175 PRO A CD  1 
ATOM   1318 N N   . ALA A 1 176 ? 6.329   -1.763  21.543  1.00 27.49 ? 176 ALA A N   1 
ATOM   1319 C CA  . ALA A 1 176 ? 5.780   -0.640  22.292  1.00 24.23 ? 176 ALA A CA  1 
ATOM   1320 C C   . ALA A 1 176 ? 6.566   0.660   22.140  1.00 21.25 ? 176 ALA A C   1 
ATOM   1321 O O   . ALA A 1 176 ? 5.964   1.713   21.987  1.00 24.71 ? 176 ALA A O   1 
ATOM   1322 C CB  . ALA A 1 176 ? 5.637   -1.013  23.773  1.00 24.00 ? 176 ALA A CB  1 
ATOM   1323 N N   . PRO A 1 177 ? 7.916   0.608   22.138  1.00 21.75 ? 177 PRO A N   1 
ATOM   1324 C CA  . PRO A 1 177 ? 8.645   1.872   21.992  1.00 19.78 ? 177 PRO A CA  1 
ATOM   1325 C C   . PRO A 1 177 ? 8.412   2.454   20.616  1.00 18.48 ? 177 PRO A C   1 
ATOM   1326 O O   . PRO A 1 177 ? 8.258   3.667   20.457  1.00 22.35 ? 177 PRO A O   1 
ATOM   1327 C CB  . PRO A 1 177 ? 10.107  1.456   22.149  1.00 21.02 ? 177 PRO A CB  1 
ATOM   1328 C CG  . PRO A 1 177 ? 10.034  0.215   22.963  1.00 21.69 ? 177 PRO A CG  1 
ATOM   1329 C CD  . PRO A 1 177 ? 8.862   -0.500  22.357  1.00 22.14 ? 177 PRO A CD  1 
ATOM   1330 N N   . SER A 1 178 ? 8.360   1.589   19.618  1.00 15.73 ? 178 SER A N   1 
ATOM   1331 C CA  . SER A 1 178 ? 8.139   2.055   18.267  1.00 17.37 ? 178 SER A CA  1 
ATOM   1332 C C   . SER A 1 178 ? 6.823   2.812   18.196  1.00 18.05 ? 178 SER A C   1 
ATOM   1333 O O   . SER A 1 178 ? 6.714   3.837   17.513  1.00 16.11 ? 178 SER A O   1 
ATOM   1334 C CB  . SER A 1 178 ? 8.159   0.881   17.309  1.00 18.77 ? 178 SER A CB  1 
ATOM   1335 O OG  . SER A 1 178 ? 9.407   0.224   17.432  1.00 25.10 ? 178 SER A OG  1 
ATOM   1336 N N   . ARG A 1 179 ? 5.845   2.337   18.956  1.00 17.01 ? 179 ARG A N   1 
ATOM   1337 C CA  . ARG A 1 179 ? 4.545   2.978   19.003  1.00 19.49 ? 179 ARG A CA  1 
ATOM   1338 C C   . ARG A 1 179 ? 4.689   4.409   19.482  1.00 20.57 ? 179 ARG A C   1 
ATOM   1339 O O   . ARG A 1 179 ? 4.091   5.327   18.920  1.00 21.27 ? 179 ARG A O   1 
ATOM   1340 C CB  . ARG A 1 179 ? 3.636   2.257   19.973  1.00 20.77 ? 179 ARG A CB  1 
ATOM   1341 C CG  . ARG A 1 179 ? 2.570   1.491   19.313  1.00 24.61 ? 179 ARG A CG  1 
ATOM   1342 C CD  . ARG A 1 179 ? 1.371   1.403   20.216  1.00 26.60 ? 179 ARG A CD  1 
ATOM   1343 N NE  . ARG A 1 179 ? 0.690   2.683   20.360  1.00 19.89 ? 179 ARG A NE  1 
ATOM   1344 C CZ  . ARG A 1 179 ? -0.563  2.800   20.797  1.00 23.62 ? 179 ARG A CZ  1 
ATOM   1345 N NH1 . ARG A 1 179 ? -1.261  1.712   21.131  1.00 10.71 ? 179 ARG A NH1 1 
ATOM   1346 N NH2 . ARG A 1 179 ? -1.125  4.005   20.888  1.00 24.25 ? 179 ARG A NH2 1 
ATOM   1347 N N   . GLN A 1 180 ? 5.480   4.588   20.531  1.00 19.03 ? 180 GLN A N   1 
ATOM   1348 C CA  . GLN A 1 180 ? 5.702   5.905   21.098  1.00 18.07 ? 180 GLN A CA  1 
ATOM   1349 C C   . GLN A 1 180 ? 6.403   6.831   20.117  1.00 13.24 ? 180 GLN A C   1 
ATOM   1350 O O   . GLN A 1 180 ? 6.038   8.005   19.983  1.00 13.60 ? 180 GLN A O   1 
ATOM   1351 C CB  . GLN A 1 180 ? 6.518   5.799   22.376  1.00 21.80 ? 180 GLN A CB  1 
ATOM   1352 C CG  . GLN A 1 180 ? 6.572   7.082   23.139  1.00 29.16 ? 180 GLN A CG  1 
ATOM   1353 C CD  . GLN A 1 180 ? 7.716   7.107   24.101  1.00 36.65 ? 180 GLN A CD  1 
ATOM   1354 O OE1 . GLN A 1 180 ? 7.849   6.219   24.950  1.00 39.22 ? 180 GLN A OE1 1 
ATOM   1355 N NE2 . GLN A 1 180 ? 8.584   8.103   23.958  1.00 39.04 ? 180 GLN A NE2 1 
ATOM   1356 N N   . LEU A 1 181 ? 7.408   6.309   19.427  1.00 10.79 ? 181 LEU A N   1 
ATOM   1357 C CA  . LEU A 1 181 ? 8.135   7.111   18.454  1.00 8.84  ? 181 LEU A CA  1 
ATOM   1358 C C   . LEU A 1 181 ? 7.219   7.504   17.308  1.00 11.23 ? 181 LEU A C   1 
ATOM   1359 O O   . LEU A 1 181 ? 7.144   8.676   16.946  1.00 16.60 ? 181 LEU A O   1 
ATOM   1360 C CB  . LEU A 1 181 ? 9.331   6.337   17.919  1.00 10.09 ? 181 LEU A CB  1 
ATOM   1361 C CG  . LEU A 1 181 ? 10.411  6.061   18.953  1.00 4.06  ? 181 LEU A CG  1 
ATOM   1362 C CD1 . LEU A 1 181 ? 11.370  5.061   18.378  1.00 4.95  ? 181 LEU A CD1 1 
ATOM   1363 C CD2 . LEU A 1 181 ? 11.105  7.359   19.318  1.00 2.28  ? 181 LEU A CD2 1 
ATOM   1364 N N   . ILE A 1 182 ? 6.484   6.529   16.773  1.00 9.84  ? 182 ILE A N   1 
ATOM   1365 C CA  . ILE A 1 182 ? 5.579   6.785   15.667  1.00 9.20  ? 182 ILE A CA  1 
ATOM   1366 C C   . ILE A 1 182 ? 4.518   7.813   16.038  1.00 8.26  ? 182 ILE A C   1 
ATOM   1367 O O   . ILE A 1 182 ? 4.440   8.866   15.412  1.00 10.70 ? 182 ILE A O   1 
ATOM   1368 C CB  . ILE A 1 182 ? 4.946   5.469   15.112  1.00 8.99  ? 182 ILE A CB  1 
ATOM   1369 C CG1 . ILE A 1 182 ? 6.020   4.605   14.440  1.00 7.91  ? 182 ILE A CG1 1 
ATOM   1370 C CG2 . ILE A 1 182 ? 3.890   5.778   14.074  1.00 6.24  ? 182 ILE A CG2 1 
ATOM   1371 C CD1 . ILE A 1 182 ? 5.638   3.129   14.300  1.00 10.91 ? 182 ILE A CD1 1 
ATOM   1372 N N   . THR A 1 183 ? 3.773   7.552   17.105  1.00 8.34  ? 183 THR A N   1 
ATOM   1373 C CA  . THR A 1 183 ? 2.719   8.455   17.557  1.00 6.54  ? 183 THR A CA  1 
ATOM   1374 C C   . THR A 1 183 ? 3.231   9.871   17.790  1.00 13.08 ? 183 THR A C   1 
ATOM   1375 O O   . THR A 1 183 ? 2.583   10.855  17.393  1.00 17.39 ? 183 THR A O   1 
ATOM   1376 C CB  . THR A 1 183 ? 2.090   7.961   18.852  1.00 4.02  ? 183 THR A CB  1 
ATOM   1377 O OG1 . THR A 1 183 ? 1.624   6.626   18.673  1.00 6.75  ? 183 THR A OG1 1 
ATOM   1378 C CG2 . THR A 1 183 ? 0.904   8.825   19.230  1.00 12.02 ? 183 THR A CG2 1 
ATOM   1379 N N   . GLU A 1 184 ? 4.391   9.980   18.429  1.00 14.26 ? 184 GLU A N   1 
ATOM   1380 C CA  . GLU A 1 184 ? 4.978   11.283  18.715  1.00 13.38 ? 184 GLU A CA  1 
ATOM   1381 C C   . GLU A 1 184 ? 5.470   12.008  17.459  1.00 15.02 ? 184 GLU A C   1 
ATOM   1382 O O   . GLU A 1 184 ? 5.415   13.240  17.372  1.00 17.40 ? 184 GLU A O   1 
ATOM   1383 C CB  . GLU A 1 184 ? 6.124   11.123  19.707  1.00 14.94 ? 184 GLU A CB  1 
ATOM   1384 C CG  . GLU A 1 184 ? 5.660   10.782  21.093  1.00 19.46 ? 184 GLU A CG  1 
ATOM   1385 C CD  . GLU A 1 184 ? 6.798   10.449  22.037  1.00 24.66 ? 184 GLU A CD  1 
ATOM   1386 O OE1 . GLU A 1 184 ? 6.545   10.398  23.268  1.00 26.71 ? 184 GLU A OE1 1 
ATOM   1387 O OE2 . GLU A 1 184 ? 7.930   10.216  21.552  1.00 23.57 ? 184 GLU A OE2 1 
ATOM   1388 N N   . GLY A 1 185 ? 5.950   11.245  16.486  1.00 13.88 ? 185 GLY A N   1 
ATOM   1389 C CA  . GLY A 1 185 ? 6.435   11.851  15.268  1.00 11.54 ? 185 GLY A CA  1 
ATOM   1390 C C   . GLY A 1 185 ? 5.335   12.286  14.319  1.00 10.11 ? 185 GLY A C   1 
ATOM   1391 O O   . GLY A 1 185 ? 5.358   13.389  13.780  1.00 12.26 ? 185 GLY A O   1 
ATOM   1392 N N   . PHE A 1 186 ? 4.365   11.416  14.109  1.00 11.69 ? 186 PHE A N   1 
ATOM   1393 C CA  . PHE A 1 186 ? 3.277   11.717  13.199  1.00 12.98 ? 186 PHE A CA  1 
ATOM   1394 C C   . PHE A 1 186 ? 2.359   12.795  13.732  1.00 15.50 ? 186 PHE A C   1 
ATOM   1395 O O   . PHE A 1 186 ? 1.961   13.687  12.982  1.00 20.00 ? 186 PHE A O   1 
ATOM   1396 C CB  . PHE A 1 186 ? 2.492   10.444  12.860  1.00 11.86 ? 186 PHE A CB  1 
ATOM   1397 C CG  . PHE A 1 186 ? 3.186   9.542   11.859  1.00 14.74 ? 186 PHE A CG  1 
ATOM   1398 C CD1 . PHE A 1 186 ? 2.457   8.902   10.854  1.00 15.00 ? 186 PHE A CD1 1 
ATOM   1399 C CD2 . PHE A 1 186 ? 4.569   9.345   11.908  1.00 11.86 ? 186 PHE A CD2 1 
ATOM   1400 C CE1 . PHE A 1 186 ? 3.094   8.083   9.912   1.00 12.20 ? 186 PHE A CE1 1 
ATOM   1401 C CE2 . PHE A 1 186 ? 5.214   8.525   10.965  1.00 11.93 ? 186 PHE A CE2 1 
ATOM   1402 C CZ  . PHE A 1 186 ? 4.471   7.897   9.969   1.00 7.45  ? 186 PHE A CZ  1 
ATOM   1403 N N   . GLY A 1 187 ? 2.112   12.764  15.042  1.00 17.35 ? 187 GLY A N   1 
ATOM   1404 C CA  . GLY A 1 187 ? 1.235   13.727  15.686  1.00 13.13 ? 187 GLY A CA  1 
ATOM   1405 C C   . GLY A 1 187 ? 1.457   15.194  15.372  1.00 16.63 ? 187 GLY A C   1 
ATOM   1406 O O   . GLY A 1 187 ? 0.496   15.945  15.196  1.00 22.74 ? 187 GLY A O   1 
ATOM   1407 N N   . ALA A 1 188 ? 2.711   15.608  15.247  1.00 18.16 ? 188 ALA A N   1 
ATOM   1408 C CA  . ALA A 1 188 ? 3.023   17.010  14.956  1.00 12.82 ? 188 ALA A CA  1 
ATOM   1409 C C   . ALA A 1 188 ? 2.557   17.502  13.574  1.00 14.20 ? 188 ALA A C   1 
ATOM   1410 O O   . ALA A 1 188 ? 2.150   18.656  13.420  1.00 7.36  ? 188 ALA A O   1 
ATOM   1411 C CB  . ALA A 1 188 ? 4.509   17.253  15.137  1.00 8.69  ? 188 ALA A CB  1 
ATOM   1412 N N   . ASN A 1 189 ? 2.603   16.640  12.564  1.00 13.20 ? 189 ASN A N   1 
ATOM   1413 C CA  . ASN A 1 189 ? 2.189   17.068  11.232  1.00 11.64 ? 189 ASN A CA  1 
ATOM   1414 C C   . ASN A 1 189 ? 0.679   16.996  11.131  1.00 10.87 ? 189 ASN A C   1 
ATOM   1415 O O   . ASN A 1 189 ? 0.102   15.918  11.217  1.00 14.05 ? 189 ASN A O   1 
ATOM   1416 C CB  . ASN A 1 189 ? 2.837   16.198  10.153  1.00 12.97 ? 189 ASN A CB  1 
ATOM   1417 C CG  . ASN A 1 189 ? 2.706   16.804  8.771   1.00 12.17 ? 189 ASN A CG  1 
ATOM   1418 O OD1 . ASN A 1 189 ? 1.687   17.410  8.437   1.00 8.69  ? 189 ASN A OD1 1 
ATOM   1419 N ND2 . ASN A 1 189 ? 3.747   16.675  7.978   1.00 12.13 ? 189 ASN A ND2 1 
ATOM   1420 N N   . PRO A 1 190 ? 0.010   18.142  10.949  1.00 11.30 ? 190 PRO A N   1 
ATOM   1421 C CA  . PRO A 1 190 ? -1.449  18.120  10.855  1.00 9.45  ? 190 PRO A CA  1 
ATOM   1422 C C   . PRO A 1 190 ? -2.047  17.379  9.659   1.00 12.98 ? 190 PRO A C   1 
ATOM   1423 O O   . PRO A 1 190 ? -3.271  17.197  9.602   1.00 15.46 ? 190 PRO A O   1 
ATOM   1424 C CB  . PRO A 1 190 ? -1.813  19.602  10.878  1.00 7.02  ? 190 PRO A CB  1 
ATOM   1425 C CG  . PRO A 1 190 ? -0.609  20.260  10.304  1.00 9.97  ? 190 PRO A CG  1 
ATOM   1426 C CD  . PRO A 1 190 ? 0.507   19.525  10.963  1.00 13.45 ? 190 PRO A CD  1 
ATOM   1427 N N   . LEU A 1 191 ? -1.201  16.945  8.720   1.00 10.87 ? 191 LEU A N   1 
ATOM   1428 C CA  . LEU A 1 191 ? -1.659  16.211  7.537   1.00 6.74  ? 191 LEU A CA  1 
ATOM   1429 C C   . LEU A 1 191 ? -1.526  14.688  7.649   1.00 10.90 ? 191 LEU A C   1 
ATOM   1430 O O   . LEU A 1 191 ? -2.052  13.943  6.804   1.00 12.67 ? 191 LEU A O   1 
ATOM   1431 C CB  . LEU A 1 191 ? -0.931  16.705  6.297   1.00 3.74  ? 191 LEU A CB  1 
ATOM   1432 C CG  . LEU A 1 191 ? -1.447  18.074  5.890   1.00 5.48  ? 191 LEU A CG  1 
ATOM   1433 C CD1 . LEU A 1 191 ? -0.742  18.583  4.638   1.00 2.00  ? 191 LEU A CD1 1 
ATOM   1434 C CD2 . LEU A 1 191 ? -2.931  17.941  5.661   1.00 2.29  ? 191 LEU A CD2 1 
ATOM   1435 N N   . LEU A 1 192 ? -0.766  14.232  8.645   1.00 8.82  ? 192 LEU A N   1 
ATOM   1436 C CA  . LEU A 1 192 ? -0.586  12.805  8.881   1.00 8.73  ? 192 LEU A CA  1 
ATOM   1437 C C   . LEU A 1 192 ? -1.617  12.417  9.921   1.00 12.57 ? 192 LEU A C   1 
ATOM   1438 O O   . LEU A 1 192 ? -2.011  13.228  10.750  1.00 14.51 ? 192 LEU A O   1 
ATOM   1439 C CB  . LEU A 1 192 ? 0.830   12.499  9.377   1.00 6.43  ? 192 LEU A CB  1 
ATOM   1440 C CG  . LEU A 1 192 ? 1.866   12.290  8.259   1.00 9.38  ? 192 LEU A CG  1 
ATOM   1441 C CD1 . LEU A 1 192 ? 3.232   12.824  8.659   1.00 9.52  ? 192 LEU A CD1 1 
ATOM   1442 C CD2 . LEU A 1 192 ? 1.962   10.798  7.944   1.00 14.84 ? 192 LEU A CD2 1 
ATOM   1443 N N   . GLN A 1 193 ? -2.037  11.170  9.902   1.00 15.93 ? 193 GLN A N   1 
ATOM   1444 C CA  . GLN A 1 193 ? -3.043  10.715  10.841  1.00 17.73 ? 193 GLN A CA  1 
ATOM   1445 C C   . GLN A 1 193 ? -2.763  9.233   11.140  1.00 18.63 ? 193 GLN A C   1 
ATOM   1446 O O   . GLN A 1 193 ? -2.575  8.428   10.219  1.00 16.48 ? 193 GLN A O   1 
ATOM   1447 C CB  . GLN A 1 193 ? -4.416  10.897  10.173  1.00 21.16 ? 193 GLN A CB  1 
ATOM   1448 C CG  . GLN A 1 193 ? -5.643  10.699  11.051  1.00 30.68 ? 193 GLN A CG  1 
ATOM   1449 C CD  . GLN A 1 193 ? -6.966  10.859  10.276  1.00 35.83 ? 193 GLN A CD  1 
ATOM   1450 O OE1 . GLN A 1 193 ? -7.942  10.137  10.547  1.00 39.09 ? 193 GLN A OE1 1 
ATOM   1451 N NE2 . GLN A 1 193 ? -6.998  11.782  9.302   1.00 23.11 ? 193 GLN A NE2 1 
ATOM   1452 N N   . VAL A 1 194 ? -2.672  8.870   12.413  1.00 17.28 ? 194 VAL A N   1 
ATOM   1453 C CA  . VAL A 1 194 ? -2.428  7.471   12.742  1.00 16.74 ? 194 VAL A CA  1 
ATOM   1454 C C   . VAL A 1 194 ? -3.439  6.974   13.761  1.00 16.32 ? 194 VAL A C   1 
ATOM   1455 O O   . VAL A 1 194 ? -3.673  7.622   14.772  1.00 22.21 ? 194 VAL A O   1 
ATOM   1456 C CB  . VAL A 1 194 ? -0.965  7.223   13.200  1.00 11.51 ? 194 VAL A CB  1 
ATOM   1457 C CG1 . VAL A 1 194 ? -0.668  7.973   14.459  1.00 17.30 ? 194 VAL A CG1 1 
ATOM   1458 C CG2 . VAL A 1 194 ? -0.685  5.729   13.347  1.00 8.36  ? 194 VAL A CG2 1 
ATOM   1459 N N   . HIS A 1 195 ? -4.158  5.919   13.395  1.00 15.45 ? 195 HIS A N   1 
ATOM   1460 C CA  . HIS A 1 195 ? -5.157  5.319   14.275  1.00 13.95 ? 195 HIS A CA  1 
ATOM   1461 C C   . HIS A 1 195 ? -4.576  3.997   14.728  1.00 9.47  ? 195 HIS A C   1 
ATOM   1462 O O   . HIS A 1 195 ? -3.944  3.302   13.923  1.00 9.52  ? 195 HIS A O   1 
ATOM   1463 C CB  . HIS A 1 195 ? -6.463  5.001   13.528  1.00 17.44 ? 195 HIS A CB  1 
ATOM   1464 C CG  . HIS A 1 195 ? -7.121  6.183   12.888  1.00 17.32 ? 195 HIS A CG  1 
ATOM   1465 N ND1 . HIS A 1 195 ? -7.827  7.124   13.606  1.00 19.45 ? 195 HIS A ND1 1 
ATOM   1466 C CD2 . HIS A 1 195 ? -7.258  6.524   11.584  1.00 19.21 ? 195 HIS A CD2 1 
ATOM   1467 C CE1 . HIS A 1 195 ? -8.375  7.991   12.773  1.00 17.74 ? 195 HIS A CE1 1 
ATOM   1468 N NE2 . HIS A 1 195 ? -8.044  7.649   11.542  1.00 18.67 ? 195 HIS A NE2 1 
ATOM   1469 N N   . TRP A 1 196 ? -4.777  3.662   16.001  1.00 8.65  ? 196 TRP A N   1 
ATOM   1470 C CA  . TRP A 1 196 ? -4.309  2.401   16.571  1.00 7.55  ? 196 TRP A CA  1 
ATOM   1471 C C   . TRP A 1 196 ? -5.520  1.563   16.907  1.00 7.11  ? 196 TRP A C   1 
ATOM   1472 O O   . TRP A 1 196 ? -6.452  2.038   17.535  1.00 13.37 ? 196 TRP A O   1 
ATOM   1473 C CB  . TRP A 1 196 ? -3.480  2.624   17.832  1.00 2.00  ? 196 TRP A CB  1 
ATOM   1474 C CG  . TRP A 1 196 ? -2.219  3.379   17.571  1.00 3.95  ? 196 TRP A CG  1 
ATOM   1475 C CD1 . TRP A 1 196 ? -2.052  4.736   17.615  1.00 2.44  ? 196 TRP A CD1 1 
ATOM   1476 C CD2 . TRP A 1 196 ? -0.955  2.833   17.186  1.00 2.00  ? 196 TRP A CD2 1 
ATOM   1477 N NE1 . TRP A 1 196 ? -0.766  5.061   17.282  1.00 3.01  ? 196 TRP A NE1 1 
ATOM   1478 C CE2 . TRP A 1 196 ? -0.072  3.914   17.005  1.00 2.00  ? 196 TRP A CE2 1 
ATOM   1479 C CE3 . TRP A 1 196 ? -0.488  1.538   16.966  1.00 2.88  ? 196 TRP A CE3 1 
ATOM   1480 C CZ2 . TRP A 1 196 ? 1.254   3.742   16.610  1.00 2.00  ? 196 TRP A CZ2 1 
ATOM   1481 C CZ3 . TRP A 1 196 ? 0.827   1.368   16.572  1.00 5.57  ? 196 TRP A CZ3 1 
ATOM   1482 C CH2 . TRP A 1 196 ? 1.684   2.467   16.397  1.00 2.00  ? 196 TRP A CH2 1 
ATOM   1483 N N   . TYR A 1 197 ? -5.510  0.320   16.460  1.00 9.71  ? 197 TYR A N   1 
ATOM   1484 C CA  . TYR A 1 197 ? -6.606  -0.602  16.698  1.00 13.27 ? 197 TYR A CA  1 
ATOM   1485 C C   . TYR A 1 197 ? -6.113  -1.496  17.816  1.00 16.52 ? 197 TYR A C   1 
ATOM   1486 O O   . TYR A 1 197 ? -5.440  -2.502  17.597  1.00 16.89 ? 197 TYR A O   1 
ATOM   1487 C CB  . TYR A 1 197 ? -6.924  -1.352  15.397  1.00 11.65 ? 197 TYR A CB  1 
ATOM   1488 C CG  . TYR A 1 197 ? -7.348  -0.373  14.312  1.00 8.16  ? 197 TYR A CG  1 
ATOM   1489 C CD1 . TYR A 1 197 ? -8.700  -0.080  14.094  1.00 5.41  ? 197 TYR A CD1 1 
ATOM   1490 C CD2 . TYR A 1 197 ? -6.396  0.371   13.613  1.00 2.00  ? 197 TYR A CD2 1 
ATOM   1491 C CE1 . TYR A 1 197 ? -9.086  0.948   13.215  1.00 6.15  ? 197 TYR A CE1 1 
ATOM   1492 C CE2 . TYR A 1 197 ? -6.773  1.387   12.751  1.00 3.06  ? 197 TYR A CE2 1 
ATOM   1493 C CZ  . TYR A 1 197 ? -8.112  1.675   12.563  1.00 5.23  ? 197 TYR A CZ  1 
ATOM   1494 O OH  . TYR A 1 197 ? -8.463  2.739   11.773  1.00 9.86  ? 197 TYR A OH  1 
ATOM   1495 N N   . GLU A 1 198 ? -6.450  -1.089  19.032  1.00 19.53 ? 198 GLU A N   1 
ATOM   1496 C CA  . GLU A 1 198 ? -5.994  -1.765  20.231  1.00 21.68 ? 198 GLU A CA  1 
ATOM   1497 C C   . GLU A 1 198 ? -6.113  -3.269  20.327  1.00 23.21 ? 198 GLU A C   1 
ATOM   1498 O O   . GLU A 1 198 ? -5.222  -3.921  20.870  1.00 25.36 ? 198 GLU A O   1 
ATOM   1499 C CB  . GLU A 1 198 ? -6.607  -1.114  21.461  1.00 18.68 ? 198 GLU A CB  1 
ATOM   1500 C CG  . GLU A 1 198 ? -6.399  0.367   21.528  1.00 20.97 ? 198 GLU A CG  1 
ATOM   1501 C CD  . GLU A 1 198 ? -4.941  0.774   21.604  1.00 27.20 ? 198 GLU A CD  1 
ATOM   1502 O OE1 . GLU A 1 198 ? -4.067  -0.083  21.893  1.00 21.95 ? 198 GLU A OE1 1 
ATOM   1503 O OE2 . GLU A 1 198 ? -4.681  1.981   21.384  1.00 33.64 ? 198 GLU A OE2 1 
ATOM   1504 N N   . GLU A 1 199 ? -7.195  -3.829  19.815  1.00 24.58 ? 199 GLU A N   1 
ATOM   1505 C CA  . GLU A 1 199 ? -7.374  -5.268  19.907  1.00 28.76 ? 199 GLU A CA  1 
ATOM   1506 C C   . GLU A 1 199 ? -6.885  -5.992  18.672  1.00 30.46 ? 199 GLU A C   1 
ATOM   1507 O O   . GLU A 1 199 ? -7.182  -7.169  18.476  1.00 34.16 ? 199 GLU A O   1 
ATOM   1508 C CB  . GLU A 1 199 ? -8.853  -5.586  20.134  1.00 35.60 ? 199 GLU A CB  1 
ATOM   1509 N N   . ALA A 1 200 ? -6.120  -5.296  17.844  1.00 30.36 ? 200 ALA A N   1 
ATOM   1510 C CA  . ALA A 1 200 ? -5.646  -5.878  16.608  1.00 26.20 ? 200 ALA A CA  1 
ATOM   1511 C C   . ALA A 1 200 ? -4.129  -5.951  16.514  1.00 27.85 ? 200 ALA A C   1 
ATOM   1512 O O   . ALA A 1 200 ? -3.416  -5.110  17.064  1.00 28.68 ? 200 ALA A O   1 
ATOM   1513 C CB  . ALA A 1 200 ? -6.217  -5.084  15.426  1.00 22.07 ? 200 ALA A CB  1 
ATOM   1514 N N   . GLY A 1 201 ? -3.654  -6.967  15.805  1.00 27.75 ? 201 GLY A N   1 
ATOM   1515 C CA  . GLY A 1 201 ? -2.238  -7.157  15.585  1.00 24.74 ? 201 GLY A CA  1 
ATOM   1516 C C   . GLY A 1 201 ? -1.919  -6.880  14.129  1.00 25.59 ? 201 GLY A C   1 
ATOM   1517 O O   . GLY A 1 201 ? -2.581  -6.064  13.488  1.00 28.21 ? 201 GLY A O   1 
ATOM   1518 N N   . HIS A 1 202 ? -0.917  -7.568  13.593  1.00 27.12 ? 202 HIS A N   1 
ATOM   1519 C CA  . HIS A 1 202 ? -0.510  -7.378  12.203  1.00 25.37 ? 202 HIS A CA  1 
ATOM   1520 C C   . HIS A 1 202 ? -1.489  -8.056  11.261  1.00 22.88 ? 202 HIS A C   1 
ATOM   1521 O O   . HIS A 1 202 ? -2.141  -9.035  11.628  1.00 23.13 ? 202 HIS A O   1 
ATOM   1522 C CB  . HIS A 1 202 ? 0.898   -7.940  11.977  1.00 27.87 ? 202 HIS A CB  1 
ATOM   1523 N N   . SER A 1 203 ? -1.607  -7.511  10.054  1.00 22.06 ? 203 SER A N   1 
ATOM   1524 C CA  . SER A 1 203 ? -2.493  -8.048  9.022   1.00 20.58 ? 203 SER A CA  1 
ATOM   1525 C C   . SER A 1 203 ? -3.920  -8.229  9.502   1.00 18.81 ? 203 SER A C   1 
ATOM   1526 O O   . SER A 1 203 ? -4.630  -9.101  9.007   1.00 22.11 ? 203 SER A O   1 
ATOM   1527 C CB  . SER A 1 203 ? -1.959  -9.386  8.500   1.00 22.07 ? 203 SER A CB  1 
ATOM   1528 O OG  . SER A 1 203 ? -0.645  -9.245  7.986   1.00 27.49 ? 203 SER A OG  1 
ATOM   1529 N N   . PHE A 1 204 ? -4.359  -7.386  10.432  1.00 16.21 ? 204 PHE A N   1 
ATOM   1530 C CA  . PHE A 1 204 ? -5.712  -7.506  10.965  1.00 16.29 ? 204 PHE A CA  1 
ATOM   1531 C C   . PHE A 1 204 ? -6.784  -7.301  9.893   1.00 12.48 ? 204 PHE A C   1 
ATOM   1532 O O   . PHE A 1 204 ? -7.951  -7.648  10.083  1.00 14.80 ? 204 PHE A O   1 
ATOM   1533 C CB  . PHE A 1 204 ? -5.923  -6.548  12.164  1.00 18.76 ? 204 PHE A CB  1 
ATOM   1534 C CG  . PHE A 1 204 ? -5.986  -5.077  11.793  1.00 17.53 ? 204 PHE A CG  1 
ATOM   1535 C CD1 . PHE A 1 204 ? -7.176  -4.506  11.332  1.00 15.11 ? 204 PHE A CD1 1 
ATOM   1536 C CD2 . PHE A 1 204 ? -4.868  -4.260  11.930  1.00 15.43 ? 204 PHE A CD2 1 
ATOM   1537 C CE1 . PHE A 1 204 ? -7.246  -3.153  11.014  1.00 10.44 ? 204 PHE A CE1 1 
ATOM   1538 C CE2 . PHE A 1 204 ? -4.935  -2.897  11.613  1.00 13.03 ? 204 PHE A CE2 1 
ATOM   1539 C CZ  . PHE A 1 204 ? -6.130  -2.349  11.154  1.00 8.51  ? 204 PHE A CZ  1 
ATOM   1540 N N   . ALA A 1 205 ? -6.369  -6.766  8.756   1.00 6.48  ? 205 ALA A N   1 
ATOM   1541 C CA  . ALA A 1 205 ? -7.275  -6.496  7.657   1.00 9.25  ? 205 ALA A CA  1 
ATOM   1542 C C   . ALA A 1 205 ? -7.247  -7.540  6.546   1.00 10.37 ? 205 ALA A C   1 
ATOM   1543 O O   . ALA A 1 205 ? -7.934  -7.388  5.543   1.00 14.71 ? 205 ALA A O   1 
ATOM   1544 C CB  . ALA A 1 205 ? -6.974  -5.120  7.082   1.00 10.53 ? 205 ALA A CB  1 
ATOM   1545 N N   . ARG A 1 206 ? -6.397  -8.548  6.681   1.00 9.80  ? 206 ARG A N   1 
ATOM   1546 C CA  . ARG A 1 206 ? -6.297  -9.612  5.688   1.00 10.82 ? 206 ARG A CA  1 
ATOM   1547 C C   . ARG A 1 206 ? -6.950  -10.824 6.311   1.00 11.36 ? 206 ARG A C   1 
ATOM   1548 O O   . ARG A 1 206 ? -6.416  -11.383 7.256   1.00 17.54 ? 206 ARG A O   1 
ATOM   1549 C CB  . ARG A 1 206 ? -4.836  -9.904  5.390   1.00 7.85  ? 206 ARG A CB  1 
ATOM   1550 C CG  . ARG A 1 206 ? -4.616  -11.141 4.552   1.00 6.25  ? 206 ARG A CG  1 
ATOM   1551 C CD  . ARG A 1 206 ? -3.194  -11.189 3.974   1.00 9.40  ? 206 ARG A CD  1 
ATOM   1552 N NE  . ARG A 1 206 ? -2.152  -11.249 5.000   1.00 10.20 ? 206 ARG A NE  1 
ATOM   1553 C CZ  . ARG A 1 206 ? -1.728  -12.375 5.568   1.00 17.91 ? 206 ARG A CZ  1 
ATOM   1554 N NH1 . ARG A 1 206 ? -2.246  -13.559 5.220   1.00 13.28 ? 206 ARG A NH1 1 
ATOM   1555 N NH2 . ARG A 1 206 ? -0.793  -12.311 6.505   1.00 22.01 ? 206 ARG A NH2 1 
ATOM   1556 N N   . THR A 1 207 ? -8.104  -11.229 5.798   1.00 15.04 ? 207 THR A N   1 
ATOM   1557 C CA  . THR A 1 207 ? -8.836  -12.363 6.357   1.00 16.67 ? 207 THR A CA  1 
ATOM   1558 C C   . THR A 1 207 ? -8.084  -13.680 6.442   1.00 19.26 ? 207 THR A C   1 
ATOM   1559 O O   . THR A 1 207 ? -8.287  -14.438 7.375   1.00 18.50 ? 207 THR A O   1 
ATOM   1560 C CB  . THR A 1 207 ? -10.132 -12.613 5.605   1.00 20.06 ? 207 THR A CB  1 
ATOM   1561 O OG1 . THR A 1 207 ? -10.685 -11.361 5.195   1.00 24.75 ? 207 THR A OG1 1 
ATOM   1562 C CG2 . THR A 1 207 ? -11.136 -13.311 6.519   1.00 27.60 ? 207 THR A CG2 1 
ATOM   1563 N N   . SER A 1 208 ? -7.242  -13.969 5.456   1.00 21.06 ? 208 SER A N   1 
ATOM   1564 C CA  . SER A 1 208 ? -6.487  -15.210 5.464   1.00 20.75 ? 208 SER A CA  1 
ATOM   1565 C C   . SER A 1 208 ? -5.636  -15.270 6.715   1.00 22.38 ? 208 SER A C   1 
ATOM   1566 O O   . SER A 1 208 ? -5.270  -16.344 7.182   1.00 26.03 ? 208 SER A O   1 
ATOM   1567 C CB  . SER A 1 208 ? -5.578  -15.292 4.234   1.00 26.75 ? 208 SER A CB  1 
ATOM   1568 O OG  . SER A 1 208 ? -4.624  -14.240 4.210   1.00 29.74 ? 208 SER A OG  1 
ATOM   1569 N N   . SER A 1 209 ? -5.319  -14.101 7.253   1.00 21.02 ? 209 SER A N   1 
ATOM   1570 C CA  . SER A 1 209 ? -4.491  -14.022 8.432   1.00 22.47 ? 209 SER A CA  1 
ATOM   1571 C C   . SER A 1 209 ? -5.218  -14.409 9.702   1.00 25.52 ? 209 SER A C   1 
ATOM   1572 O O   . SER A 1 209 ? -6.438  -14.277 9.833   1.00 25.96 ? 209 SER A O   1 
ATOM   1573 C CB  . SER A 1 209 ? -3.904  -12.616 8.579   1.00 21.53 ? 209 SER A CB  1 
ATOM   1574 O OG  . SER A 1 209 ? -2.894  -12.583 9.571   1.00 23.31 ? 209 SER A OG  1 
ATOM   1575 N N   . SER A 1 210 ? -4.428  -14.882 10.651  1.00 28.60 ? 210 SER A N   1 
ATOM   1576 C CA  . SER A 1 210 ? -4.920  -15.275 11.957  1.00 28.24 ? 210 SER A CA  1 
ATOM   1577 C C   . SER A 1 210 ? -4.983  -14.004 12.788  1.00 22.28 ? 210 SER A C   1 
ATOM   1578 O O   . SER A 1 210 ? -5.549  -13.997 13.881  1.00 24.88 ? 210 SER A O   1 
ATOM   1579 C CB  . SER A 1 210 ? -3.947  -16.267 12.599  1.00 31.47 ? 210 SER A CB  1 
ATOM   1580 O OG  . SER A 1 210 ? -2.609  -15.783 12.530  1.00 33.26 ? 210 SER A OG  1 
ATOM   1581 N N   . GLY A 1 211 ? -4.371  -12.945 12.268  1.00 16.92 ? 211 GLY A N   1 
ATOM   1582 C CA  . GLY A 1 211 ? -4.360  -11.664 12.955  1.00 16.10 ? 211 GLY A CA  1 
ATOM   1583 C C   . GLY A 1 211 ? -5.567  -10.842 12.571  1.00 13.56 ? 211 GLY A C   1 
ATOM   1584 O O   . GLY A 1 211 ? -5.784  -9.762  13.112  1.00 14.93 ? 211 GLY A O   1 
ATOM   1585 N N   . TYR A 1 212 ? -6.357  -11.367 11.637  1.00 14.51 ? 212 TYR A N   1 
ATOM   1586 C CA  . TYR A 1 212 ? -7.558  -10.699 11.151  1.00 14.97 ? 212 TYR A CA  1 
ATOM   1587 C C   . TYR A 1 212 ? -8.560  -10.435 12.260  1.00 14.16 ? 212 TYR A C   1 
ATOM   1588 O O   . TYR A 1 212 ? -8.878  -11.328 13.026  1.00 14.56 ? 212 TYR A O   1 
ATOM   1589 C CB  . TYR A 1 212 ? -8.234  -11.543 10.069  1.00 13.22 ? 212 TYR A CB  1 
ATOM   1590 C CG  . TYR A 1 212 ? -9.517  -10.936 9.559   1.00 15.51 ? 212 TYR A CG  1 
ATOM   1591 C CD1 . TYR A 1 212 ? -9.501  -9.802  8.734   1.00 18.21 ? 212 TYR A CD1 1 
ATOM   1592 C CD2 . TYR A 1 212 ? -10.752 -11.467 9.924   1.00 14.02 ? 212 TYR A CD2 1 
ATOM   1593 C CE1 . TYR A 1 212 ? -10.683 -9.217  8.284   1.00 18.62 ? 212 TYR A CE1 1 
ATOM   1594 C CE2 . TYR A 1 212 ? -11.942 -10.889 9.488   1.00 15.76 ? 212 TYR A CE2 1 
ATOM   1595 C CZ  . TYR A 1 212 ? -11.903 -9.768  8.669   1.00 19.92 ? 212 TYR A CZ  1 
ATOM   1596 O OH  . TYR A 1 212 ? -13.086 -9.204  8.240   1.00 24.98 ? 212 TYR A OH  1 
ATOM   1597 N N   . VAL A 1 213 ? -9.088  -9.218  12.309  1.00 15.14 ? 213 VAL A N   1 
ATOM   1598 C CA  . VAL A 1 213 ? -10.076 -8.835  13.311  1.00 13.60 ? 213 VAL A CA  1 
ATOM   1599 C C   . VAL A 1 213 ? -11.164 -8.077  12.550  1.00 16.05 ? 213 VAL A C   1 
ATOM   1600 O O   . VAL A 1 213 ? -10.943 -6.958  12.068  1.00 16.99 ? 213 VAL A O   1 
ATOM   1601 C CB  . VAL A 1 213 ? -9.464  -7.924  14.403  1.00 16.65 ? 213 VAL A CB  1 
ATOM   1602 C CG1 . VAL A 1 213 ? -10.521 -7.558  15.429  1.00 17.46 ? 213 VAL A CG1 1 
ATOM   1603 C CG2 . VAL A 1 213 ? -8.274  -8.612  15.084  1.00 16.88 ? 213 VAL A CG2 1 
ATOM   1604 N N   . ALA A 1 214 ? -12.330 -8.701  12.432  1.00 13.07 ? 214 ALA A N   1 
ATOM   1605 C CA  . ALA A 1 214 ? -13.458 -8.136  11.704  1.00 9.56  ? 214 ALA A CA  1 
ATOM   1606 C C   . ALA A 1 214 ? -13.849 -6.693  12.058  1.00 11.58 ? 214 ALA A C   1 
ATOM   1607 O O   . ALA A 1 214 ? -14.034 -5.860  11.159  1.00 11.93 ? 214 ALA A O   1 
ATOM   1608 C CB  . ALA A 1 214 ? -14.660 -9.074  11.822  1.00 9.69  ? 214 ALA A CB  1 
ATOM   1609 N N   . SER A 1 215 ? -13.976 -6.386  13.348  1.00 10.95 ? 215 SER A N   1 
ATOM   1610 C CA  . SER A 1 215 ? -14.347 -5.030  13.773  1.00 10.81 ? 215 SER A CA  1 
ATOM   1611 C C   . SER A 1 215 ? -13.264 -3.991  13.427  1.00 13.37 ? 215 SER A C   1 
ATOM   1612 O O   . SER A 1 215 ? -13.563 -2.876  12.983  1.00 15.24 ? 215 SER A O   1 
ATOM   1613 C CB  . SER A 1 215 ? -14.618 -5.024  15.274  1.00 8.09  ? 215 SER A CB  1 
ATOM   1614 O OG  . SER A 1 215 ? -13.534 -5.614  15.974  1.00 14.94 ? 215 SER A OG  1 
ATOM   1615 N N   . ALA A 1 216 ? -12.007 -4.366  13.647  1.00 13.15 ? 216 ALA A N   1 
ATOM   1616 C CA  . ALA A 1 216 ? -10.877 -3.498  13.365  1.00 14.67 ? 216 ALA A CA  1 
ATOM   1617 C C   . ALA A 1 216 ? -10.801 -3.251  11.875  1.00 14.92 ? 216 ALA A C   1 
ATOM   1618 O O   . ALA A 1 216 ? -10.618 -2.106  11.430  1.00 15.24 ? 216 ALA A O   1 
ATOM   1619 C CB  . ALA A 1 216 ? -9.604  -4.134  13.854  1.00 20.84 ? 216 ALA A CB  1 
ATOM   1620 N N   . ALA A 1 217 ? -10.943 -4.332  11.110  1.00 14.21 ? 217 ALA A N   1 
ATOM   1621 C CA  . ALA A 1 217 ? -10.930 -4.268  9.648   1.00 14.33 ? 217 ALA A CA  1 
ATOM   1622 C C   . ALA A 1 217 ? -12.058 -3.360  9.136   1.00 11.58 ? 217 ALA A C   1 
ATOM   1623 O O   . ALA A 1 217 ? -11.820 -2.442  8.337   1.00 13.98 ? 217 ALA A O   1 
ATOM   1624 C CB  . ALA A 1 217 ? -11.045 -5.688  9.038   1.00 11.94 ? 217 ALA A CB  1 
ATOM   1625 N N   . ALA A 1 218 ? -13.267 -3.578  9.641   1.00 10.84 ? 218 ALA A N   1 
ATOM   1626 C CA  . ALA A 1 218 ? -14.430 -2.785  9.239   1.00 10.44 ? 218 ALA A CA  1 
ATOM   1627 C C   . ALA A 1 218 ? -14.242 -1.276  9.479   1.00 10.14 ? 218 ALA A C   1 
ATOM   1628 O O   . ALA A 1 218 ? -14.541 -0.453  8.601   1.00 11.57 ? 218 ALA A O   1 
ATOM   1629 C CB  . ALA A 1 218 ? -15.680 -3.296  9.965   1.00 9.34  ? 218 ALA A CB  1 
ATOM   1630 N N   . LEU A 1 219 ? -13.756 -0.918  10.668  1.00 6.70  ? 219 LEU A N   1 
ATOM   1631 C CA  . LEU A 1 219 ? -13.528 0.482   11.016  1.00 4.56  ? 219 LEU A CA  1 
ATOM   1632 C C   . LEU A 1 219 ? -12.435 1.067   10.139  1.00 3.26  ? 219 LEU A C   1 
ATOM   1633 O O   . LEU A 1 219 ? -12.606 2.133   9.540   1.00 8.87  ? 219 LEU A O   1 
ATOM   1634 C CB  . LEU A 1 219 ? -13.144 0.614   12.501  1.00 7.94  ? 219 LEU A CB  1 
ATOM   1635 C CG  . LEU A 1 219 ? -12.899 2.025   13.075  1.00 12.33 ? 219 LEU A CG  1 
ATOM   1636 C CD1 . LEU A 1 219 ? -14.116 2.947   12.893  1.00 7.09  ? 219 LEU A CD1 1 
ATOM   1637 C CD2 . LEU A 1 219 ? -12.506 1.923   14.532  1.00 4.36  ? 219 LEU A CD2 1 
ATOM   1638 N N   . ALA A 1 220 ? -11.320 0.358   10.054  1.00 2.28  ? 220 ALA A N   1 
ATOM   1639 C CA  . ALA A 1 220 ? -10.186 0.780   9.254   1.00 2.70  ? 220 ALA A CA  1 
ATOM   1640 C C   . ALA A 1 220 ? -10.579 0.972   7.793   1.00 5.18  ? 220 ALA A C   1 
ATOM   1641 O O   . ALA A 1 220 ? -10.237 1.983   7.183   1.00 10.56 ? 220 ALA A O   1 
ATOM   1642 C CB  . ALA A 1 220 ? -9.064  -0.252  9.357   1.00 4.93  ? 220 ALA A CB  1 
ATOM   1643 N N   . ASN A 1 221 ? -11.282 0.007   7.216   1.00 3.80  ? 221 ASN A N   1 
ATOM   1644 C CA  . ASN A 1 221 ? -11.668 0.126   5.820   1.00 5.74  ? 221 ASN A CA  1 
ATOM   1645 C C   . ASN A 1 221 ? -12.699 1.204   5.589   1.00 8.42  ? 221 ASN A C   1 
ATOM   1646 O O   . ASN A 1 221 ? -12.763 1.772   4.497   1.00 11.28 ? 221 ASN A O   1 
ATOM   1647 C CB  . ASN A 1 221 ? -12.138 -1.209  5.254   1.00 2.00  ? 221 ASN A CB  1 
ATOM   1648 C CG  . ASN A 1 221 ? -11.032 -2.200  5.153   1.00 2.00  ? 221 ASN A CG  1 
ATOM   1649 O OD1 . ASN A 1 221 ? -11.275 -3.384  5.122   1.00 16.30 ? 221 ASN A OD1 1 
ATOM   1650 N ND2 . ASN A 1 221 ? -9.802  -1.729  5.075   1.00 2.00  ? 221 ASN A ND2 1 
ATOM   1651 N N   . GLU A 1 222 ? -13.493 1.506   6.615   1.00 11.33 ? 222 GLU A N   1 
ATOM   1652 C CA  . GLU A 1 222 ? -14.493 2.570   6.507   1.00 12.60 ? 222 GLU A CA  1 
ATOM   1653 C C   . GLU A 1 222 ? -13.783 3.930   6.470   1.00 12.71 ? 222 GLU A C   1 
ATOM   1654 O O   . GLU A 1 222 ? -14.088 4.775   5.627   1.00 13.94 ? 222 GLU A O   1 
ATOM   1655 C CB  . GLU A 1 222 ? -15.484 2.520   7.671   1.00 11.66 ? 222 GLU A CB  1 
ATOM   1656 C CG  . GLU A 1 222 ? -16.667 3.413   7.430   1.00 8.39  ? 222 GLU A CG  1 
ATOM   1657 C CD  . GLU A 1 222 ? -17.717 3.291   8.501   1.00 14.30 ? 222 GLU A CD  1 
ATOM   1658 O OE1 . GLU A 1 222 ? -17.794 4.203   9.346   1.00 19.15 ? 222 GLU A OE1 1 
ATOM   1659 O OE2 . GLU A 1 222 ? -18.489 2.305   8.483   1.00 17.47 ? 222 GLU A OE2 1 
ATOM   1660 N N   . ARG A 1 223 ? -12.816 4.118   7.371   1.00 14.82 ? 223 ARG A N   1 
ATOM   1661 C CA  . ARG A 1 223 ? -12.031 5.357   7.433   1.00 15.45 ? 223 ARG A CA  1 
ATOM   1662 C C   . ARG A 1 223 ? -11.281 5.563   6.125   1.00 12.94 ? 223 ARG A C   1 
ATOM   1663 O O   . ARG A 1 223 ? -11.152 6.687   5.659   1.00 12.83 ? 223 ARG A O   1 
ATOM   1664 C CB  . ARG A 1 223 ? -11.023 5.313   8.591   1.00 13.64 ? 223 ARG A CB  1 
ATOM   1665 C CG  . ARG A 1 223 ? -11.667 5.413   9.955   1.00 11.72 ? 223 ARG A CG  1 
ATOM   1666 C CD  . ARG A 1 223 ? -10.649 5.289   11.065  1.00 13.51 ? 223 ARG A CD  1 
ATOM   1667 N NE  . ARG A 1 223 ? -11.198 5.765   12.333  1.00 18.37 ? 223 ARG A NE  1 
ATOM   1668 C CZ  . ARG A 1 223 ? -11.008 5.185   13.518  1.00 18.16 ? 223 ARG A CZ  1 
ATOM   1669 N NH1 . ARG A 1 223 ? -10.276 4.081   13.634  1.00 23.62 ? 223 ARG A NH1 1 
ATOM   1670 N NH2 . ARG A 1 223 ? -11.536 5.736   14.598  1.00 10.15 ? 223 ARG A NH2 1 
ATOM   1671 N N   . THR A 1 224 ? -10.788 4.471   5.552   1.00 12.93 ? 224 THR A N   1 
ATOM   1672 C CA  . THR A 1 224 ? -10.053 4.499   4.284   1.00 13.49 ? 224 THR A CA  1 
ATOM   1673 C C   . THR A 1 224 ? -10.965 5.001   3.175   1.00 11.65 ? 224 THR A C   1 
ATOM   1674 O O   . THR A 1 224 ? -10.556 5.842   2.356   1.00 12.25 ? 224 THR A O   1 
ATOM   1675 C CB  . THR A 1 224 ? -9.498  3.068   3.899   1.00 13.08 ? 224 THR A CB  1 
ATOM   1676 O OG1 . THR A 1 224 ? -8.614  2.603   4.927   1.00 7.30  ? 224 THR A OG1 1 
ATOM   1677 C CG2 . THR A 1 224 ? -8.722  3.087   2.579   1.00 8.58  ? 224 THR A CG2 1 
ATOM   1678 N N   . LEU A 1 225 ? -12.210 4.529   3.184   1.00 9.35  ? 225 LEU A N   1 
ATOM   1679 C CA  . LEU A 1 225 ? -13.173 4.915   2.156   1.00 8.12  ? 225 LEU A CA  1 
ATOM   1680 C C   . LEU A 1 225 ? -13.594 6.364   2.238   1.00 9.46  ? 225 LEU A C   1 
ATOM   1681 O O   . LEU A 1 225 ? -13.786 7.020   1.202   1.00 7.51  ? 225 LEU A O   1 
ATOM   1682 C CB  . LEU A 1 225 ? -14.394 3.998   2.155   1.00 5.68  ? 225 LEU A CB  1 
ATOM   1683 C CG  . LEU A 1 225 ? -14.079 2.580   1.682   1.00 5.39  ? 225 LEU A CG  1 
ATOM   1684 C CD1 . LEU A 1 225 ? -15.365 1.781   1.643   1.00 5.58  ? 225 LEU A CD1 1 
ATOM   1685 C CD2 . LEU A 1 225 ? -13.392 2.585   0.317   1.00 2.98  ? 225 LEU A CD2 1 
ATOM   1686 N N   . ASP A 1 226 ? -13.683 6.885   3.456   1.00 9.22  ? 226 ASP A N   1 
ATOM   1687 C CA  . ASP A 1 226 ? -14.070 8.278   3.625   1.00 10.79 ? 226 ASP A CA  1 
ATOM   1688 C C   . ASP A 1 226 ? -12.914 9.258   3.362   1.00 10.79 ? 226 ASP A C   1 
ATOM   1689 O O   . ASP A 1 226 ? -13.138 10.411  2.963   1.00 9.71  ? 226 ASP A O   1 
ATOM   1690 C CB  . ASP A 1 226 ? -14.700 8.485   5.002   1.00 17.32 ? 226 ASP A CB  1 
ATOM   1691 C CG  . ASP A 1 226 ? -15.837 7.497   5.272   1.00 28.50 ? 226 ASP A CG  1 
ATOM   1692 O OD1 . ASP A 1 226 ? -16.178 7.260   6.456   1.00 35.09 ? 226 ASP A OD1 1 
ATOM   1693 O OD2 . ASP A 1 226 ? -16.378 6.926   4.297   1.00 34.47 ? 226 ASP A OD2 1 
ATOM   1694 N N   . PHE A 1 227 ? -11.683 8.783   3.555   1.00 11.69 ? 227 PHE A N   1 
ATOM   1695 C CA  . PHE A 1 227 ? -10.469 9.581   3.339   1.00 12.58 ? 227 PHE A CA  1 
ATOM   1696 C C   . PHE A 1 227 ? -10.198 9.674   1.834   1.00 12.37 ? 227 PHE A C   1 
ATOM   1697 O O   . PHE A 1 227 ? -9.728  10.700  1.333   1.00 10.68 ? 227 PHE A O   1 
ATOM   1698 C CB  . PHE A 1 227 ? -9.278  8.936   4.088   1.00 11.92 ? 227 PHE A CB  1 
ATOM   1699 C CG  . PHE A 1 227 ? -7.927  9.593   3.832   1.00 11.17 ? 227 PHE A CG  1 
ATOM   1700 C CD1 . PHE A 1 227 ? -7.007  9.001   2.959   1.00 7.29  ? 227 PHE A CD1 1 
ATOM   1701 C CD2 . PHE A 1 227 ? -7.558  10.765  4.502   1.00 7.31  ? 227 PHE A CD2 1 
ATOM   1702 C CE1 . PHE A 1 227 ? -5.746  9.561   2.759   1.00 7.78  ? 227 PHE A CE1 1 
ATOM   1703 C CE2 . PHE A 1 227 ? -6.293  11.340  4.314   1.00 10.25 ? 227 PHE A CE2 1 
ATOM   1704 C CZ  . PHE A 1 227 ? -5.384  10.739  3.441   1.00 13.29 ? 227 PHE A CZ  1 
ATOM   1705 N N   . LEU A 1 228 ? -10.548 8.618   1.108   1.00 13.14 ? 228 LEU A N   1 
ATOM   1706 C CA  . LEU A 1 228 ? -10.336 8.606   -0.332  1.00 13.13 ? 228 LEU A CA  1 
ATOM   1707 C C   . LEU A 1 228 ? -11.449 9.297   -1.094  1.00 11.58 ? 228 LEU A C   1 
ATOM   1708 O O   . LEU A 1 228 ? -11.217 9.842   -2.169  1.00 11.13 ? 228 LEU A O   1 
ATOM   1709 C CB  . LEU A 1 228 ? -10.161 7.179   -0.839  1.00 11.41 ? 228 LEU A CB  1 
ATOM   1710 C CG  . LEU A 1 228 ? -8.910  6.452   -0.334  1.00 12.40 ? 228 LEU A CG  1 
ATOM   1711 C CD1 . LEU A 1 228 ? -8.948  5.012   -0.836  1.00 9.24  ? 228 LEU A CD1 1 
ATOM   1712 C CD2 . LEU A 1 228 ? -7.637  7.186   -0.796  1.00 4.60  ? 228 LEU A CD2 1 
ATOM   1713 N N   . ALA A 1 229 ? -12.648 9.293   -0.524  1.00 13.21 ? 229 ALA A N   1 
ATOM   1714 C CA  . ALA A 1 229 ? -13.829 9.912   -1.143  1.00 13.71 ? 229 ALA A CA  1 
ATOM   1715 C C   . ALA A 1 229 ? -13.588 11.254  -1.834  1.00 14.19 ? 229 ALA A C   1 
ATOM   1716 O O   . ALA A 1 229 ? -14.024 11.464  -2.965  1.00 17.57 ? 229 ALA A O   1 
ATOM   1717 C CB  . ALA A 1 229 ? -14.953 10.043  -0.127  1.00 5.67  ? 229 ALA A CB  1 
ATOM   1718 N N   . PRO A 1 230 ? -12.848 12.163  -1.191  1.00 15.63 ? 230 PRO A N   1 
ATOM   1719 C CA  . PRO A 1 230 ? -12.606 13.455  -1.836  1.00 14.90 ? 230 PRO A CA  1 
ATOM   1720 C C   . PRO A 1 230 ? -11.979 13.401  -3.244  1.00 18.20 ? 230 PRO A C   1 
ATOM   1721 O O   . PRO A 1 230 ? -11.975 14.409  -3.959  1.00 20.28 ? 230 PRO A O   1 
ATOM   1722 C CB  . PRO A 1 230 ? -11.683 14.146  -0.841  1.00 15.61 ? 230 PRO A CB  1 
ATOM   1723 C CG  . PRO A 1 230 ? -12.146 13.602  0.465   1.00 13.58 ? 230 PRO A CG  1 
ATOM   1724 C CD  . PRO A 1 230 ? -12.266 12.144  0.163   1.00 14.16 ? 230 PRO A CD  1 
ATOM   1725 N N   . LEU A 1 231 ? -11.421 12.253  -3.627  1.00 18.31 ? 231 LEU A N   1 
ATOM   1726 C CA  . LEU A 1 231 ? -10.788 12.110  -4.940  1.00 19.78 ? 231 LEU A CA  1 
ATOM   1727 C C   . LEU A 1 231 ? -11.768 11.890  -6.085  1.00 21.56 ? 231 LEU A C   1 
ATOM   1728 O O   . LEU A 1 231 ? -11.403 12.014  -7.262  1.00 19.27 ? 231 LEU A O   1 
ATOM   1729 C CB  . LEU A 1 231 ? -9.798  10.951  -4.935  1.00 19.35 ? 231 LEU A CB  1 
ATOM   1730 C CG  . LEU A 1 231 ? -8.582  11.004  -4.022  1.00 25.04 ? 231 LEU A CG  1 
ATOM   1731 C CD1 . LEU A 1 231 ? -7.737  9.768   -4.329  1.00 30.85 ? 231 LEU A CD1 1 
ATOM   1732 C CD2 . LEU A 1 231 ? -7.776  12.273  -4.258  1.00 24.17 ? 231 LEU A CD2 1 
ATOM   1733 N N   . GLN A 1 232 ? -12.983 11.481  -5.739  1.00 22.87 ? 232 GLN A N   1 
ATOM   1734 C CA  . GLN A 1 232 ? -13.999 11.218  -6.734  1.00 26.77 ? 232 GLN A CA  1 
ATOM   1735 C C   . GLN A 1 232 ? -14.666 12.512  -7.192  1.00 32.07 ? 232 GLN A C   1 
ATOM   1736 O O   . GLN A 1 232 ? -15.010 12.582  -8.393  1.00 37.39 ? 232 GLN A O   1 
ATOM   1737 C CB  . GLN A 1 232 ? -15.019 10.228  -6.179  1.00 22.61 ? 232 GLN A CB  1 
ATOM   1738 C CG  . GLN A 1 232 ? -14.373 8.943   -5.752  1.00 24.31 ? 232 GLN A CG  1 
ATOM   1739 C CD  . GLN A 1 232 ? -15.357 7.894   -5.316  1.00 26.49 ? 232 GLN A CD  1 
ATOM   1740 O OE1 . GLN A 1 232 ? -15.845 7.915   -4.185  1.00 26.82 ? 232 GLN A OE1 1 
ATOM   1741 N NE2 . GLN A 1 232 ? -15.633 6.938   -6.200  1.00 27.39 ? 232 GLN A NE2 1 
ATOM   1742 O OXT . GLN A 1 232 ? -14.812 13.450  -6.367  1.00 37.39 ? 232 GLN A OXT 1 
HETATM 1743 O O   . HOH B 2 .   ? -4.770  -10.856 -17.958 1.00 29.94 ? 233 HOH A O   1 
HETATM 1744 O O   . HOH B 2 .   ? 1.182   -6.881  -16.565 1.00 6.88  ? 234 HOH A O   1 
HETATM 1745 O O   . HOH B 2 .   ? 3.648   2.441   -19.336 1.00 24.17 ? 235 HOH A O   1 
HETATM 1746 O O   . HOH B 2 .   ? 8.680   12.677  13.569  1.00 17.24 ? 236 HOH A O   1 
HETATM 1747 O O   . HOH B 2 .   ? 9.395   -3.865  -10.218 1.00 14.08 ? 237 HOH A O   1 
HETATM 1748 O O   . HOH B 2 .   ? -17.729 4.522   -18.177 1.00 21.71 ? 238 HOH A O   1 
HETATM 1749 O O   . HOH B 2 .   ? -18.660 9.009   -14.177 1.00 23.13 ? 239 HOH A O   1 
HETATM 1750 O O   . HOH B 2 .   ? 2.192   -3.264  -5.508  1.00 11.16 ? 240 HOH A O   1 
HETATM 1751 O O   . HOH B 2 .   ? 0.478   -9.353  -0.903  1.00 22.55 ? 241 HOH A O   1 
HETATM 1752 O O   . HOH B 2 .   ? -8.862  -13.730 -3.257  1.00 32.92 ? 242 HOH A O   1 
HETATM 1753 O O   . HOH B 2 .   ? -15.312 1.475   -10.437 1.00 16.04 ? 243 HOH A O   1 
HETATM 1754 O O   . HOH B 2 .   ? 14.679  -4.747  -5.057  1.00 20.75 ? 244 HOH A O   1 
HETATM 1755 O O   . HOH B 2 .   ? 10.399  9.385   0.695   1.00 20.75 ? 245 HOH A O   1 
HETATM 1756 O O   . HOH B 2 .   ? -0.219  -10.366 16.738  1.00 12.47 ? 246 HOH A O   1 
HETATM 1757 O O   . HOH B 2 .   ? 2.476   0.737   23.200  1.00 50.99 ? 247 HOH A O   1 
HETATM 1758 O O   . HOH B 2 .   ? 0.009   10.520  16.413  1.00 9.97  ? 248 HOH A O   1 
HETATM 1759 O O   . HOH B 2 .   ? -0.929  14.323  13.120  1.00 5.03  ? 249 HOH A O   1 
HETATM 1760 O O   . HOH B 2 .   ? -2.228  11.450  14.005  1.00 25.78 ? 250 HOH A O   1 
HETATM 1761 O O   . HOH B 2 .   ? -5.076  5.740   18.588  1.00 30.03 ? 251 HOH A O   1 
HETATM 1762 O O   . HOH B 2 .   ? -9.313  6.665   17.269  1.00 16.20 ? 252 HOH A O   1 
HETATM 1763 O O   . HOH B 2 .   ? -8.127  -3.274  3.550   1.00 16.16 ? 253 HOH A O   1 
HETATM 1764 O O   . HOH B 2 .   ? -16.466 -1.252  6.463   1.00 23.40 ? 254 HOH A O   1 
HETATM 1765 O O   . HOH B 2 .   ? -15.010 6.095   -1.450  1.00 42.17 ? 255 HOH A O   1 
HETATM 1766 O O   . HOH B 2 .   ? -11.523 8.842   7.270   1.00 19.15 ? 256 HOH A O   1 
HETATM 1767 O O   . HOH B 2 .   ? 4.723   5.513   -16.490 1.00 22.17 ? 257 HOH A O   1 
HETATM 1768 O O   . HOH B 2 .   ? 6.231   -8.185  -14.029 1.00 16.22 ? 258 HOH A O   1 
HETATM 1769 O O   . HOH B 2 .   ? 12.065  -6.449  -6.934  1.00 30.85 ? 259 HOH A O   1 
HETATM 1770 O O   . HOH B 2 .   ? 16.248  -0.612  0.632   1.00 36.39 ? 260 HOH A O   1 
HETATM 1771 O O   . HOH B 2 .   ? -9.689  -9.138  -9.451  1.00 13.13 ? 261 HOH A O   1 
HETATM 1772 O O   . HOH B 2 .   ? 2.232   -8.930  -20.646 1.00 44.14 ? 262 HOH A O   1 
HETATM 1773 O O   . HOH B 2 .   ? 1.116   -1.220  -21.196 1.00 17.74 ? 263 HOH A O   1 
HETATM 1774 O O   . HOH B 2 .   ? 12.355  4.823   -19.546 1.00 34.99 ? 264 HOH A O   1 
HETATM 1775 O O   . HOH B 2 .   ? 16.994  -5.000  -11.859 1.00 29.09 ? 265 HOH A O   1 
HETATM 1776 O O   . HOH B 2 .   ? 11.759  -6.097  -17.457 1.00 28.63 ? 266 HOH A O   1 
HETATM 1777 O O   . HOH B 2 .   ? 10.898  -7.250  -15.246 1.00 15.10 ? 267 HOH A O   1 
HETATM 1778 O O   . HOH B 2 .   ? 7.699   -6.801  -17.856 1.00 27.21 ? 268 HOH A O   1 
HETATM 1779 O O   . HOH B 2 .   ? -8.828  -5.596  1.238   1.00 26.13 ? 269 HOH A O   1 
HETATM 1780 O O   . HOH B 2 .   ? -18.757 -3.613  -2.427  1.00 48.63 ? 270 HOH A O   1 
HETATM 1781 O O   . HOH B 2 .   ? 9.053   -16.451 -7.636  1.00 30.01 ? 271 HOH A O   1 
HETATM 1782 O O   . HOH B 2 .   ? 5.694   -16.888 -7.011  1.00 30.28 ? 272 HOH A O   1 
HETATM 1783 O O   . HOH B 2 .   ? 11.104  14.744  -0.120  1.00 35.11 ? 273 HOH A O   1 
HETATM 1784 O O   . HOH B 2 .   ? 4.203   15.690  0.359   1.00 8.44  ? 274 HOH A O   1 
HETATM 1785 O O   . HOH B 2 .   ? 1.392   12.733  -1.518  1.00 22.26 ? 275 HOH A O   1 
HETATM 1786 O O   . HOH B 2 .   ? 6.127   0.689   12.111  1.00 10.68 ? 276 HOH A O   1 
HETATM 1787 O O   . HOH B 2 .   ? 7.673   -1.364  12.770  1.00 27.53 ? 277 HOH A O   1 
HETATM 1788 O O   . HOH B 2 .   ? 15.915  -11.295 -5.039  1.00 49.38 ? 278 HOH A O   1 
HETATM 1789 O O   . HOH B 2 .   ? 7.462   -16.270 -10.568 1.00 29.29 ? 279 HOH A O   1 
HETATM 1790 O O   . HOH B 2 .   ? 14.028  -3.887  5.506   1.00 40.43 ? 280 HOH A O   1 
HETATM 1791 O O   . HOH B 2 .   ? 11.481  8.629   -7.023  1.00 11.26 ? 281 HOH A O   1 
HETATM 1792 O O   . HOH B 2 .   ? 13.273  7.194   -4.916  1.00 27.67 ? 282 HOH A O   1 
HETATM 1793 O O   . HOH B 2 .   ? 10.603  6.054   -11.899 1.00 37.34 ? 283 HOH A O   1 
HETATM 1794 O O   . HOH B 2 .   ? 4.587   9.214   -17.810 1.00 40.03 ? 284 HOH A O   1 
HETATM 1795 O O   . HOH B 2 .   ? 9.960   6.518   -17.023 1.00 37.01 ? 285 HOH A O   1 
HETATM 1796 O O   . HOH B 2 .   ? -3.044  16.775  -1.761  1.00 41.16 ? 286 HOH A O   1 
HETATM 1797 O O   . HOH B 2 .   ? 12.237  12.130  0.732   1.00 59.02 ? 287 HOH A O   1 
HETATM 1798 O O   . HOH B 2 .   ? 7.596   -10.112 16.985  1.00 38.85 ? 288 HOH A O   1 
HETATM 1799 O O   . HOH B 2 .   ? -9.824  8.105   9.707   1.00 42.54 ? 289 HOH A O   1 
HETATM 1800 O O   . HOH B 2 .   ? 0.936   -13.764 9.417   1.00 42.84 ? 290 HOH A O   1 
HETATM 1801 O O   . HOH B 2 .   ? -0.815  -15.579 8.279   1.00 22.39 ? 291 HOH A O   1 
HETATM 1802 O O   . HOH B 2 .   ? -10.428 -6.290  4.782   1.00 38.15 ? 292 HOH A O   1 
HETATM 1803 O O   . HOH B 2 .   ? -6.915  -12.757 15.845  1.00 26.14 ? 293 HOH A O   1 
HETATM 1804 O O   . HOH B 2 .   ? -18.544 0.776   6.054   1.00 28.69 ? 294 HOH A O   1 
HETATM 1805 O O   . HOH B 2 .   ? -14.176 8.243   8.560   1.00 26.18 ? 295 HOH A O   1 
HETATM 1806 O O   . HOH B 2 .   ? -0.313  -11.391 12.522  1.00 29.75 ? 296 HOH A O   1 
# 
